data_3ERV
# 
_entry.id   3ERV 
# 
_audit_conform.dict_name       mmcif_pdbx.dic 
_audit_conform.dict_version    5.383 
_audit_conform.dict_location   http://mmcif.pdb.org/dictionaries/ascii/mmcif_pdbx.dic 
# 
loop_
_database_2.database_id 
_database_2.database_code 
_database_2.pdbx_database_accession 
_database_2.pdbx_DOI 
PDB   3ERV         pdb_00003erv 10.2210/pdb3erv/pdb 
RCSB  RCSB049689   ?            ?                   
WWPDB D_1000049689 ?            ?                   
# 
loop_
_pdbx_audit_revision_history.ordinal 
_pdbx_audit_revision_history.data_content_type 
_pdbx_audit_revision_history.major_revision 
_pdbx_audit_revision_history.minor_revision 
_pdbx_audit_revision_history.revision_date 
1 'Structure model' 1 0 2008-10-14 
2 'Structure model' 1 1 2011-07-13 
3 'Structure model' 1 2 2017-10-25 
4 'Structure model' 1 3 2018-11-14 
5 'Structure model' 1 4 2021-02-10 
6 'Structure model' 1 5 2023-12-27 
# 
_pdbx_audit_revision_details.ordinal             1 
_pdbx_audit_revision_details.revision_ordinal    1 
_pdbx_audit_revision_details.data_content_type   'Structure model' 
_pdbx_audit_revision_details.provider            repository 
_pdbx_audit_revision_details.type                'Initial release' 
_pdbx_audit_revision_details.description         ? 
_pdbx_audit_revision_details.details             ? 
# 
loop_
_pdbx_audit_revision_group.ordinal 
_pdbx_audit_revision_group.revision_ordinal 
_pdbx_audit_revision_group.data_content_type 
_pdbx_audit_revision_group.group 
1 2 'Structure model' 'Version format compliance' 
2 3 'Structure model' 'Refinement description'    
3 4 'Structure model' 'Data collection'           
4 4 'Structure model' 'Structure summary'         
5 5 'Structure model' 'Database references'       
6 5 'Structure model' 'Derived calculations'      
7 5 'Structure model' 'Structure summary'         
8 6 'Structure model' 'Data collection'           
9 6 'Structure model' 'Database references'       
# 
loop_
_pdbx_audit_revision_category.ordinal 
_pdbx_audit_revision_category.revision_ordinal 
_pdbx_audit_revision_category.data_content_type 
_pdbx_audit_revision_category.category 
1 3 'Structure model' software        
2 4 'Structure model' audit_author    
3 5 'Structure model' audit_author    
4 5 'Structure model' citation_author 
5 5 'Structure model' struct_site     
6 6 'Structure model' chem_comp_atom  
7 6 'Structure model' chem_comp_bond  
8 6 'Structure model' database_2      
# 
loop_
_pdbx_audit_revision_item.ordinal 
_pdbx_audit_revision_item.revision_ordinal 
_pdbx_audit_revision_item.data_content_type 
_pdbx_audit_revision_item.item 
1 4 'Structure model' '_audit_author.identifier_ORCID'      
2 5 'Structure model' '_audit_author.identifier_ORCID'      
3 5 'Structure model' '_citation_author.identifier_ORCID'   
4 5 'Structure model' '_struct_site.pdbx_auth_asym_id'      
5 5 'Structure model' '_struct_site.pdbx_auth_comp_id'      
6 5 'Structure model' '_struct_site.pdbx_auth_seq_id'       
7 6 'Structure model' '_database_2.pdbx_DOI'                
8 6 'Structure model' '_database_2.pdbx_database_accession' 
# 
_pdbx_database_status.entry_id                        3ERV 
_pdbx_database_status.deposit_site                    RCSB 
_pdbx_database_status.process_site                    RCSB 
_pdbx_database_status.recvd_initial_deposition_date   2008-10-03 
_pdbx_database_status.status_code                     REL 
_pdbx_database_status.status_code_sf                  REL 
_pdbx_database_status.status_code_mr                  ? 
_pdbx_database_status.SG_entry                        Y 
_pdbx_database_status.pdb_format_compatible           Y 
_pdbx_database_status.status_code_cs                  ? 
_pdbx_database_status.methods_development_category    ? 
_pdbx_database_status.status_code_nmr_data            ? 
# 
_pdbx_database_related.db_name        TargetDB 
_pdbx_database_related.db_id          NYSGXRC-10405k 
_pdbx_database_related.details        . 
_pdbx_database_related.content_type   unspecified 
# 
loop_
_audit_author.name 
_audit_author.pdbx_ordinal 
_audit_author.identifier_ORCID 
'Bonanno, J.B.'                                                  1  ?                   
'Rutter, M.'                                                     2  ?                   
'Bain, K.T.'                                                     3  ?                   
'Iizuka, M.'                                                     4  ?                   
'Ozyurt, S.'                                                     5  ?                   
'Wasserman, S.'                                                  6  ?                   
'Sauder, J.M.'                                                   7  0000-0002-0254-4955 
'Burley, S.K.'                                                   8  0000-0002-2487-9713 
'Almo, S.C.'                                                     9  ?                   
'New York SGX Research Center for Structural Genomics (NYSGXRC)' 10 ?                   
# 
_citation.id                        primary 
_citation.title                     'Crystal structure of an putative C39-like peptidase from Bacillus anthracis' 
_citation.journal_abbrev            'To be Published' 
_citation.journal_volume            ? 
_citation.page_first                ? 
_citation.page_last                 ? 
_citation.year                      ? 
_citation.journal_id_ASTM           ? 
_citation.country                   ? 
_citation.journal_id_ISSN           ? 
_citation.journal_id_CSD            0353 
_citation.book_publisher            ? 
_citation.pdbx_database_id_PubMed   ? 
_citation.pdbx_database_id_DOI      ? 
# 
loop_
_citation_author.citation_id 
_citation_author.name 
_citation_author.ordinal 
_citation_author.identifier_ORCID 
primary 'Bonanno, J.B.' 1 ?                   
primary 'Rutter, M.'    2 ?                   
primary 'Bain, K.T.'    3 ?                   
primary 'Iizuka, M.'    4 ?                   
primary 'Ozyurt, S.'    5 ?                   
primary 'Wasserman, S.' 6 ?                   
primary 'Sauder, J.M.'  7 ?                   
primary 'Burley, S.K.'  8 0000-0002-2487-9713 
primary 'Almo, S.C.'    9 ?                   
# 
loop_
_entity.id 
_entity.type 
_entity.src_method 
_entity.pdbx_description 
_entity.formula_weight 
_entity.pdbx_number_of_molecules 
_entity.pdbx_ec 
_entity.pdbx_mutation 
_entity.pdbx_fragment 
_entity.details 
1 polymer     man 'putative C39-like peptidase' 26803.355 1  ? ? ? ? 
2 non-polymer syn 1,2-ETHANEDIOL                62.068    2  ? ? ? ? 
3 water       nat water                         18.015    94 ? ? ? ? 
# 
_entity_poly.entity_id                      1 
_entity_poly.type                           'polypeptide(L)' 
_entity_poly.nstd_linkage                   no 
_entity_poly.nstd_monomer                   no 
_entity_poly.pdbx_seq_one_letter_code       
;MSLNGITKYVEKLTFFNIQSGKQVEFNRDEKVILSNVPFIQQLPELDRGCEVTSLAMMLQYAGITVDKMKLANEIKKVDF
MNDGVRGNPNEGFVGNIYTFSESGYGVYHGPLFQLAKKYLPNKAVDLTGKSIEELYKSVKAGQPVVIITNATFAPLDEDE
FTTWETNNGDVSITYNEHCVVLIGYDQESVYIRDPLKDSLDVKVPREKFEQAWVQMGSQAISYVKRSKEGHHHHHH
;
_entity_poly.pdbx_seq_one_letter_code_can   
;MSLNGITKYVEKLTFFNIQSGKQVEFNRDEKVILSNVPFIQQLPELDRGCEVTSLAMMLQYAGITVDKMKLANEIKKVDF
MNDGVRGNPNEGFVGNIYTFSESGYGVYHGPLFQLAKKYLPNKAVDLTGKSIEELYKSVKAGQPVVIITNATFAPLDEDE
FTTWETNNGDVSITYNEHCVVLIGYDQESVYIRDPLKDSLDVKVPREKFEQAWVQMGSQAISYVKRSKEGHHHHHH
;
_entity_poly.pdbx_strand_id                 A 
_entity_poly.pdbx_target_identifier         NYSGXRC-10405k 
# 
loop_
_pdbx_entity_nonpoly.entity_id 
_pdbx_entity_nonpoly.name 
_pdbx_entity_nonpoly.comp_id 
2 1,2-ETHANEDIOL EDO 
3 water          HOH 
# 
loop_
_entity_poly_seq.entity_id 
_entity_poly_seq.num 
_entity_poly_seq.mon_id 
_entity_poly_seq.hetero 
1 1   MET n 
1 2   SER n 
1 3   LEU n 
1 4   ASN n 
1 5   GLY n 
1 6   ILE n 
1 7   THR n 
1 8   LYS n 
1 9   TYR n 
1 10  VAL n 
1 11  GLU n 
1 12  LYS n 
1 13  LEU n 
1 14  THR n 
1 15  PHE n 
1 16  PHE n 
1 17  ASN n 
1 18  ILE n 
1 19  GLN n 
1 20  SER n 
1 21  GLY n 
1 22  LYS n 
1 23  GLN n 
1 24  VAL n 
1 25  GLU n 
1 26  PHE n 
1 27  ASN n 
1 28  ARG n 
1 29  ASP n 
1 30  GLU n 
1 31  LYS n 
1 32  VAL n 
1 33  ILE n 
1 34  LEU n 
1 35  SER n 
1 36  ASN n 
1 37  VAL n 
1 38  PRO n 
1 39  PHE n 
1 40  ILE n 
1 41  GLN n 
1 42  GLN n 
1 43  LEU n 
1 44  PRO n 
1 45  GLU n 
1 46  LEU n 
1 47  ASP n 
1 48  ARG n 
1 49  GLY n 
1 50  CYS n 
1 51  GLU n 
1 52  VAL n 
1 53  THR n 
1 54  SER n 
1 55  LEU n 
1 56  ALA n 
1 57  MET n 
1 58  MET n 
1 59  LEU n 
1 60  GLN n 
1 61  TYR n 
1 62  ALA n 
1 63  GLY n 
1 64  ILE n 
1 65  THR n 
1 66  VAL n 
1 67  ASP n 
1 68  LYS n 
1 69  MET n 
1 70  LYS n 
1 71  LEU n 
1 72  ALA n 
1 73  ASN n 
1 74  GLU n 
1 75  ILE n 
1 76  LYS n 
1 77  LYS n 
1 78  VAL n 
1 79  ASP n 
1 80  PHE n 
1 81  MET n 
1 82  ASN n 
1 83  ASP n 
1 84  GLY n 
1 85  VAL n 
1 86  ARG n 
1 87  GLY n 
1 88  ASN n 
1 89  PRO n 
1 90  ASN n 
1 91  GLU n 
1 92  GLY n 
1 93  PHE n 
1 94  VAL n 
1 95  GLY n 
1 96  ASN n 
1 97  ILE n 
1 98  TYR n 
1 99  THR n 
1 100 PHE n 
1 101 SER n 
1 102 GLU n 
1 103 SER n 
1 104 GLY n 
1 105 TYR n 
1 106 GLY n 
1 107 VAL n 
1 108 TYR n 
1 109 HIS n 
1 110 GLY n 
1 111 PRO n 
1 112 LEU n 
1 113 PHE n 
1 114 GLN n 
1 115 LEU n 
1 116 ALA n 
1 117 LYS n 
1 118 LYS n 
1 119 TYR n 
1 120 LEU n 
1 121 PRO n 
1 122 ASN n 
1 123 LYS n 
1 124 ALA n 
1 125 VAL n 
1 126 ASP n 
1 127 LEU n 
1 128 THR n 
1 129 GLY n 
1 130 LYS n 
1 131 SER n 
1 132 ILE n 
1 133 GLU n 
1 134 GLU n 
1 135 LEU n 
1 136 TYR n 
1 137 LYS n 
1 138 SER n 
1 139 VAL n 
1 140 LYS n 
1 141 ALA n 
1 142 GLY n 
1 143 GLN n 
1 144 PRO n 
1 145 VAL n 
1 146 VAL n 
1 147 ILE n 
1 148 ILE n 
1 149 THR n 
1 150 ASN n 
1 151 ALA n 
1 152 THR n 
1 153 PHE n 
1 154 ALA n 
1 155 PRO n 
1 156 LEU n 
1 157 ASP n 
1 158 GLU n 
1 159 ASP n 
1 160 GLU n 
1 161 PHE n 
1 162 THR n 
1 163 THR n 
1 164 TRP n 
1 165 GLU n 
1 166 THR n 
1 167 ASN n 
1 168 ASN n 
1 169 GLY n 
1 170 ASP n 
1 171 VAL n 
1 172 SER n 
1 173 ILE n 
1 174 THR n 
1 175 TYR n 
1 176 ASN n 
1 177 GLU n 
1 178 HIS n 
1 179 CYS n 
1 180 VAL n 
1 181 VAL n 
1 182 LEU n 
1 183 ILE n 
1 184 GLY n 
1 185 TYR n 
1 186 ASP n 
1 187 GLN n 
1 188 GLU n 
1 189 SER n 
1 190 VAL n 
1 191 TYR n 
1 192 ILE n 
1 193 ARG n 
1 194 ASP n 
1 195 PRO n 
1 196 LEU n 
1 197 LYS n 
1 198 ASP n 
1 199 SER n 
1 200 LEU n 
1 201 ASP n 
1 202 VAL n 
1 203 LYS n 
1 204 VAL n 
1 205 PRO n 
1 206 ARG n 
1 207 GLU n 
1 208 LYS n 
1 209 PHE n 
1 210 GLU n 
1 211 GLN n 
1 212 ALA n 
1 213 TRP n 
1 214 VAL n 
1 215 GLN n 
1 216 MET n 
1 217 GLY n 
1 218 SER n 
1 219 GLN n 
1 220 ALA n 
1 221 ILE n 
1 222 SER n 
1 223 TYR n 
1 224 VAL n 
1 225 LYS n 
1 226 ARG n 
1 227 SER n 
1 228 LYS n 
1 229 GLU n 
1 230 GLY n 
1 231 HIS n 
1 232 HIS n 
1 233 HIS n 
1 234 HIS n 
1 235 HIS n 
1 236 HIS n 
# 
_entity_src_gen.entity_id                          1 
_entity_src_gen.pdbx_src_id                        1 
_entity_src_gen.pdbx_alt_source_flag               sample 
_entity_src_gen.pdbx_seq_type                      ? 
_entity_src_gen.pdbx_beg_seq_num                   ? 
_entity_src_gen.pdbx_end_seq_num                   ? 
_entity_src_gen.gene_src_common_name               'anthrax,anthrax bacterium' 
_entity_src_gen.gene_src_genus                     ? 
_entity_src_gen.pdbx_gene_src_gene                 'BA_0574, GBAA0574' 
_entity_src_gen.gene_src_species                   ? 
_entity_src_gen.gene_src_strain                    ? 
_entity_src_gen.gene_src_tissue                    ? 
_entity_src_gen.gene_src_tissue_fraction           ? 
_entity_src_gen.gene_src_details                   ? 
_entity_src_gen.pdbx_gene_src_fragment             ? 
_entity_src_gen.pdbx_gene_src_scientific_name      'Bacillus anthracis' 
_entity_src_gen.pdbx_gene_src_ncbi_taxonomy_id     1392 
_entity_src_gen.pdbx_gene_src_variant              ? 
_entity_src_gen.pdbx_gene_src_cell_line            ? 
_entity_src_gen.pdbx_gene_src_atcc                 ? 
_entity_src_gen.pdbx_gene_src_organ                ? 
_entity_src_gen.pdbx_gene_src_organelle            ? 
_entity_src_gen.pdbx_gene_src_cell                 ? 
_entity_src_gen.pdbx_gene_src_cellular_location    ? 
_entity_src_gen.host_org_common_name               ? 
_entity_src_gen.pdbx_host_org_scientific_name      'Escherichia coli' 
_entity_src_gen.pdbx_host_org_ncbi_taxonomy_id     562 
_entity_src_gen.host_org_genus                     ? 
_entity_src_gen.pdbx_host_org_gene                 ? 
_entity_src_gen.pdbx_host_org_organ                ? 
_entity_src_gen.host_org_species                   ? 
_entity_src_gen.pdbx_host_org_tissue               ? 
_entity_src_gen.pdbx_host_org_tissue_fraction      ? 
_entity_src_gen.pdbx_host_org_strain               'BL21(DE3)' 
_entity_src_gen.pdbx_host_org_variant              ? 
_entity_src_gen.pdbx_host_org_cell_line            ? 
_entity_src_gen.pdbx_host_org_atcc                 ? 
_entity_src_gen.pdbx_host_org_culture_collection   ? 
_entity_src_gen.pdbx_host_org_cell                 ? 
_entity_src_gen.pdbx_host_org_organelle            ? 
_entity_src_gen.pdbx_host_org_cellular_location    ? 
_entity_src_gen.pdbx_host_org_vector_type          plasmid 
_entity_src_gen.pdbx_host_org_vector               ? 
_entity_src_gen.host_org_details                   ? 
_entity_src_gen.expression_system_id               ? 
_entity_src_gen.plasmid_name                       'modified pET26' 
_entity_src_gen.plasmid_details                    ? 
_entity_src_gen.pdbx_description                   ? 
# 
loop_
_chem_comp.id 
_chem_comp.type 
_chem_comp.mon_nstd_flag 
_chem_comp.name 
_chem_comp.pdbx_synonyms 
_chem_comp.formula 
_chem_comp.formula_weight 
ALA 'L-peptide linking' y ALANINE         ?                 'C3 H7 N O2'     89.093  
ARG 'L-peptide linking' y ARGININE        ?                 'C6 H15 N4 O2 1' 175.209 
ASN 'L-peptide linking' y ASPARAGINE      ?                 'C4 H8 N2 O3'    132.118 
ASP 'L-peptide linking' y 'ASPARTIC ACID' ?                 'C4 H7 N O4'     133.103 
CYS 'L-peptide linking' y CYSTEINE        ?                 'C3 H7 N O2 S'   121.158 
EDO non-polymer         . 1,2-ETHANEDIOL  'ETHYLENE GLYCOL' 'C2 H6 O2'       62.068  
GLN 'L-peptide linking' y GLUTAMINE       ?                 'C5 H10 N2 O3'   146.144 
GLU 'L-peptide linking' y 'GLUTAMIC ACID' ?                 'C5 H9 N O4'     147.129 
GLY 'peptide linking'   y GLYCINE         ?                 'C2 H5 N O2'     75.067  
HIS 'L-peptide linking' y HISTIDINE       ?                 'C6 H10 N3 O2 1' 156.162 
HOH non-polymer         . WATER           ?                 'H2 O'           18.015  
ILE 'L-peptide linking' y ISOLEUCINE      ?                 'C6 H13 N O2'    131.173 
LEU 'L-peptide linking' y LEUCINE         ?                 'C6 H13 N O2'    131.173 
LYS 'L-peptide linking' y LYSINE          ?                 'C6 H15 N2 O2 1' 147.195 
MET 'L-peptide linking' y METHIONINE      ?                 'C5 H11 N O2 S'  149.211 
PHE 'L-peptide linking' y PHENYLALANINE   ?                 'C9 H11 N O2'    165.189 
PRO 'L-peptide linking' y PROLINE         ?                 'C5 H9 N O2'     115.130 
SER 'L-peptide linking' y SERINE          ?                 'C3 H7 N O3'     105.093 
THR 'L-peptide linking' y THREONINE       ?                 'C4 H9 N O3'     119.119 
TRP 'L-peptide linking' y TRYPTOPHAN      ?                 'C11 H12 N2 O2'  204.225 
TYR 'L-peptide linking' y TYROSINE        ?                 'C9 H11 N O3'    181.189 
VAL 'L-peptide linking' y VALINE          ?                 'C5 H11 N O2'    117.146 
# 
loop_
_pdbx_poly_seq_scheme.asym_id 
_pdbx_poly_seq_scheme.entity_id 
_pdbx_poly_seq_scheme.seq_id 
_pdbx_poly_seq_scheme.mon_id 
_pdbx_poly_seq_scheme.ndb_seq_num 
_pdbx_poly_seq_scheme.pdb_seq_num 
_pdbx_poly_seq_scheme.auth_seq_num 
_pdbx_poly_seq_scheme.pdb_mon_id 
_pdbx_poly_seq_scheme.auth_mon_id 
_pdbx_poly_seq_scheme.pdb_strand_id 
_pdbx_poly_seq_scheme.pdb_ins_code 
_pdbx_poly_seq_scheme.hetero 
A 1 1   MET 1   23  ?   ?   ?   A . n 
A 1 2   SER 2   24  ?   ?   ?   A . n 
A 1 3   LEU 3   25  ?   ?   ?   A . n 
A 1 4   ASN 4   26  ?   ?   ?   A . n 
A 1 5   GLY 5   27  ?   ?   ?   A . n 
A 1 6   ILE 6   28  ?   ?   ?   A . n 
A 1 7   THR 7   29  ?   ?   ?   A . n 
A 1 8   LYS 8   30  ?   ?   ?   A . n 
A 1 9   TYR 9   31  ?   ?   ?   A . n 
A 1 10  VAL 10  32  ?   ?   ?   A . n 
A 1 11  GLU 11  33  ?   ?   ?   A . n 
A 1 12  LYS 12  34  ?   ?   ?   A . n 
A 1 13  LEU 13  35  ?   ?   ?   A . n 
A 1 14  THR 14  36  ?   ?   ?   A . n 
A 1 15  PHE 15  37  ?   ?   ?   A . n 
A 1 16  PHE 16  38  ?   ?   ?   A . n 
A 1 17  ASN 17  39  ?   ?   ?   A . n 
A 1 18  ILE 18  40  ?   ?   ?   A . n 
A 1 19  GLN 19  41  ?   ?   ?   A . n 
A 1 20  SER 20  42  ?   ?   ?   A . n 
A 1 21  GLY 21  43  ?   ?   ?   A . n 
A 1 22  LYS 22  44  ?   ?   ?   A . n 
A 1 23  GLN 23  45  ?   ?   ?   A . n 
A 1 24  VAL 24  46  ?   ?   ?   A . n 
A 1 25  GLU 25  47  ?   ?   ?   A . n 
A 1 26  PHE 26  48  ?   ?   ?   A . n 
A 1 27  ASN 27  49  ?   ?   ?   A . n 
A 1 28  ARG 28  50  ?   ?   ?   A . n 
A 1 29  ASP 29  51  51  ASP ASP A . n 
A 1 30  GLU 30  52  52  GLU GLU A . n 
A 1 31  LYS 31  53  53  LYS LYS A . n 
A 1 32  VAL 32  54  54  VAL VAL A . n 
A 1 33  ILE 33  55  55  ILE ILE A . n 
A 1 34  LEU 34  56  56  LEU LEU A . n 
A 1 35  SER 35  57  57  SER SER A . n 
A 1 36  ASN 36  58  58  ASN ASN A . n 
A 1 37  VAL 37  59  59  VAL VAL A . n 
A 1 38  PRO 38  60  60  PRO PRO A . n 
A 1 39  PHE 39  61  61  PHE PHE A . n 
A 1 40  ILE 40  62  62  ILE ILE A . n 
A 1 41  GLN 41  63  63  GLN GLN A . n 
A 1 42  GLN 42  64  64  GLN GLN A . n 
A 1 43  LEU 43  65  65  LEU LEU A . n 
A 1 44  PRO 44  66  66  PRO PRO A . n 
A 1 45  GLU 45  67  67  GLU GLU A . n 
A 1 46  LEU 46  68  68  LEU LEU A . n 
A 1 47  ASP 47  69  69  ASP ASP A . n 
A 1 48  ARG 48  70  70  ARG ARG A . n 
A 1 49  GLY 49  71  71  GLY GLY A . n 
A 1 50  CYS 50  72  72  CYS CYS A . n 
A 1 51  GLU 51  73  73  GLU GLU A . n 
A 1 52  VAL 52  74  74  VAL VAL A . n 
A 1 53  THR 53  75  75  THR THR A . n 
A 1 54  SER 54  76  76  SER SER A . n 
A 1 55  LEU 55  77  77  LEU LEU A . n 
A 1 56  ALA 56  78  78  ALA ALA A . n 
A 1 57  MET 57  79  79  MET MET A . n 
A 1 58  MET 58  80  80  MET MET A . n 
A 1 59  LEU 59  81  81  LEU LEU A . n 
A 1 60  GLN 60  82  82  GLN GLN A . n 
A 1 61  TYR 61  83  83  TYR TYR A . n 
A 1 62  ALA 62  84  84  ALA ALA A . n 
A 1 63  GLY 63  85  85  GLY GLY A . n 
A 1 64  ILE 64  86  86  ILE ILE A . n 
A 1 65  THR 65  87  87  THR THR A . n 
A 1 66  VAL 66  88  88  VAL VAL A . n 
A 1 67  ASP 67  89  89  ASP ASP A . n 
A 1 68  LYS 68  90  90  LYS LYS A . n 
A 1 69  MET 69  91  91  MET MET A . n 
A 1 70  LYS 70  92  92  LYS LYS A . n 
A 1 71  LEU 71  93  93  LEU LEU A . n 
A 1 72  ALA 72  94  94  ALA ALA A . n 
A 1 73  ASN 73  95  95  ASN ASN A . n 
A 1 74  GLU 74  96  96  GLU GLU A . n 
A 1 75  ILE 75  97  97  ILE ILE A . n 
A 1 76  LYS 76  98  98  LYS LYS A . n 
A 1 77  LYS 77  99  99  LYS LYS A . n 
A 1 78  VAL 78  100 100 VAL VAL A . n 
A 1 79  ASP 79  101 101 ASP ASP A . n 
A 1 80  PHE 80  102 102 PHE PHE A . n 
A 1 81  MET 81  103 103 MET MET A . n 
A 1 82  ASN 82  104 104 ASN ASN A . n 
A 1 83  ASP 83  105 105 ASP ASP A . n 
A 1 84  GLY 84  106 106 GLY GLY A . n 
A 1 85  VAL 85  107 107 VAL VAL A . n 
A 1 86  ARG 86  108 108 ARG ARG A . n 
A 1 87  GLY 87  109 109 GLY GLY A . n 
A 1 88  ASN 88  110 110 ASN ASN A . n 
A 1 89  PRO 89  111 111 PRO PRO A . n 
A 1 90  ASN 90  112 112 ASN ASN A . n 
A 1 91  GLU 91  113 113 GLU GLU A . n 
A 1 92  GLY 92  114 114 GLY GLY A . n 
A 1 93  PHE 93  115 115 PHE PHE A . n 
A 1 94  VAL 94  116 116 VAL VAL A . n 
A 1 95  GLY 95  117 117 GLY GLY A . n 
A 1 96  ASN 96  118 118 ASN ASN A . n 
A 1 97  ILE 97  119 119 ILE ILE A . n 
A 1 98  TYR 98  120 120 TYR TYR A . n 
A 1 99  THR 99  121 121 THR THR A . n 
A 1 100 PHE 100 122 122 PHE PHE A . n 
A 1 101 SER 101 123 123 SER SER A . n 
A 1 102 GLU 102 124 124 GLU GLU A . n 
A 1 103 SER 103 125 125 SER SER A . n 
A 1 104 GLY 104 126 126 GLY GLY A . n 
A 1 105 TYR 105 127 127 TYR TYR A . n 
A 1 106 GLY 106 128 128 GLY GLY A . n 
A 1 107 VAL 107 129 129 VAL VAL A . n 
A 1 108 TYR 108 130 130 TYR TYR A . n 
A 1 109 HIS 109 131 131 HIS HIS A . n 
A 1 110 GLY 110 132 132 GLY GLY A . n 
A 1 111 PRO 111 133 133 PRO PRO A . n 
A 1 112 LEU 112 134 134 LEU LEU A . n 
A 1 113 PHE 113 135 135 PHE PHE A . n 
A 1 114 GLN 114 136 136 GLN GLN A . n 
A 1 115 LEU 115 137 137 LEU LEU A . n 
A 1 116 ALA 116 138 138 ALA ALA A . n 
A 1 117 LYS 117 139 139 LYS LYS A . n 
A 1 118 LYS 118 140 140 LYS LYS A . n 
A 1 119 TYR 119 141 141 TYR TYR A . n 
A 1 120 LEU 120 142 142 LEU LEU A . n 
A 1 121 PRO 121 143 143 PRO PRO A . n 
A 1 122 ASN 122 144 144 ASN ASN A . n 
A 1 123 LYS 123 145 145 LYS LYS A . n 
A 1 124 ALA 124 146 146 ALA ALA A . n 
A 1 125 VAL 125 147 147 VAL VAL A . n 
A 1 126 ASP 126 148 148 ASP ASP A . n 
A 1 127 LEU 127 149 149 LEU LEU A . n 
A 1 128 THR 128 150 150 THR THR A . n 
A 1 129 GLY 129 151 151 GLY GLY A . n 
A 1 130 LYS 130 152 152 LYS LYS A . n 
A 1 131 SER 131 153 153 SER SER A . n 
A 1 132 ILE 132 154 154 ILE ILE A . n 
A 1 133 GLU 133 155 155 GLU GLU A . n 
A 1 134 GLU 134 156 156 GLU GLU A . n 
A 1 135 LEU 135 157 157 LEU LEU A . n 
A 1 136 TYR 136 158 158 TYR TYR A . n 
A 1 137 LYS 137 159 159 LYS LYS A . n 
A 1 138 SER 138 160 160 SER SER A . n 
A 1 139 VAL 139 161 161 VAL VAL A . n 
A 1 140 LYS 140 162 162 LYS LYS A . n 
A 1 141 ALA 141 163 163 ALA ALA A . n 
A 1 142 GLY 142 164 164 GLY GLY A . n 
A 1 143 GLN 143 165 165 GLN GLN A . n 
A 1 144 PRO 144 166 166 PRO PRO A . n 
A 1 145 VAL 145 167 167 VAL VAL A . n 
A 1 146 VAL 146 168 168 VAL VAL A . n 
A 1 147 ILE 147 169 169 ILE ILE A . n 
A 1 148 ILE 148 170 170 ILE ILE A . n 
A 1 149 THR 149 171 171 THR THR A . n 
A 1 150 ASN 150 172 172 ASN ASN A . n 
A 1 151 ALA 151 173 173 ALA ALA A . n 
A 1 152 THR 152 174 174 THR THR A . n 
A 1 153 PHE 153 175 175 PHE PHE A . n 
A 1 154 ALA 154 176 176 ALA ALA A . n 
A 1 155 PRO 155 177 177 PRO PRO A . n 
A 1 156 LEU 156 178 178 LEU LEU A . n 
A 1 157 ASP 157 179 179 ASP ASP A . n 
A 1 158 GLU 158 180 180 GLU GLU A . n 
A 1 159 ASP 159 181 181 ASP ASP A . n 
A 1 160 GLU 160 182 182 GLU GLU A . n 
A 1 161 PHE 161 183 183 PHE PHE A . n 
A 1 162 THR 162 184 184 THR THR A . n 
A 1 163 THR 163 185 185 THR THR A . n 
A 1 164 TRP 164 186 186 TRP TRP A . n 
A 1 165 GLU 165 187 187 GLU GLU A . n 
A 1 166 THR 166 188 188 THR THR A . n 
A 1 167 ASN 167 189 189 ASN ASN A . n 
A 1 168 ASN 168 190 190 ASN ASN A . n 
A 1 169 GLY 169 191 191 GLY GLY A . n 
A 1 170 ASP 170 192 192 ASP ASP A . n 
A 1 171 VAL 171 193 193 VAL VAL A . n 
A 1 172 SER 172 194 194 SER SER A . n 
A 1 173 ILE 173 195 195 ILE ILE A . n 
A 1 174 THR 174 196 196 THR THR A . n 
A 1 175 TYR 175 197 197 TYR TYR A . n 
A 1 176 ASN 176 198 198 ASN ASN A . n 
A 1 177 GLU 177 199 199 GLU GLU A . n 
A 1 178 HIS 178 200 200 HIS HIS A . n 
A 1 179 CYS 179 201 201 CYS CYS A . n 
A 1 180 VAL 180 202 202 VAL VAL A . n 
A 1 181 VAL 181 203 203 VAL VAL A . n 
A 1 182 LEU 182 204 204 LEU LEU A . n 
A 1 183 ILE 183 205 205 ILE ILE A . n 
A 1 184 GLY 184 206 206 GLY GLY A . n 
A 1 185 TYR 185 207 207 TYR TYR A . n 
A 1 186 ASP 186 208 208 ASP ASP A . n 
A 1 187 GLN 187 209 209 GLN GLN A . n 
A 1 188 GLU 188 210 210 GLU GLU A . n 
A 1 189 SER 189 211 211 SER SER A . n 
A 1 190 VAL 190 212 212 VAL VAL A . n 
A 1 191 TYR 191 213 213 TYR TYR A . n 
A 1 192 ILE 192 214 214 ILE ILE A . n 
A 1 193 ARG 193 215 215 ARG ARG A . n 
A 1 194 ASP 194 216 216 ASP ASP A . n 
A 1 195 PRO 195 217 217 PRO PRO A . n 
A 1 196 LEU 196 218 218 LEU LEU A . n 
A 1 197 LYS 197 219 219 LYS LYS A . n 
A 1 198 ASP 198 220 220 ASP ASP A . n 
A 1 199 SER 199 221 221 SER SER A . n 
A 1 200 LEU 200 222 222 LEU LEU A . n 
A 1 201 ASP 201 223 223 ASP ASP A . n 
A 1 202 VAL 202 224 224 VAL VAL A . n 
A 1 203 LYS 203 225 225 LYS LYS A . n 
A 1 204 VAL 204 226 226 VAL VAL A . n 
A 1 205 PRO 205 227 227 PRO PRO A . n 
A 1 206 ARG 206 228 228 ARG ARG A . n 
A 1 207 GLU 207 229 229 GLU GLU A . n 
A 1 208 LYS 208 230 230 LYS LYS A . n 
A 1 209 PHE 209 231 231 PHE PHE A . n 
A 1 210 GLU 210 232 232 GLU GLU A . n 
A 1 211 GLN 211 233 233 GLN GLN A . n 
A 1 212 ALA 212 234 234 ALA ALA A . n 
A 1 213 TRP 213 235 235 TRP TRP A . n 
A 1 214 VAL 214 236 236 VAL VAL A . n 
A 1 215 GLN 215 237 237 GLN GLN A . n 
A 1 216 MET 216 238 238 MET MET A . n 
A 1 217 GLY 217 239 239 GLY GLY A . n 
A 1 218 SER 218 240 240 SER SER A . n 
A 1 219 GLN 219 241 241 GLN GLN A . n 
A 1 220 ALA 220 242 242 ALA ALA A . n 
A 1 221 ILE 221 243 243 ILE ILE A . n 
A 1 222 SER 222 244 244 SER SER A . n 
A 1 223 TYR 223 245 245 TYR TYR A . n 
A 1 224 VAL 224 246 246 VAL VAL A . n 
A 1 225 LYS 225 247 247 LYS LYS A . n 
A 1 226 ARG 226 248 248 ARG ARG A . n 
A 1 227 SER 227 249 249 SER SER A . n 
A 1 228 LYS 228 250 250 LYS LYS A . n 
A 1 229 GLU 229 251 ?   ?   ?   A . n 
A 1 230 GLY 230 252 ?   ?   ?   A . n 
A 1 231 HIS 231 253 ?   ?   ?   A . n 
A 1 232 HIS 232 254 ?   ?   ?   A . n 
A 1 233 HIS 233 255 ?   ?   ?   A . n 
A 1 234 HIS 234 256 ?   ?   ?   A . n 
A 1 235 HIS 235 257 ?   ?   ?   A . n 
A 1 236 HIS 236 258 ?   ?   ?   A . n 
# 
loop_
_pdbx_nonpoly_scheme.asym_id 
_pdbx_nonpoly_scheme.entity_id 
_pdbx_nonpoly_scheme.mon_id 
_pdbx_nonpoly_scheme.ndb_seq_num 
_pdbx_nonpoly_scheme.pdb_seq_num 
_pdbx_nonpoly_scheme.auth_seq_num 
_pdbx_nonpoly_scheme.pdb_mon_id 
_pdbx_nonpoly_scheme.auth_mon_id 
_pdbx_nonpoly_scheme.pdb_strand_id 
_pdbx_nonpoly_scheme.pdb_ins_code 
B 2 EDO 1  1   1   EDO EDO A . 
C 2 EDO 1  3   3   EDO EDO A . 
D 3 HOH 1  259 1   HOH HOH A . 
D 3 HOH 2  260 2   HOH HOH A . 
D 3 HOH 3  261 3   HOH HOH A . 
D 3 HOH 4  262 4   HOH HOH A . 
D 3 HOH 5  263 5   HOH HOH A . 
D 3 HOH 6  264 6   HOH HOH A . 
D 3 HOH 7  265 7   HOH HOH A . 
D 3 HOH 8  266 8   HOH HOH A . 
D 3 HOH 9  267 9   HOH HOH A . 
D 3 HOH 10 268 10  HOH HOH A . 
D 3 HOH 11 269 11  HOH HOH A . 
D 3 HOH 12 270 12  HOH HOH A . 
D 3 HOH 13 271 13  HOH HOH A . 
D 3 HOH 14 272 15  HOH HOH A . 
D 3 HOH 15 273 16  HOH HOH A . 
D 3 HOH 16 274 17  HOH HOH A . 
D 3 HOH 17 275 18  HOH HOH A . 
D 3 HOH 18 276 20  HOH HOH A . 
D 3 HOH 19 277 22  HOH HOH A . 
D 3 HOH 20 278 23  HOH HOH A . 
D 3 HOH 21 279 24  HOH HOH A . 
D 3 HOH 22 280 25  HOH HOH A . 
D 3 HOH 23 281 26  HOH HOH A . 
D 3 HOH 24 282 27  HOH HOH A . 
D 3 HOH 25 283 28  HOH HOH A . 
D 3 HOH 26 284 29  HOH HOH A . 
D 3 HOH 27 285 32  HOH HOH A . 
D 3 HOH 28 286 33  HOH HOH A . 
D 3 HOH 29 287 34  HOH HOH A . 
D 3 HOH 30 288 35  HOH HOH A . 
D 3 HOH 31 289 36  HOH HOH A . 
D 3 HOH 32 290 37  HOH HOH A . 
D 3 HOH 33 291 38  HOH HOH A . 
D 3 HOH 34 292 39  HOH HOH A . 
D 3 HOH 35 293 41  HOH HOH A . 
D 3 HOH 36 294 42  HOH HOH A . 
D 3 HOH 37 295 44  HOH HOH A . 
D 3 HOH 38 296 45  HOH HOH A . 
D 3 HOH 39 297 46  HOH HOH A . 
D 3 HOH 40 298 48  HOH HOH A . 
D 3 HOH 41 299 49  HOH HOH A . 
D 3 HOH 42 300 50  HOH HOH A . 
D 3 HOH 43 301 51  HOH HOH A . 
D 3 HOH 44 302 52  HOH HOH A . 
D 3 HOH 45 303 53  HOH HOH A . 
D 3 HOH 46 304 54  HOH HOH A . 
D 3 HOH 47 305 55  HOH HOH A . 
D 3 HOH 48 306 56  HOH HOH A . 
D 3 HOH 49 307 57  HOH HOH A . 
D 3 HOH 50 308 58  HOH HOH A . 
D 3 HOH 51 309 59  HOH HOH A . 
D 3 HOH 52 310 61  HOH HOH A . 
D 3 HOH 53 311 64  HOH HOH A . 
D 3 HOH 54 312 65  HOH HOH A . 
D 3 HOH 55 313 67  HOH HOH A . 
D 3 HOH 56 314 68  HOH HOH A . 
D 3 HOH 57 315 69  HOH HOH A . 
D 3 HOH 58 316 70  HOH HOH A . 
D 3 HOH 59 317 72  HOH HOH A . 
D 3 HOH 60 318 75  HOH HOH A . 
D 3 HOH 61 319 77  HOH HOH A . 
D 3 HOH 62 320 79  HOH HOH A . 
D 3 HOH 63 321 80  HOH HOH A . 
D 3 HOH 64 322 84  HOH HOH A . 
D 3 HOH 65 323 86  HOH HOH A . 
D 3 HOH 66 324 89  HOH HOH A . 
D 3 HOH 67 325 95  HOH HOH A . 
D 3 HOH 68 326 96  HOH HOH A . 
D 3 HOH 69 327 98  HOH HOH A . 
D 3 HOH 70 328 100 HOH HOH A . 
D 3 HOH 71 329 103 HOH HOH A . 
D 3 HOH 72 330 105 HOH HOH A . 
D 3 HOH 73 331 109 HOH HOH A . 
D 3 HOH 74 332 119 HOH HOH A . 
D 3 HOH 75 333 157 HOH HOH A . 
D 3 HOH 76 334 158 HOH HOH A . 
D 3 HOH 77 335 160 HOH HOH A . 
D 3 HOH 78 336 162 HOH HOH A . 
D 3 HOH 79 337 166 HOH HOH A . 
D 3 HOH 80 338 167 HOH HOH A . 
D 3 HOH 81 339 168 HOH HOH A . 
D 3 HOH 82 340 169 HOH HOH A . 
D 3 HOH 83 341 170 HOH HOH A . 
D 3 HOH 84 342 171 HOH HOH A . 
D 3 HOH 85 343 172 HOH HOH A . 
D 3 HOH 86 344 173 HOH HOH A . 
D 3 HOH 87 345 174 HOH HOH A . 
D 3 HOH 88 346 175 HOH HOH A . 
D 3 HOH 89 347 176 HOH HOH A . 
D 3 HOH 90 348 177 HOH HOH A . 
D 3 HOH 91 349 178 HOH HOH A . 
D 3 HOH 92 350 179 HOH HOH A . 
D 3 HOH 93 351 180 HOH HOH A . 
D 3 HOH 94 352 181 HOH HOH A . 
# 
loop_
_pdbx_unobs_or_zero_occ_atoms.id 
_pdbx_unobs_or_zero_occ_atoms.PDB_model_num 
_pdbx_unobs_or_zero_occ_atoms.polymer_flag 
_pdbx_unobs_or_zero_occ_atoms.occupancy_flag 
_pdbx_unobs_or_zero_occ_atoms.auth_asym_id 
_pdbx_unobs_or_zero_occ_atoms.auth_comp_id 
_pdbx_unobs_or_zero_occ_atoms.auth_seq_id 
_pdbx_unobs_or_zero_occ_atoms.PDB_ins_code 
_pdbx_unobs_or_zero_occ_atoms.auth_atom_id 
_pdbx_unobs_or_zero_occ_atoms.label_alt_id 
_pdbx_unobs_or_zero_occ_atoms.label_asym_id 
_pdbx_unobs_or_zero_occ_atoms.label_comp_id 
_pdbx_unobs_or_zero_occ_atoms.label_seq_id 
_pdbx_unobs_or_zero_occ_atoms.label_atom_id 
1  1 Y 1 A GLU 52  ? CG  ? A GLU 30  CG  
2  1 Y 1 A GLU 52  ? CD  ? A GLU 30  CD  
3  1 Y 1 A GLU 52  ? OE1 ? A GLU 30  OE1 
4  1 Y 1 A GLU 52  ? OE2 ? A GLU 30  OE2 
5  1 Y 1 A ASN 189 ? CG  ? A ASN 167 CG  
6  1 Y 1 A ASN 189 ? OD1 ? A ASN 167 OD1 
7  1 Y 1 A ASN 189 ? ND2 ? A ASN 167 ND2 
8  1 Y 1 A GLU 210 ? CG  ? A GLU 188 CG  
9  1 Y 1 A GLU 210 ? CD  ? A GLU 188 CD  
10 1 Y 1 A GLU 210 ? OE1 ? A GLU 188 OE1 
11 1 Y 1 A GLU 210 ? OE2 ? A GLU 188 OE2 
12 1 Y 1 A ARG 248 ? CG  ? A ARG 226 CG  
13 1 Y 1 A ARG 248 ? CD  ? A ARG 226 CD  
14 1 Y 1 A ARG 248 ? NE  ? A ARG 226 NE  
15 1 Y 1 A ARG 248 ? CZ  ? A ARG 226 CZ  
16 1 Y 1 A ARG 248 ? NH1 ? A ARG 226 NH1 
17 1 Y 1 A ARG 248 ? NH2 ? A ARG 226 NH2 
18 1 Y 1 A SER 249 ? OG  ? A SER 227 OG  
19 1 Y 1 A LYS 250 ? CG  ? A LYS 228 CG  
20 1 Y 1 A LYS 250 ? CD  ? A LYS 228 CD  
21 1 Y 1 A LYS 250 ? CE  ? A LYS 228 CE  
22 1 Y 1 A LYS 250 ? NZ  ? A LYS 228 NZ  
# 
loop_
_software.name 
_software.version 
_software.date 
_software.type 
_software.contact_author 
_software.contact_author_email 
_software.classification 
_software.location 
_software.language 
_software.citation_id 
_software.pdbx_ordinal 
SCALA       3.2.25 21/9/2006       other   'Phil R. Evans'      pre@mrc-lmb.cam.ac.uk 'data scaling'    
http://www.ccp4.ac.uk/dist/html/scala.html   Fortran_77 ? 1 
REFMAC      .      ?               program 'Garib N. Murshudov' garib@ysbl.york.ac.uk refinement        
http://www.ccp4.ac.uk/dist/html/refmac5.html Fortran_77 ? 2 
PDB_EXTRACT 3.006  'June 11, 2008' package PDB                  help@deposit.rcsb.org 'data extraction' 
http://sw-tools.pdb.org/apps/PDB_EXTRACT/    C++        ? 3 
MAR345      CCD    ?               ?       ?                    ?                     'data collection' ? ?          ? 4 
MOSFLM      .      ?               ?       ?                    ?                     'data reduction'  ? ?          ? 5 
SHELXCD     .      ?               ?       ?                    ?                     phasing           ? ?          ? 6 
SHELXE      .      ?               ?       ?                    ?                     'model building'  ? ?          ? 7 
# 
_cell.length_a           117.167 
_cell.length_b           117.167 
_cell.length_c           36.575 
_cell.angle_alpha        90.000 
_cell.angle_beta         90.000 
_cell.angle_gamma        120.000 
_cell.entry_id           3ERV 
_cell.pdbx_unique_axis   ? 
_cell.Z_PDB              6 
_cell.length_a_esd       ? 
_cell.length_b_esd       ? 
_cell.length_c_esd       ? 
_cell.angle_alpha_esd    ? 
_cell.angle_beta_esd     ? 
_cell.angle_gamma_esd    ? 
# 
_symmetry.space_group_name_H-M             'P 61' 
_symmetry.entry_id                         3ERV 
_symmetry.Int_Tables_number                169 
_symmetry.pdbx_full_space_group_name_H-M   ? 
_symmetry.cell_setting                     ? 
_symmetry.space_group_name_Hall            ? 
# 
_exptl.crystals_number   1 
_exptl.entry_id          3ERV 
_exptl.method            'X-RAY DIFFRACTION' 
# 
_exptl_crystal.id                    1 
_exptl_crystal.density_Matthews      2.70 
_exptl_crystal.density_meas          ? 
_exptl_crystal.density_percent_sol   54.51 
_exptl_crystal.description           ? 
_exptl_crystal.F_000                 ? 
_exptl_crystal.preparation           ? 
# 
_exptl_crystal_grow.crystal_id      1 
_exptl_crystal_grow.method          'VAPOR DIFFUSION' 
_exptl_crystal_grow.pH              7.0 
_exptl_crystal_grow.temp            294 
_exptl_crystal_grow.pdbx_details    '10% ethylene glycol, pH 7.0, Vapor diffusion, temperature 294K' 
_exptl_crystal_grow.temp_details    ? 
_exptl_crystal_grow.pdbx_pH_range   ? 
# 
_diffrn.id                     1 
_diffrn.ambient_temp           100 
_diffrn.ambient_temp_details   ? 
_diffrn.crystal_id             1 
# 
_diffrn_detector.diffrn_id              1 
_diffrn_detector.detector               CCD 
_diffrn_detector.type                   'MAR CCD 165 mm' 
_diffrn_detector.pdbx_collection_date   2008-10-03 
_diffrn_detector.details                ? 
# 
_diffrn_radiation.diffrn_id                        1 
_diffrn_radiation.pdbx_diffrn_protocol             'SINGLE WAVELENGTH' 
_diffrn_radiation.monochromator                    diamond 
_diffrn_radiation.wavelength_id                    1 
_diffrn_radiation.pdbx_monochromatic_or_laue_m_l   M 
_diffrn_radiation.pdbx_scattering_type             x-ray 
# 
_diffrn_radiation_wavelength.id           1 
_diffrn_radiation_wavelength.wavelength   0.97958 
_diffrn_radiation_wavelength.wt           1.0 
# 
_diffrn_source.diffrn_id                   1 
_diffrn_source.source                      SYNCHROTRON 
_diffrn_source.type                        'APS BEAMLINE 31-ID' 
_diffrn_source.pdbx_wavelength_list        0.97958 
_diffrn_source.pdbx_wavelength             ? 
_diffrn_source.pdbx_synchrotron_site       APS 
_diffrn_source.pdbx_synchrotron_beamline   31-ID 
# 
_reflns.entry_id                     3ERV 
_reflns.d_resolution_high            2.100 
_reflns.d_resolution_low             33.826 
_reflns.number_all                   17110 
_reflns.number_obs                   17110 
_reflns.pdbx_Rmerge_I_obs            0.111 
_reflns.pdbx_netI_over_sigmaI        16.8 
_reflns.pdbx_Rsym_value              0.111 
_reflns.pdbx_redundancy              20.300 
_reflns.percent_possible_obs         100.000 
_reflns.observed_criterion_sigma_F   0 
_reflns.observed_criterion_sigma_I   0 
_reflns.B_iso_Wilson_estimate        37.4 
_reflns.R_free_details               ? 
_reflns.limit_h_max                  ? 
_reflns.limit_h_min                  ? 
_reflns.limit_k_max                  ? 
_reflns.limit_k_min                  ? 
_reflns.limit_l_max                  ? 
_reflns.limit_l_min                  ? 
_reflns.observed_criterion_F_max     ? 
_reflns.observed_criterion_F_min     ? 
_reflns.pdbx_chi_squared             ? 
_reflns.pdbx_scaling_rejects         ? 
_reflns.pdbx_diffrn_id               1 
_reflns.pdbx_ordinal                 1 
# 
_reflns_shell.d_res_high             2.10 
_reflns_shell.d_res_low              2.21 
_reflns_shell.number_measured_obs    ? 
_reflns_shell.number_measured_all    49803 
_reflns_shell.number_unique_obs      ? 
_reflns_shell.Rmerge_I_obs           0.523 
_reflns_shell.meanI_over_sigI_obs    4.2 
_reflns_shell.pdbx_Rsym_value        0.523 
_reflns_shell.pdbx_chi_squared       ? 
_reflns_shell.pdbx_redundancy        20.10 
_reflns_shell.percent_possible_obs   ? 
_reflns_shell.number_unique_all      2473 
_reflns_shell.percent_possible_all   100.00 
_reflns_shell.pdbx_diffrn_id         ? 
_reflns_shell.pdbx_ordinal           1 
# 
_refine.entry_id                                 3ERV 
_refine.ls_d_res_high                            2.100 
_refine.ls_d_res_low                             20.000 
_refine.pdbx_ls_sigma_F                          0.00 
_refine.ls_percent_reflns_obs                    100.000 
_refine.ls_number_reflns_obs                     17073 
_refine.pdbx_ls_cross_valid_method               THROUGHOUT 
_refine.pdbx_R_Free_selection_details            RANDOM 
_refine.details                                  'HYDROGENS HAVE BEEN ADDED IN THE RIDING POSITIONS' 
_refine.ls_R_factor_obs                          0.228 
_refine.ls_R_factor_R_work                       0.226 
_refine.ls_wR_factor_R_work                      0.252 
_refine.ls_R_factor_R_free                       0.272 
_refine.ls_wR_factor_R_free                      0.298 
_refine.ls_percent_reflns_R_free                 5.100 
_refine.ls_number_reflns_R_free                  874 
_refine.B_iso_mean                               53.316 
_refine.aniso_B[1][1]                            1.020 
_refine.aniso_B[2][2]                            1.020 
_refine.aniso_B[3][3]                            -1.530 
_refine.aniso_B[1][2]                            0.510 
_refine.aniso_B[1][3]                            0.000 
_refine.aniso_B[2][3]                            0.000 
_refine.correlation_coeff_Fo_to_Fc               0.952 
_refine.correlation_coeff_Fo_to_Fc_free          0.931 
_refine.overall_SU_R_Cruickshank_DPI             0.201 
_refine.overall_SU_R_free                        0.186 
_refine.pdbx_overall_ESU_R                       0.201 
_refine.pdbx_overall_ESU_R_Free                  0.186 
_refine.overall_SU_ML                            0.145 
_refine.overall_SU_B                             5.627 
_refine.solvent_model_details                    'BABINET MODEL WITH MASK' 
_refine.pdbx_solvent_vdw_probe_radii             1.200 
_refine.pdbx_solvent_ion_probe_radii             0.800 
_refine.pdbx_solvent_shrinkage_radii             0.800 
_refine.pdbx_method_to_determine_struct          SAD 
_refine.pdbx_stereochemistry_target_values       'MAXIMUM LIKELIHOOD' 
_refine.overall_FOM_work_R_set                   0.705 
_refine.B_iso_max                                90.94 
_refine.B_iso_min                                30.41 
_refine.occupancy_max                            1.00 
_refine.occupancy_min                            1.00 
_refine.pdbx_ls_sigma_I                          0 
_refine.ls_number_reflns_all                     17073 
_refine.ls_R_factor_all                          ? 
_refine.ls_redundancy_reflns_obs                 ? 
_refine.pdbx_data_cutoff_high_absF               ? 
_refine.pdbx_data_cutoff_low_absF                ? 
_refine.ls_number_parameters                     ? 
_refine.ls_number_restraints                     ? 
_refine.ls_R_factor_R_free_error                 ? 
_refine.ls_R_factor_R_free_error_details         ? 
_refine.pdbx_starting_model                      ? 
_refine.pdbx_stereochem_target_val_spec_case     ? 
_refine.solvent_model_param_bsol                 ? 
_refine.solvent_model_param_ksol                 ? 
_refine.pdbx_isotropic_thermal_model             ? 
_refine.pdbx_data_cutoff_high_rms_absF           ? 
_refine.overall_FOM_free_R_set                   ? 
_refine.pdbx_overall_phase_error                 ? 
_refine.pdbx_refine_id                           'X-RAY DIFFRACTION' 
_refine.pdbx_diffrn_id                           1 
_refine.pdbx_TLS_residual_ADP_flag               ? 
_refine.pdbx_overall_SU_R_free_Cruickshank_DPI   ? 
_refine.pdbx_overall_SU_R_Blow_DPI               ? 
_refine.pdbx_overall_SU_R_free_Blow_DPI          ? 
# 
_refine_hist.pdbx_refine_id                   'X-RAY DIFFRACTION' 
_refine_hist.cycle_id                         LAST 
_refine_hist.pdbx_number_atoms_protein        1560 
_refine_hist.pdbx_number_atoms_nucleic_acid   0 
_refine_hist.pdbx_number_atoms_ligand         8 
_refine_hist.number_atoms_solvent             94 
_refine_hist.number_atoms_total               1662 
_refine_hist.d_res_high                       2.100 
_refine_hist.d_res_low                        20.000 
# 
loop_
_refine_ls_restr.type 
_refine_ls_restr.number 
_refine_ls_restr.dev_ideal 
_refine_ls_restr.dev_ideal_target 
_refine_ls_restr.weight 
_refine_ls_restr.pdbx_refine_id 
_refine_ls_restr.pdbx_restraint_function 
r_bond_refined_d       1598 0.017  0.022  ? 'X-RAY DIFFRACTION' ? 
r_angle_refined_deg    2164 1.504  1.967  ? 'X-RAY DIFFRACTION' ? 
r_dihedral_angle_1_deg 199  6.248  5.000  ? 'X-RAY DIFFRACTION' ? 
r_dihedral_angle_2_deg 71   42.704 25.775 ? 'X-RAY DIFFRACTION' ? 
r_dihedral_angle_3_deg 273  16.401 15.000 ? 'X-RAY DIFFRACTION' ? 
r_dihedral_angle_4_deg 4    9.040  15.000 ? 'X-RAY DIFFRACTION' ? 
r_chiral_restr         243  0.103  0.200  ? 'X-RAY DIFFRACTION' ? 
r_gen_planes_refined   1200 0.007  0.021  ? 'X-RAY DIFFRACTION' ? 
r_mcbond_it            994  0.942  1.500  ? 'X-RAY DIFFRACTION' ? 
r_mcangle_it           1608 1.748  2.000  ? 'X-RAY DIFFRACTION' ? 
r_scbond_it            604  2.853  3.000  ? 'X-RAY DIFFRACTION' ? 
r_scangle_it           556  4.571  4.500  ? 'X-RAY DIFFRACTION' ? 
# 
_refine_ls_shell.d_res_high                       2.100 
_refine_ls_shell.d_res_low                        2.154 
_refine_ls_shell.pdbx_total_number_of_bins_used   20 
_refine_ls_shell.percent_reflns_obs               100.000 
_refine_ls_shell.number_reflns_R_work             1192 
_refine_ls_shell.R_factor_all                     ? 
_refine_ls_shell.R_factor_R_work                  0.463 
_refine_ls_shell.R_factor_R_free                  0.477 
_refine_ls_shell.percent_reflns_R_free            ? 
_refine_ls_shell.number_reflns_R_free             75 
_refine_ls_shell.R_factor_R_free_error            ? 
_refine_ls_shell.number_reflns_all                1267 
_refine_ls_shell.number_reflns_obs                1192 
_refine_ls_shell.redundancy_reflns_obs            ? 
_refine_ls_shell.pdbx_refine_id                   'X-RAY DIFFRACTION' 
# 
_struct.entry_id                  3ERV 
_struct.title                     'Crystal structure of an putative C39-like peptidase from Bacillus anthracis' 
_struct.pdbx_model_details        ? 
_struct.pdbx_CASP_flag            ? 
_struct.pdbx_model_type_details   ? 
# 
_struct_keywords.entry_id        3ERV 
_struct_keywords.text            
;STRUCTURAL GENOMICS, UNKNOWN FUNCTION, PSI-2, Protein Structure Initiative, New York SGX Research Center for Structural Genomics, NYSGXRC
;
_struct_keywords.pdbx_keywords   'structural genomics, unknown function' 
# 
loop_
_struct_asym.id 
_struct_asym.pdbx_blank_PDB_chainid_flag 
_struct_asym.pdbx_modified 
_struct_asym.entity_id 
_struct_asym.details 
A N N 1 ? 
B N N 2 ? 
C N N 2 ? 
D N N 3 ? 
# 
_struct_ref.id                         1 
_struct_ref.db_name                    UNP 
_struct_ref.db_code                    Q81VC3_BACAN 
_struct_ref.pdbx_db_accession          Q81VC3 
_struct_ref.entity_id                  1 
_struct_ref.pdbx_seq_one_letter_code   
;NGITKYVEKLTFFNIQSGKQVEFNRDEKVILSNVPFIQQLPELDRGCEVTSLAMMLQYAGITVDKMKLANEIKKVDFMND
GVRGNPNEGFVGNIYTFSESGYGVYHGPLFQLAKKYLPNKAVDLTGKSIEELYKSVKAGQPVVIITNATFAPLDEDEFTT
WETNNGDVSITYNEHCVVLIGYDQESVYIRDPLKDSLDVKVPREKFEQAWVQMGSQAISYVKRSK
;
_struct_ref.pdbx_align_begin           24 
_struct_ref.pdbx_db_isoform            ? 
# 
_struct_ref_seq.align_id                      1 
_struct_ref_seq.ref_id                        1 
_struct_ref_seq.pdbx_PDB_id_code              3ERV 
_struct_ref_seq.pdbx_strand_id                A 
_struct_ref_seq.seq_align_beg                 4 
_struct_ref_seq.pdbx_seq_align_beg_ins_code   ? 
_struct_ref_seq.seq_align_end                 228 
_struct_ref_seq.pdbx_seq_align_end_ins_code   ? 
_struct_ref_seq.pdbx_db_accession             Q81VC3 
_struct_ref_seq.db_align_beg                  24 
_struct_ref_seq.pdbx_db_align_beg_ins_code    ? 
_struct_ref_seq.db_align_end                  248 
_struct_ref_seq.pdbx_db_align_end_ins_code    ? 
_struct_ref_seq.pdbx_auth_seq_align_beg       26 
_struct_ref_seq.pdbx_auth_seq_align_end       250 
# 
loop_
_struct_ref_seq_dif.align_id 
_struct_ref_seq_dif.pdbx_pdb_id_code 
_struct_ref_seq_dif.mon_id 
_struct_ref_seq_dif.pdbx_pdb_strand_id 
_struct_ref_seq_dif.seq_num 
_struct_ref_seq_dif.pdbx_pdb_ins_code 
_struct_ref_seq_dif.pdbx_seq_db_name 
_struct_ref_seq_dif.pdbx_seq_db_accession_code 
_struct_ref_seq_dif.db_mon_id 
_struct_ref_seq_dif.pdbx_seq_db_seq_num 
_struct_ref_seq_dif.details 
_struct_ref_seq_dif.pdbx_auth_seq_num 
_struct_ref_seq_dif.pdbx_ordinal 
1 3ERV MET A 1   ? UNP Q81VC3 ? ? 'expression tag' 23  1  
1 3ERV SER A 2   ? UNP Q81VC3 ? ? 'expression tag' 24  2  
1 3ERV LEU A 3   ? UNP Q81VC3 ? ? 'expression tag' 25  3  
1 3ERV GLU A 229 ? UNP Q81VC3 ? ? 'expression tag' 251 4  
1 3ERV GLY A 230 ? UNP Q81VC3 ? ? 'expression tag' 252 5  
1 3ERV HIS A 231 ? UNP Q81VC3 ? ? 'expression tag' 253 6  
1 3ERV HIS A 232 ? UNP Q81VC3 ? ? 'expression tag' 254 7  
1 3ERV HIS A 233 ? UNP Q81VC3 ? ? 'expression tag' 255 8  
1 3ERV HIS A 234 ? UNP Q81VC3 ? ? 'expression tag' 256 9  
1 3ERV HIS A 235 ? UNP Q81VC3 ? ? 'expression tag' 257 10 
1 3ERV HIS A 236 ? UNP Q81VC3 ? ? 'expression tag' 258 11 
# 
_pdbx_struct_assembly.id                   1 
_pdbx_struct_assembly.details              author_and_software_defined_assembly 
_pdbx_struct_assembly.method_details       PISA 
_pdbx_struct_assembly.oligomeric_details   monomeric 
_pdbx_struct_assembly.oligomeric_count     1 
# 
_pdbx_struct_assembly_gen.assembly_id       1 
_pdbx_struct_assembly_gen.oper_expression   1 
_pdbx_struct_assembly_gen.asym_id_list      A,B,C,D 
# 
_pdbx_struct_oper_list.id                   1 
_pdbx_struct_oper_list.type                 'identity operation' 
_pdbx_struct_oper_list.name                 1_555 
_pdbx_struct_oper_list.symmetry_operation   x,y,z 
_pdbx_struct_oper_list.matrix[1][1]         1.0000000000 
_pdbx_struct_oper_list.matrix[1][2]         0.0000000000 
_pdbx_struct_oper_list.matrix[1][3]         0.0000000000 
_pdbx_struct_oper_list.vector[1]            0.0000000000 
_pdbx_struct_oper_list.matrix[2][1]         0.0000000000 
_pdbx_struct_oper_list.matrix[2][2]         1.0000000000 
_pdbx_struct_oper_list.matrix[2][3]         0.0000000000 
_pdbx_struct_oper_list.vector[2]            0.0000000000 
_pdbx_struct_oper_list.matrix[3][1]         0.0000000000 
_pdbx_struct_oper_list.matrix[3][2]         0.0000000000 
_pdbx_struct_oper_list.matrix[3][3]         1.0000000000 
_pdbx_struct_oper_list.vector[3]            0.0000000000 
# 
loop_
_struct_conf.conf_type_id 
_struct_conf.id 
_struct_conf.pdbx_PDB_helix_id 
_struct_conf.beg_label_comp_id 
_struct_conf.beg_label_asym_id 
_struct_conf.beg_label_seq_id 
_struct_conf.pdbx_beg_PDB_ins_code 
_struct_conf.end_label_comp_id 
_struct_conf.end_label_asym_id 
_struct_conf.end_label_seq_id 
_struct_conf.pdbx_end_PDB_ins_code 
_struct_conf.beg_auth_comp_id 
_struct_conf.beg_auth_asym_id 
_struct_conf.beg_auth_seq_id 
_struct_conf.end_auth_comp_id 
_struct_conf.end_auth_asym_id 
_struct_conf.end_auth_seq_id 
_struct_conf.pdbx_PDB_helix_class 
_struct_conf.details 
_struct_conf.pdbx_PDB_helix_length 
HELX_P HELX_P1 1 GLY A 49  ? ALA A 62  ? GLY A 71  ALA A 84  1 ? 14 
HELX_P HELX_P2 2 ASP A 67  ? ILE A 75  ? ASP A 89  ILE A 97  1 ? 9  
HELX_P HELX_P3 3 TYR A 108 ? LEU A 120 ? TYR A 130 LEU A 142 1 ? 13 
HELX_P HELX_P4 4 SER A 131 ? ALA A 141 ? SER A 153 ALA A 163 1 ? 11 
HELX_P HELX_P5 5 ASP A 157 ? PHE A 161 ? ASP A 179 PHE A 183 5 ? 5  
HELX_P HELX_P6 6 ARG A 206 ? MET A 216 ? ARG A 228 MET A 238 1 ? 11 
# 
_struct_conf_type.id          HELX_P 
_struct_conf_type.criteria    ? 
_struct_conf_type.reference   ? 
# 
_struct_mon_prot_cis.pdbx_id                1 
_struct_mon_prot_cis.label_comp_id          LEU 
_struct_mon_prot_cis.label_seq_id           43 
_struct_mon_prot_cis.label_asym_id          A 
_struct_mon_prot_cis.label_alt_id           . 
_struct_mon_prot_cis.pdbx_PDB_ins_code      ? 
_struct_mon_prot_cis.auth_comp_id           LEU 
_struct_mon_prot_cis.auth_seq_id            65 
_struct_mon_prot_cis.auth_asym_id           A 
_struct_mon_prot_cis.pdbx_label_comp_id_2   PRO 
_struct_mon_prot_cis.pdbx_label_seq_id_2    44 
_struct_mon_prot_cis.pdbx_label_asym_id_2   A 
_struct_mon_prot_cis.pdbx_PDB_ins_code_2    ? 
_struct_mon_prot_cis.pdbx_auth_comp_id_2    PRO 
_struct_mon_prot_cis.pdbx_auth_seq_id_2     66 
_struct_mon_prot_cis.pdbx_auth_asym_id_2    A 
_struct_mon_prot_cis.pdbx_PDB_model_num     1 
_struct_mon_prot_cis.pdbx_omega_angle       6.29 
# 
loop_
_struct_sheet.id 
_struct_sheet.type 
_struct_sheet.number_strands 
_struct_sheet.details 
A ? 5 ? 
B ? 4 ? 
C ? 2 ? 
D ? 2 ? 
E ? 2 ? 
# 
loop_
_struct_sheet_order.sheet_id 
_struct_sheet_order.range_id_1 
_struct_sheet_order.range_id_2 
_struct_sheet_order.offset 
_struct_sheet_order.sense 
A 1 2 ? anti-parallel 
A 2 3 ? anti-parallel 
A 3 4 ? anti-parallel 
A 4 5 ? anti-parallel 
B 1 2 ? anti-parallel 
B 2 3 ? anti-parallel 
B 3 4 ? anti-parallel 
C 1 2 ? parallel      
D 1 2 ? anti-parallel 
E 1 2 ? anti-parallel 
# 
loop_
_struct_sheet_range.sheet_id 
_struct_sheet_range.id 
_struct_sheet_range.beg_label_comp_id 
_struct_sheet_range.beg_label_asym_id 
_struct_sheet_range.beg_label_seq_id 
_struct_sheet_range.pdbx_beg_PDB_ins_code 
_struct_sheet_range.end_label_comp_id 
_struct_sheet_range.end_label_asym_id 
_struct_sheet_range.end_label_seq_id 
_struct_sheet_range.pdbx_end_PDB_ins_code 
_struct_sheet_range.beg_auth_comp_id 
_struct_sheet_range.beg_auth_asym_id 
_struct_sheet_range.beg_auth_seq_id 
_struct_sheet_range.end_auth_comp_id 
_struct_sheet_range.end_auth_asym_id 
_struct_sheet_range.end_auth_seq_id 
A 1 VAL A 32  ? ILE A 33  ? VAL A 54  ILE A 55  
A 2 GLU A 177 ? TYR A 185 ? GLU A 199 TYR A 207 
A 3 VAL A 145 ? ASN A 150 ? VAL A 167 ASN A 172 
A 4 ALA A 220 ? TYR A 223 ? ALA A 242 TYR A 245 
A 5 ALA A 124 ? ASP A 126 ? ALA A 146 ASP A 148 
B 1 VAL A 32  ? ILE A 33  ? VAL A 54  ILE A 55  
B 2 GLU A 177 ? TYR A 185 ? GLU A 199 TYR A 207 
B 3 SER A 189 ? ARG A 193 ? SER A 211 ARG A 215 
B 4 LYS A 203 ? PRO A 205 ? LYS A 225 PRO A 227 
C 1 LYS A 77  ? VAL A 78  ? LYS A 99  VAL A 100 
C 2 PHE A 93  ? VAL A 94  ? PHE A 115 VAL A 116 
D 1 MET A 81  ? ASN A 82  ? MET A 103 ASN A 104 
D 2 VAL A 85  ? ARG A 86  ? VAL A 107 ARG A 108 
E 1 THR A 162 ? THR A 166 ? THR A 184 THR A 188 
E 2 GLY A 169 ? ILE A 173 ? GLY A 191 ILE A 195 
# 
loop_
_pdbx_struct_sheet_hbond.sheet_id 
_pdbx_struct_sheet_hbond.range_id_1 
_pdbx_struct_sheet_hbond.range_id_2 
_pdbx_struct_sheet_hbond.range_1_label_atom_id 
_pdbx_struct_sheet_hbond.range_1_label_comp_id 
_pdbx_struct_sheet_hbond.range_1_label_asym_id 
_pdbx_struct_sheet_hbond.range_1_label_seq_id 
_pdbx_struct_sheet_hbond.range_1_PDB_ins_code 
_pdbx_struct_sheet_hbond.range_1_auth_atom_id 
_pdbx_struct_sheet_hbond.range_1_auth_comp_id 
_pdbx_struct_sheet_hbond.range_1_auth_asym_id 
_pdbx_struct_sheet_hbond.range_1_auth_seq_id 
_pdbx_struct_sheet_hbond.range_2_label_atom_id 
_pdbx_struct_sheet_hbond.range_2_label_comp_id 
_pdbx_struct_sheet_hbond.range_2_label_asym_id 
_pdbx_struct_sheet_hbond.range_2_label_seq_id 
_pdbx_struct_sheet_hbond.range_2_PDB_ins_code 
_pdbx_struct_sheet_hbond.range_2_auth_atom_id 
_pdbx_struct_sheet_hbond.range_2_auth_comp_id 
_pdbx_struct_sheet_hbond.range_2_auth_asym_id 
_pdbx_struct_sheet_hbond.range_2_auth_seq_id 
A 1 2 N VAL A 32  ? N VAL A 54  O TYR A 185 ? O TYR A 207 
A 2 3 O LEU A 182 ? O LEU A 204 N VAL A 145 ? N VAL A 167 
A 3 4 N VAL A 146 ? N VAL A 168 O ILE A 221 ? O ILE A 243 
A 4 5 O SER A 222 ? O SER A 244 N VAL A 125 ? N VAL A 147 
B 1 2 N VAL A 32  ? N VAL A 54  O TYR A 185 ? O TYR A 207 
B 2 3 N ILE A 183 ? N ILE A 205 O TYR A 191 ? O TYR A 213 
B 3 4 N VAL A 190 ? N VAL A 212 O VAL A 204 ? O VAL A 226 
C 1 2 N VAL A 78  ? N VAL A 100 O PHE A 93  ? O PHE A 115 
D 1 2 N ASN A 82  ? N ASN A 104 O VAL A 85  ? O VAL A 107 
E 1 2 N THR A 162 ? N THR A 184 O ILE A 173 ? O ILE A 195 
# 
loop_
_struct_site.id 
_struct_site.pdbx_evidence_code 
_struct_site.pdbx_auth_asym_id 
_struct_site.pdbx_auth_comp_id 
_struct_site.pdbx_auth_seq_id 
_struct_site.pdbx_auth_ins_code 
_struct_site.pdbx_num_residues 
_struct_site.details 
AC1 Software A EDO 1 ? 6 'BINDING SITE FOR RESIDUE EDO A 1' 
AC2 Software A EDO 3 ? 6 'BINDING SITE FOR RESIDUE EDO A 3' 
# 
loop_
_struct_site_gen.id 
_struct_site_gen.site_id 
_struct_site_gen.pdbx_num_res 
_struct_site_gen.label_comp_id 
_struct_site_gen.label_asym_id 
_struct_site_gen.label_seq_id 
_struct_site_gen.pdbx_auth_ins_code 
_struct_site_gen.auth_comp_id 
_struct_site_gen.auth_asym_id 
_struct_site_gen.auth_seq_id 
_struct_site_gen.label_atom_id 
_struct_site_gen.label_alt_id 
_struct_site_gen.symmetry 
_struct_site_gen.details 
1  AC1 6 GLY A 63  ? GLY A 85  . ? 2_655 ? 
2  AC1 6 LYS A 77  ? LYS A 99  . ? 1_555 ? 
3  AC1 6 GLY A 95  ? GLY A 117 . ? 1_555 ? 
4  AC1 6 ASN A 96  ? ASN A 118 . ? 1_555 ? 
5  AC1 6 ILE A 97  ? ILE A 119 . ? 1_555 ? 
6  AC1 6 TYR A 98  ? TYR A 120 . ? 1_555 ? 
7  AC2 6 SER A 35  ? SER A 57  . ? 1_555 ? 
8  AC2 6 ASN A 36  ? ASN A 58  . ? 1_555 ? 
9  AC2 6 VAL A 37  ? VAL A 59  . ? 1_555 ? 
10 AC2 6 GLU A 45  ? GLU A 67  . ? 3_664 ? 
11 AC2 6 ARG A 193 ? ARG A 215 . ? 1_555 ? 
12 AC2 6 HOH D .   ? HOH A 261 . ? 3_664 ? 
# 
loop_
_pdbx_validate_torsion.id 
_pdbx_validate_torsion.PDB_model_num 
_pdbx_validate_torsion.auth_comp_id 
_pdbx_validate_torsion.auth_asym_id 
_pdbx_validate_torsion.auth_seq_id 
_pdbx_validate_torsion.PDB_ins_code 
_pdbx_validate_torsion.label_alt_id 
_pdbx_validate_torsion.phi 
_pdbx_validate_torsion.psi 
1 1 TYR A 127 ? ? -130.49 -80.22  
2 1 THR A 171 ? ? -148.81 -155.06 
3 1 SER A 244 ? ? -146.25 -156.23 
# 
_pdbx_SG_project.id                    1 
_pdbx_SG_project.project_name          'PSI, Protein Structure Initiative' 
_pdbx_SG_project.full_name_of_center   'New York SGX Research Center for Structural Genomics' 
_pdbx_SG_project.initial_of_center     NYSGXRC 
# 
loop_
_pdbx_unobs_or_zero_occ_residues.id 
_pdbx_unobs_or_zero_occ_residues.PDB_model_num 
_pdbx_unobs_or_zero_occ_residues.polymer_flag 
_pdbx_unobs_or_zero_occ_residues.occupancy_flag 
_pdbx_unobs_or_zero_occ_residues.auth_asym_id 
_pdbx_unobs_or_zero_occ_residues.auth_comp_id 
_pdbx_unobs_or_zero_occ_residues.auth_seq_id 
_pdbx_unobs_or_zero_occ_residues.PDB_ins_code 
_pdbx_unobs_or_zero_occ_residues.label_asym_id 
_pdbx_unobs_or_zero_occ_residues.label_comp_id 
_pdbx_unobs_or_zero_occ_residues.label_seq_id 
1  1 Y 1 A MET 23  ? A MET 1   
2  1 Y 1 A SER 24  ? A SER 2   
3  1 Y 1 A LEU 25  ? A LEU 3   
4  1 Y 1 A ASN 26  ? A ASN 4   
5  1 Y 1 A GLY 27  ? A GLY 5   
6  1 Y 1 A ILE 28  ? A ILE 6   
7  1 Y 1 A THR 29  ? A THR 7   
8  1 Y 1 A LYS 30  ? A LYS 8   
9  1 Y 1 A TYR 31  ? A TYR 9   
10 1 Y 1 A VAL 32  ? A VAL 10  
11 1 Y 1 A GLU 33  ? A GLU 11  
12 1 Y 1 A LYS 34  ? A LYS 12  
13 1 Y 1 A LEU 35  ? A LEU 13  
14 1 Y 1 A THR 36  ? A THR 14  
15 1 Y 1 A PHE 37  ? A PHE 15  
16 1 Y 1 A PHE 38  ? A PHE 16  
17 1 Y 1 A ASN 39  ? A ASN 17  
18 1 Y 1 A ILE 40  ? A ILE 18  
19 1 Y 1 A GLN 41  ? A GLN 19  
20 1 Y 1 A SER 42  ? A SER 20  
21 1 Y 1 A GLY 43  ? A GLY 21  
22 1 Y 1 A LYS 44  ? A LYS 22  
23 1 Y 1 A GLN 45  ? A GLN 23  
24 1 Y 1 A VAL 46  ? A VAL 24  
25 1 Y 1 A GLU 47  ? A GLU 25  
26 1 Y 1 A PHE 48  ? A PHE 26  
27 1 Y 1 A ASN 49  ? A ASN 27  
28 1 Y 1 A ARG 50  ? A ARG 28  
29 1 Y 1 A GLU 251 ? A GLU 229 
30 1 Y 1 A GLY 252 ? A GLY 230 
31 1 Y 1 A HIS 253 ? A HIS 231 
32 1 Y 1 A HIS 254 ? A HIS 232 
33 1 Y 1 A HIS 255 ? A HIS 233 
34 1 Y 1 A HIS 256 ? A HIS 234 
35 1 Y 1 A HIS 257 ? A HIS 235 
36 1 Y 1 A HIS 258 ? A HIS 236 
# 
loop_
_chem_comp_atom.comp_id 
_chem_comp_atom.atom_id 
_chem_comp_atom.type_symbol 
_chem_comp_atom.pdbx_aromatic_flag 
_chem_comp_atom.pdbx_stereo_config 
_chem_comp_atom.pdbx_ordinal 
ALA N    N N N 1   
ALA CA   C N S 2   
ALA C    C N N 3   
ALA O    O N N 4   
ALA CB   C N N 5   
ALA OXT  O N N 6   
ALA H    H N N 7   
ALA H2   H N N 8   
ALA HA   H N N 9   
ALA HB1  H N N 10  
ALA HB2  H N N 11  
ALA HB3  H N N 12  
ALA HXT  H N N 13  
ARG N    N N N 14  
ARG CA   C N S 15  
ARG C    C N N 16  
ARG O    O N N 17  
ARG CB   C N N 18  
ARG CG   C N N 19  
ARG CD   C N N 20  
ARG NE   N N N 21  
ARG CZ   C N N 22  
ARG NH1  N N N 23  
ARG NH2  N N N 24  
ARG OXT  O N N 25  
ARG H    H N N 26  
ARG H2   H N N 27  
ARG HA   H N N 28  
ARG HB2  H N N 29  
ARG HB3  H N N 30  
ARG HG2  H N N 31  
ARG HG3  H N N 32  
ARG HD2  H N N 33  
ARG HD3  H N N 34  
ARG HE   H N N 35  
ARG HH11 H N N 36  
ARG HH12 H N N 37  
ARG HH21 H N N 38  
ARG HH22 H N N 39  
ARG HXT  H N N 40  
ASN N    N N N 41  
ASN CA   C N S 42  
ASN C    C N N 43  
ASN O    O N N 44  
ASN CB   C N N 45  
ASN CG   C N N 46  
ASN OD1  O N N 47  
ASN ND2  N N N 48  
ASN OXT  O N N 49  
ASN H    H N N 50  
ASN H2   H N N 51  
ASN HA   H N N 52  
ASN HB2  H N N 53  
ASN HB3  H N N 54  
ASN HD21 H N N 55  
ASN HD22 H N N 56  
ASN HXT  H N N 57  
ASP N    N N N 58  
ASP CA   C N S 59  
ASP C    C N N 60  
ASP O    O N N 61  
ASP CB   C N N 62  
ASP CG   C N N 63  
ASP OD1  O N N 64  
ASP OD2  O N N 65  
ASP OXT  O N N 66  
ASP H    H N N 67  
ASP H2   H N N 68  
ASP HA   H N N 69  
ASP HB2  H N N 70  
ASP HB3  H N N 71  
ASP HD2  H N N 72  
ASP HXT  H N N 73  
CYS N    N N N 74  
CYS CA   C N R 75  
CYS C    C N N 76  
CYS O    O N N 77  
CYS CB   C N N 78  
CYS SG   S N N 79  
CYS OXT  O N N 80  
CYS H    H N N 81  
CYS H2   H N N 82  
CYS HA   H N N 83  
CYS HB2  H N N 84  
CYS HB3  H N N 85  
CYS HG   H N N 86  
CYS HXT  H N N 87  
EDO C1   C N N 88  
EDO O1   O N N 89  
EDO C2   C N N 90  
EDO O2   O N N 91  
EDO H11  H N N 92  
EDO H12  H N N 93  
EDO HO1  H N N 94  
EDO H21  H N N 95  
EDO H22  H N N 96  
EDO HO2  H N N 97  
GLN N    N N N 98  
GLN CA   C N S 99  
GLN C    C N N 100 
GLN O    O N N 101 
GLN CB   C N N 102 
GLN CG   C N N 103 
GLN CD   C N N 104 
GLN OE1  O N N 105 
GLN NE2  N N N 106 
GLN OXT  O N N 107 
GLN H    H N N 108 
GLN H2   H N N 109 
GLN HA   H N N 110 
GLN HB2  H N N 111 
GLN HB3  H N N 112 
GLN HG2  H N N 113 
GLN HG3  H N N 114 
GLN HE21 H N N 115 
GLN HE22 H N N 116 
GLN HXT  H N N 117 
GLU N    N N N 118 
GLU CA   C N S 119 
GLU C    C N N 120 
GLU O    O N N 121 
GLU CB   C N N 122 
GLU CG   C N N 123 
GLU CD   C N N 124 
GLU OE1  O N N 125 
GLU OE2  O N N 126 
GLU OXT  O N N 127 
GLU H    H N N 128 
GLU H2   H N N 129 
GLU HA   H N N 130 
GLU HB2  H N N 131 
GLU HB3  H N N 132 
GLU HG2  H N N 133 
GLU HG3  H N N 134 
GLU HE2  H N N 135 
GLU HXT  H N N 136 
GLY N    N N N 137 
GLY CA   C N N 138 
GLY C    C N N 139 
GLY O    O N N 140 
GLY OXT  O N N 141 
GLY H    H N N 142 
GLY H2   H N N 143 
GLY HA2  H N N 144 
GLY HA3  H N N 145 
GLY HXT  H N N 146 
HIS N    N N N 147 
HIS CA   C N S 148 
HIS C    C N N 149 
HIS O    O N N 150 
HIS CB   C N N 151 
HIS CG   C Y N 152 
HIS ND1  N Y N 153 
HIS CD2  C Y N 154 
HIS CE1  C Y N 155 
HIS NE2  N Y N 156 
HIS OXT  O N N 157 
HIS H    H N N 158 
HIS H2   H N N 159 
HIS HA   H N N 160 
HIS HB2  H N N 161 
HIS HB3  H N N 162 
HIS HD1  H N N 163 
HIS HD2  H N N 164 
HIS HE1  H N N 165 
HIS HE2  H N N 166 
HIS HXT  H N N 167 
HOH O    O N N 168 
HOH H1   H N N 169 
HOH H2   H N N 170 
ILE N    N N N 171 
ILE CA   C N S 172 
ILE C    C N N 173 
ILE O    O N N 174 
ILE CB   C N S 175 
ILE CG1  C N N 176 
ILE CG2  C N N 177 
ILE CD1  C N N 178 
ILE OXT  O N N 179 
ILE H    H N N 180 
ILE H2   H N N 181 
ILE HA   H N N 182 
ILE HB   H N N 183 
ILE HG12 H N N 184 
ILE HG13 H N N 185 
ILE HG21 H N N 186 
ILE HG22 H N N 187 
ILE HG23 H N N 188 
ILE HD11 H N N 189 
ILE HD12 H N N 190 
ILE HD13 H N N 191 
ILE HXT  H N N 192 
LEU N    N N N 193 
LEU CA   C N S 194 
LEU C    C N N 195 
LEU O    O N N 196 
LEU CB   C N N 197 
LEU CG   C N N 198 
LEU CD1  C N N 199 
LEU CD2  C N N 200 
LEU OXT  O N N 201 
LEU H    H N N 202 
LEU H2   H N N 203 
LEU HA   H N N 204 
LEU HB2  H N N 205 
LEU HB3  H N N 206 
LEU HG   H N N 207 
LEU HD11 H N N 208 
LEU HD12 H N N 209 
LEU HD13 H N N 210 
LEU HD21 H N N 211 
LEU HD22 H N N 212 
LEU HD23 H N N 213 
LEU HXT  H N N 214 
LYS N    N N N 215 
LYS CA   C N S 216 
LYS C    C N N 217 
LYS O    O N N 218 
LYS CB   C N N 219 
LYS CG   C N N 220 
LYS CD   C N N 221 
LYS CE   C N N 222 
LYS NZ   N N N 223 
LYS OXT  O N N 224 
LYS H    H N N 225 
LYS H2   H N N 226 
LYS HA   H N N 227 
LYS HB2  H N N 228 
LYS HB3  H N N 229 
LYS HG2  H N N 230 
LYS HG3  H N N 231 
LYS HD2  H N N 232 
LYS HD3  H N N 233 
LYS HE2  H N N 234 
LYS HE3  H N N 235 
LYS HZ1  H N N 236 
LYS HZ2  H N N 237 
LYS HZ3  H N N 238 
LYS HXT  H N N 239 
MET N    N N N 240 
MET CA   C N S 241 
MET C    C N N 242 
MET O    O N N 243 
MET CB   C N N 244 
MET CG   C N N 245 
MET SD   S N N 246 
MET CE   C N N 247 
MET OXT  O N N 248 
MET H    H N N 249 
MET H2   H N N 250 
MET HA   H N N 251 
MET HB2  H N N 252 
MET HB3  H N N 253 
MET HG2  H N N 254 
MET HG3  H N N 255 
MET HE1  H N N 256 
MET HE2  H N N 257 
MET HE3  H N N 258 
MET HXT  H N N 259 
PHE N    N N N 260 
PHE CA   C N S 261 
PHE C    C N N 262 
PHE O    O N N 263 
PHE CB   C N N 264 
PHE CG   C Y N 265 
PHE CD1  C Y N 266 
PHE CD2  C Y N 267 
PHE CE1  C Y N 268 
PHE CE2  C Y N 269 
PHE CZ   C Y N 270 
PHE OXT  O N N 271 
PHE H    H N N 272 
PHE H2   H N N 273 
PHE HA   H N N 274 
PHE HB2  H N N 275 
PHE HB3  H N N 276 
PHE HD1  H N N 277 
PHE HD2  H N N 278 
PHE HE1  H N N 279 
PHE HE2  H N N 280 
PHE HZ   H N N 281 
PHE HXT  H N N 282 
PRO N    N N N 283 
PRO CA   C N S 284 
PRO C    C N N 285 
PRO O    O N N 286 
PRO CB   C N N 287 
PRO CG   C N N 288 
PRO CD   C N N 289 
PRO OXT  O N N 290 
PRO H    H N N 291 
PRO HA   H N N 292 
PRO HB2  H N N 293 
PRO HB3  H N N 294 
PRO HG2  H N N 295 
PRO HG3  H N N 296 
PRO HD2  H N N 297 
PRO HD3  H N N 298 
PRO HXT  H N N 299 
SER N    N N N 300 
SER CA   C N S 301 
SER C    C N N 302 
SER O    O N N 303 
SER CB   C N N 304 
SER OG   O N N 305 
SER OXT  O N N 306 
SER H    H N N 307 
SER H2   H N N 308 
SER HA   H N N 309 
SER HB2  H N N 310 
SER HB3  H N N 311 
SER HG   H N N 312 
SER HXT  H N N 313 
THR N    N N N 314 
THR CA   C N S 315 
THR C    C N N 316 
THR O    O N N 317 
THR CB   C N R 318 
THR OG1  O N N 319 
THR CG2  C N N 320 
THR OXT  O N N 321 
THR H    H N N 322 
THR H2   H N N 323 
THR HA   H N N 324 
THR HB   H N N 325 
THR HG1  H N N 326 
THR HG21 H N N 327 
THR HG22 H N N 328 
THR HG23 H N N 329 
THR HXT  H N N 330 
TRP N    N N N 331 
TRP CA   C N S 332 
TRP C    C N N 333 
TRP O    O N N 334 
TRP CB   C N N 335 
TRP CG   C Y N 336 
TRP CD1  C Y N 337 
TRP CD2  C Y N 338 
TRP NE1  N Y N 339 
TRP CE2  C Y N 340 
TRP CE3  C Y N 341 
TRP CZ2  C Y N 342 
TRP CZ3  C Y N 343 
TRP CH2  C Y N 344 
TRP OXT  O N N 345 
TRP H    H N N 346 
TRP H2   H N N 347 
TRP HA   H N N 348 
TRP HB2  H N N 349 
TRP HB3  H N N 350 
TRP HD1  H N N 351 
TRP HE1  H N N 352 
TRP HE3  H N N 353 
TRP HZ2  H N N 354 
TRP HZ3  H N N 355 
TRP HH2  H N N 356 
TRP HXT  H N N 357 
TYR N    N N N 358 
TYR CA   C N S 359 
TYR C    C N N 360 
TYR O    O N N 361 
TYR CB   C N N 362 
TYR CG   C Y N 363 
TYR CD1  C Y N 364 
TYR CD2  C Y N 365 
TYR CE1  C Y N 366 
TYR CE2  C Y N 367 
TYR CZ   C Y N 368 
TYR OH   O N N 369 
TYR OXT  O N N 370 
TYR H    H N N 371 
TYR H2   H N N 372 
TYR HA   H N N 373 
TYR HB2  H N N 374 
TYR HB3  H N N 375 
TYR HD1  H N N 376 
TYR HD2  H N N 377 
TYR HE1  H N N 378 
TYR HE2  H N N 379 
TYR HH   H N N 380 
TYR HXT  H N N 381 
VAL N    N N N 382 
VAL CA   C N S 383 
VAL C    C N N 384 
VAL O    O N N 385 
VAL CB   C N N 386 
VAL CG1  C N N 387 
VAL CG2  C N N 388 
VAL OXT  O N N 389 
VAL H    H N N 390 
VAL H2   H N N 391 
VAL HA   H N N 392 
VAL HB   H N N 393 
VAL HG11 H N N 394 
VAL HG12 H N N 395 
VAL HG13 H N N 396 
VAL HG21 H N N 397 
VAL HG22 H N N 398 
VAL HG23 H N N 399 
VAL HXT  H N N 400 
# 
loop_
_chem_comp_bond.comp_id 
_chem_comp_bond.atom_id_1 
_chem_comp_bond.atom_id_2 
_chem_comp_bond.value_order 
_chem_comp_bond.pdbx_aromatic_flag 
_chem_comp_bond.pdbx_stereo_config 
_chem_comp_bond.pdbx_ordinal 
ALA N   CA   sing N N 1   
ALA N   H    sing N N 2   
ALA N   H2   sing N N 3   
ALA CA  C    sing N N 4   
ALA CA  CB   sing N N 5   
ALA CA  HA   sing N N 6   
ALA C   O    doub N N 7   
ALA C   OXT  sing N N 8   
ALA CB  HB1  sing N N 9   
ALA CB  HB2  sing N N 10  
ALA CB  HB3  sing N N 11  
ALA OXT HXT  sing N N 12  
ARG N   CA   sing N N 13  
ARG N   H    sing N N 14  
ARG N   H2   sing N N 15  
ARG CA  C    sing N N 16  
ARG CA  CB   sing N N 17  
ARG CA  HA   sing N N 18  
ARG C   O    doub N N 19  
ARG C   OXT  sing N N 20  
ARG CB  CG   sing N N 21  
ARG CB  HB2  sing N N 22  
ARG CB  HB3  sing N N 23  
ARG CG  CD   sing N N 24  
ARG CG  HG2  sing N N 25  
ARG CG  HG3  sing N N 26  
ARG CD  NE   sing N N 27  
ARG CD  HD2  sing N N 28  
ARG CD  HD3  sing N N 29  
ARG NE  CZ   sing N N 30  
ARG NE  HE   sing N N 31  
ARG CZ  NH1  sing N N 32  
ARG CZ  NH2  doub N N 33  
ARG NH1 HH11 sing N N 34  
ARG NH1 HH12 sing N N 35  
ARG NH2 HH21 sing N N 36  
ARG NH2 HH22 sing N N 37  
ARG OXT HXT  sing N N 38  
ASN N   CA   sing N N 39  
ASN N   H    sing N N 40  
ASN N   H2   sing N N 41  
ASN CA  C    sing N N 42  
ASN CA  CB   sing N N 43  
ASN CA  HA   sing N N 44  
ASN C   O    doub N N 45  
ASN C   OXT  sing N N 46  
ASN CB  CG   sing N N 47  
ASN CB  HB2  sing N N 48  
ASN CB  HB3  sing N N 49  
ASN CG  OD1  doub N N 50  
ASN CG  ND2  sing N N 51  
ASN ND2 HD21 sing N N 52  
ASN ND2 HD22 sing N N 53  
ASN OXT HXT  sing N N 54  
ASP N   CA   sing N N 55  
ASP N   H    sing N N 56  
ASP N   H2   sing N N 57  
ASP CA  C    sing N N 58  
ASP CA  CB   sing N N 59  
ASP CA  HA   sing N N 60  
ASP C   O    doub N N 61  
ASP C   OXT  sing N N 62  
ASP CB  CG   sing N N 63  
ASP CB  HB2  sing N N 64  
ASP CB  HB3  sing N N 65  
ASP CG  OD1  doub N N 66  
ASP CG  OD2  sing N N 67  
ASP OD2 HD2  sing N N 68  
ASP OXT HXT  sing N N 69  
CYS N   CA   sing N N 70  
CYS N   H    sing N N 71  
CYS N   H2   sing N N 72  
CYS CA  C    sing N N 73  
CYS CA  CB   sing N N 74  
CYS CA  HA   sing N N 75  
CYS C   O    doub N N 76  
CYS C   OXT  sing N N 77  
CYS CB  SG   sing N N 78  
CYS CB  HB2  sing N N 79  
CYS CB  HB3  sing N N 80  
CYS SG  HG   sing N N 81  
CYS OXT HXT  sing N N 82  
EDO C1  O1   sing N N 83  
EDO C1  C2   sing N N 84  
EDO C1  H11  sing N N 85  
EDO C1  H12  sing N N 86  
EDO O1  HO1  sing N N 87  
EDO C2  O2   sing N N 88  
EDO C2  H21  sing N N 89  
EDO C2  H22  sing N N 90  
EDO O2  HO2  sing N N 91  
GLN N   CA   sing N N 92  
GLN N   H    sing N N 93  
GLN N   H2   sing N N 94  
GLN CA  C    sing N N 95  
GLN CA  CB   sing N N 96  
GLN CA  HA   sing N N 97  
GLN C   O    doub N N 98  
GLN C   OXT  sing N N 99  
GLN CB  CG   sing N N 100 
GLN CB  HB2  sing N N 101 
GLN CB  HB3  sing N N 102 
GLN CG  CD   sing N N 103 
GLN CG  HG2  sing N N 104 
GLN CG  HG3  sing N N 105 
GLN CD  OE1  doub N N 106 
GLN CD  NE2  sing N N 107 
GLN NE2 HE21 sing N N 108 
GLN NE2 HE22 sing N N 109 
GLN OXT HXT  sing N N 110 
GLU N   CA   sing N N 111 
GLU N   H    sing N N 112 
GLU N   H2   sing N N 113 
GLU CA  C    sing N N 114 
GLU CA  CB   sing N N 115 
GLU CA  HA   sing N N 116 
GLU C   O    doub N N 117 
GLU C   OXT  sing N N 118 
GLU CB  CG   sing N N 119 
GLU CB  HB2  sing N N 120 
GLU CB  HB3  sing N N 121 
GLU CG  CD   sing N N 122 
GLU CG  HG2  sing N N 123 
GLU CG  HG3  sing N N 124 
GLU CD  OE1  doub N N 125 
GLU CD  OE2  sing N N 126 
GLU OE2 HE2  sing N N 127 
GLU OXT HXT  sing N N 128 
GLY N   CA   sing N N 129 
GLY N   H    sing N N 130 
GLY N   H2   sing N N 131 
GLY CA  C    sing N N 132 
GLY CA  HA2  sing N N 133 
GLY CA  HA3  sing N N 134 
GLY C   O    doub N N 135 
GLY C   OXT  sing N N 136 
GLY OXT HXT  sing N N 137 
HIS N   CA   sing N N 138 
HIS N   H    sing N N 139 
HIS N   H2   sing N N 140 
HIS CA  C    sing N N 141 
HIS CA  CB   sing N N 142 
HIS CA  HA   sing N N 143 
HIS C   O    doub N N 144 
HIS C   OXT  sing N N 145 
HIS CB  CG   sing N N 146 
HIS CB  HB2  sing N N 147 
HIS CB  HB3  sing N N 148 
HIS CG  ND1  sing Y N 149 
HIS CG  CD2  doub Y N 150 
HIS ND1 CE1  doub Y N 151 
HIS ND1 HD1  sing N N 152 
HIS CD2 NE2  sing Y N 153 
HIS CD2 HD2  sing N N 154 
HIS CE1 NE2  sing Y N 155 
HIS CE1 HE1  sing N N 156 
HIS NE2 HE2  sing N N 157 
HIS OXT HXT  sing N N 158 
HOH O   H1   sing N N 159 
HOH O   H2   sing N N 160 
ILE N   CA   sing N N 161 
ILE N   H    sing N N 162 
ILE N   H2   sing N N 163 
ILE CA  C    sing N N 164 
ILE CA  CB   sing N N 165 
ILE CA  HA   sing N N 166 
ILE C   O    doub N N 167 
ILE C   OXT  sing N N 168 
ILE CB  CG1  sing N N 169 
ILE CB  CG2  sing N N 170 
ILE CB  HB   sing N N 171 
ILE CG1 CD1  sing N N 172 
ILE CG1 HG12 sing N N 173 
ILE CG1 HG13 sing N N 174 
ILE CG2 HG21 sing N N 175 
ILE CG2 HG22 sing N N 176 
ILE CG2 HG23 sing N N 177 
ILE CD1 HD11 sing N N 178 
ILE CD1 HD12 sing N N 179 
ILE CD1 HD13 sing N N 180 
ILE OXT HXT  sing N N 181 
LEU N   CA   sing N N 182 
LEU N   H    sing N N 183 
LEU N   H2   sing N N 184 
LEU CA  C    sing N N 185 
LEU CA  CB   sing N N 186 
LEU CA  HA   sing N N 187 
LEU C   O    doub N N 188 
LEU C   OXT  sing N N 189 
LEU CB  CG   sing N N 190 
LEU CB  HB2  sing N N 191 
LEU CB  HB3  sing N N 192 
LEU CG  CD1  sing N N 193 
LEU CG  CD2  sing N N 194 
LEU CG  HG   sing N N 195 
LEU CD1 HD11 sing N N 196 
LEU CD1 HD12 sing N N 197 
LEU CD1 HD13 sing N N 198 
LEU CD2 HD21 sing N N 199 
LEU CD2 HD22 sing N N 200 
LEU CD2 HD23 sing N N 201 
LEU OXT HXT  sing N N 202 
LYS N   CA   sing N N 203 
LYS N   H    sing N N 204 
LYS N   H2   sing N N 205 
LYS CA  C    sing N N 206 
LYS CA  CB   sing N N 207 
LYS CA  HA   sing N N 208 
LYS C   O    doub N N 209 
LYS C   OXT  sing N N 210 
LYS CB  CG   sing N N 211 
LYS CB  HB2  sing N N 212 
LYS CB  HB3  sing N N 213 
LYS CG  CD   sing N N 214 
LYS CG  HG2  sing N N 215 
LYS CG  HG3  sing N N 216 
LYS CD  CE   sing N N 217 
LYS CD  HD2  sing N N 218 
LYS CD  HD3  sing N N 219 
LYS CE  NZ   sing N N 220 
LYS CE  HE2  sing N N 221 
LYS CE  HE3  sing N N 222 
LYS NZ  HZ1  sing N N 223 
LYS NZ  HZ2  sing N N 224 
LYS NZ  HZ3  sing N N 225 
LYS OXT HXT  sing N N 226 
MET N   CA   sing N N 227 
MET N   H    sing N N 228 
MET N   H2   sing N N 229 
MET CA  C    sing N N 230 
MET CA  CB   sing N N 231 
MET CA  HA   sing N N 232 
MET C   O    doub N N 233 
MET C   OXT  sing N N 234 
MET CB  CG   sing N N 235 
MET CB  HB2  sing N N 236 
MET CB  HB3  sing N N 237 
MET CG  SD   sing N N 238 
MET CG  HG2  sing N N 239 
MET CG  HG3  sing N N 240 
MET SD  CE   sing N N 241 
MET CE  HE1  sing N N 242 
MET CE  HE2  sing N N 243 
MET CE  HE3  sing N N 244 
MET OXT HXT  sing N N 245 
PHE N   CA   sing N N 246 
PHE N   H    sing N N 247 
PHE N   H2   sing N N 248 
PHE CA  C    sing N N 249 
PHE CA  CB   sing N N 250 
PHE CA  HA   sing N N 251 
PHE C   O    doub N N 252 
PHE C   OXT  sing N N 253 
PHE CB  CG   sing N N 254 
PHE CB  HB2  sing N N 255 
PHE CB  HB3  sing N N 256 
PHE CG  CD1  doub Y N 257 
PHE CG  CD2  sing Y N 258 
PHE CD1 CE1  sing Y N 259 
PHE CD1 HD1  sing N N 260 
PHE CD2 CE2  doub Y N 261 
PHE CD2 HD2  sing N N 262 
PHE CE1 CZ   doub Y N 263 
PHE CE1 HE1  sing N N 264 
PHE CE2 CZ   sing Y N 265 
PHE CE2 HE2  sing N N 266 
PHE CZ  HZ   sing N N 267 
PHE OXT HXT  sing N N 268 
PRO N   CA   sing N N 269 
PRO N   CD   sing N N 270 
PRO N   H    sing N N 271 
PRO CA  C    sing N N 272 
PRO CA  CB   sing N N 273 
PRO CA  HA   sing N N 274 
PRO C   O    doub N N 275 
PRO C   OXT  sing N N 276 
PRO CB  CG   sing N N 277 
PRO CB  HB2  sing N N 278 
PRO CB  HB3  sing N N 279 
PRO CG  CD   sing N N 280 
PRO CG  HG2  sing N N 281 
PRO CG  HG3  sing N N 282 
PRO CD  HD2  sing N N 283 
PRO CD  HD3  sing N N 284 
PRO OXT HXT  sing N N 285 
SER N   CA   sing N N 286 
SER N   H    sing N N 287 
SER N   H2   sing N N 288 
SER CA  C    sing N N 289 
SER CA  CB   sing N N 290 
SER CA  HA   sing N N 291 
SER C   O    doub N N 292 
SER C   OXT  sing N N 293 
SER CB  OG   sing N N 294 
SER CB  HB2  sing N N 295 
SER CB  HB3  sing N N 296 
SER OG  HG   sing N N 297 
SER OXT HXT  sing N N 298 
THR N   CA   sing N N 299 
THR N   H    sing N N 300 
THR N   H2   sing N N 301 
THR CA  C    sing N N 302 
THR CA  CB   sing N N 303 
THR CA  HA   sing N N 304 
THR C   O    doub N N 305 
THR C   OXT  sing N N 306 
THR CB  OG1  sing N N 307 
THR CB  CG2  sing N N 308 
THR CB  HB   sing N N 309 
THR OG1 HG1  sing N N 310 
THR CG2 HG21 sing N N 311 
THR CG2 HG22 sing N N 312 
THR CG2 HG23 sing N N 313 
THR OXT HXT  sing N N 314 
TRP N   CA   sing N N 315 
TRP N   H    sing N N 316 
TRP N   H2   sing N N 317 
TRP CA  C    sing N N 318 
TRP CA  CB   sing N N 319 
TRP CA  HA   sing N N 320 
TRP C   O    doub N N 321 
TRP C   OXT  sing N N 322 
TRP CB  CG   sing N N 323 
TRP CB  HB2  sing N N 324 
TRP CB  HB3  sing N N 325 
TRP CG  CD1  doub Y N 326 
TRP CG  CD2  sing Y N 327 
TRP CD1 NE1  sing Y N 328 
TRP CD1 HD1  sing N N 329 
TRP CD2 CE2  doub Y N 330 
TRP CD2 CE3  sing Y N 331 
TRP NE1 CE2  sing Y N 332 
TRP NE1 HE1  sing N N 333 
TRP CE2 CZ2  sing Y N 334 
TRP CE3 CZ3  doub Y N 335 
TRP CE3 HE3  sing N N 336 
TRP CZ2 CH2  doub Y N 337 
TRP CZ2 HZ2  sing N N 338 
TRP CZ3 CH2  sing Y N 339 
TRP CZ3 HZ3  sing N N 340 
TRP CH2 HH2  sing N N 341 
TRP OXT HXT  sing N N 342 
TYR N   CA   sing N N 343 
TYR N   H    sing N N 344 
TYR N   H2   sing N N 345 
TYR CA  C    sing N N 346 
TYR CA  CB   sing N N 347 
TYR CA  HA   sing N N 348 
TYR C   O    doub N N 349 
TYR C   OXT  sing N N 350 
TYR CB  CG   sing N N 351 
TYR CB  HB2  sing N N 352 
TYR CB  HB3  sing N N 353 
TYR CG  CD1  doub Y N 354 
TYR CG  CD2  sing Y N 355 
TYR CD1 CE1  sing Y N 356 
TYR CD1 HD1  sing N N 357 
TYR CD2 CE2  doub Y N 358 
TYR CD2 HD2  sing N N 359 
TYR CE1 CZ   doub Y N 360 
TYR CE1 HE1  sing N N 361 
TYR CE2 CZ   sing Y N 362 
TYR CE2 HE2  sing N N 363 
TYR CZ  OH   sing N N 364 
TYR OH  HH   sing N N 365 
TYR OXT HXT  sing N N 366 
VAL N   CA   sing N N 367 
VAL N   H    sing N N 368 
VAL N   H2   sing N N 369 
VAL CA  C    sing N N 370 
VAL CA  CB   sing N N 371 
VAL CA  HA   sing N N 372 
VAL C   O    doub N N 373 
VAL C   OXT  sing N N 374 
VAL CB  CG1  sing N N 375 
VAL CB  CG2  sing N N 376 
VAL CB  HB   sing N N 377 
VAL CG1 HG11 sing N N 378 
VAL CG1 HG12 sing N N 379 
VAL CG1 HG13 sing N N 380 
VAL CG2 HG21 sing N N 381 
VAL CG2 HG22 sing N N 382 
VAL CG2 HG23 sing N N 383 
VAL OXT HXT  sing N N 384 
# 
_atom_sites.entry_id                    3ERV 
_atom_sites.fract_transf_matrix[1][1]   -0.00949246 
_atom_sites.fract_transf_matrix[1][2]   0.00206417 
_atom_sites.fract_transf_matrix[1][3]   0.00166249 
_atom_sites.fract_transf_matrix[2][1]   -0.00471494 
_atom_sites.fract_transf_matrix[2][2]   0.00647214 
_atom_sites.fract_transf_matrix[2][3]   -0.00574472 
_atom_sites.fract_transf_matrix[3][1]   -0.00735203 
_atom_sites.fract_transf_matrix[3][2]   -0.02027355 
_atom_sites.fract_transf_matrix[3][3]   -0.01680658 
_atom_sites.fract_transf_vector[1]      0.681206 
_atom_sites.fract_transf_vector[2]      0.510177 
_atom_sites.fract_transf_vector[3]      0.090585 
# 
loop_
_atom_type.symbol 
C 
N 
O 
S 
# 
loop_
_atom_site.group_PDB 
_atom_site.id 
_atom_site.type_symbol 
_atom_site.label_atom_id 
_atom_site.label_alt_id 
_atom_site.label_comp_id 
_atom_site.label_asym_id 
_atom_site.label_entity_id 
_atom_site.label_seq_id 
_atom_site.pdbx_PDB_ins_code 
_atom_site.Cartn_x 
_atom_site.Cartn_y 
_atom_site.Cartn_z 
_atom_site.occupancy 
_atom_site.B_iso_or_equiv 
_atom_site.pdbx_formal_charge 
_atom_site.auth_seq_id 
_atom_site.auth_comp_id 
_atom_site.auth_asym_id 
_atom_site.auth_atom_id 
_atom_site.pdbx_PDB_model_num 
ATOM   1    N N   . ASP A 1 29  ? -12.259 24.360  9.233   1.00 87.05 ? 51  ASP A N   1 
ATOM   2    C CA  . ASP A 1 29  ? -12.254 23.296  8.158   1.00 86.79 ? 51  ASP A CA  1 
ATOM   3    C C   . ASP A 1 29  ? -12.124 21.873  8.727   1.00 85.81 ? 51  ASP A C   1 
ATOM   4    O O   . ASP A 1 29  ? -11.436 21.663  9.733   1.00 86.51 ? 51  ASP A O   1 
ATOM   5    C CB  . ASP A 1 29  ? -11.131 23.556  7.152   1.00 87.21 ? 51  ASP A CB  1 
ATOM   6    C CG  . ASP A 1 29  ? -11.491 23.116  5.737   1.00 88.76 ? 51  ASP A CG  1 
ATOM   7    O OD1 . ASP A 1 29  ? -12.687 23.204  5.363   1.00 90.94 ? 51  ASP A OD1 1 
ATOM   8    O OD2 . ASP A 1 29  ? -10.576 22.691  4.994   1.00 90.15 ? 51  ASP A OD2 1 
ATOM   9    N N   . GLU A 1 30  ? -12.759 20.902  8.063   1.00 84.19 ? 52  GLU A N   1 
ATOM   10   C CA  . GLU A 1 30  ? -12.872 19.519  8.570   1.00 82.36 ? 52  GLU A CA  1 
ATOM   11   C C   . GLU A 1 30  ? -11.539 18.737  8.691   1.00 81.02 ? 52  GLU A C   1 
ATOM   12   O O   . GLU A 1 30  ? -10.917 18.351  7.681   1.00 81.06 ? 52  GLU A O   1 
ATOM   13   C CB  . GLU A 1 30  ? -13.888 18.721  7.738   1.00 82.66 ? 52  GLU A CB  1 
ATOM   14   N N   . LYS A 1 31  ? -11.105 18.531  9.936   1.00 78.22 ? 53  LYS A N   1 
ATOM   15   C CA  . LYS A 1 31  ? -9.986  17.639  10.210  1.00 75.65 ? 53  LYS A CA  1 
ATOM   16   C C   . LYS A 1 31  ? -10.456 16.244  10.646  1.00 73.54 ? 53  LYS A C   1 
ATOM   17   O O   . LYS A 1 31  ? -11.107 16.102  11.679  1.00 73.37 ? 53  LYS A O   1 
ATOM   18   C CB  . LYS A 1 31  ? -9.048  18.193  11.285  1.00 75.51 ? 53  LYS A CB  1 
ATOM   19   C CG  . LYS A 1 31  ? -7.876  17.258  11.489  1.00 74.89 ? 53  LYS A CG  1 
ATOM   20   C CD  . LYS A 1 31  ? -7.158  17.497  12.794  1.00 78.53 ? 53  LYS A CD  1 
ATOM   21   C CE  . LYS A 1 31  ? -5.831  16.729  12.818  1.00 79.88 ? 53  LYS A CE  1 
ATOM   22   N NZ  . LYS A 1 31  ? -5.197  16.784  14.164  1.00 82.65 ? 53  LYS A NZ  1 
ATOM   23   N N   . VAL A 1 32  ? -10.099 15.225  9.874   1.00 70.21 ? 54  VAL A N   1 
ATOM   24   C CA  . VAL A 1 32  ? -10.450 13.871  10.245  1.00 67.70 ? 54  VAL A CA  1 
ATOM   25   C C   . VAL A 1 32  ? -9.209  13.011  10.488  1.00 65.66 ? 54  VAL A C   1 
ATOM   26   O O   . VAL A 1 32  ? -8.272  13.031  9.684   1.00 64.34 ? 54  VAL A O   1 
ATOM   27   C CB  . VAL A 1 32  ? -11.329 13.231  9.174   1.00 67.98 ? 54  VAL A CB  1 
ATOM   28   C CG1 . VAL A 1 32  ? -11.702 11.809  9.578   1.00 67.63 ? 54  VAL A CG1 1 
ATOM   29   C CG2 . VAL A 1 32  ? -12.561 14.065  9.000   1.00 68.39 ? 54  VAL A CG2 1 
ATOM   30   N N   . ILE A 1 33  ? -9.202  12.279  11.608  1.00 62.72 ? 55  ILE A N   1 
ATOM   31   C CA  . ILE A 1 33  ? -8.146  11.303  11.849  1.00 60.40 ? 55  ILE A CA  1 
ATOM   32   C C   . ILE A 1 33  ? -8.601  10.061  12.632  1.00 58.26 ? 55  ILE A C   1 
ATOM   33   O O   . ILE A 1 33  ? -9.264  10.171  13.664  1.00 56.91 ? 55  ILE A O   1 
ATOM   34   C CB  . ILE A 1 33  ? -6.939  11.920  12.552  1.00 61.15 ? 55  ILE A CB  1 
ATOM   35   C CG1 . ILE A 1 33  ? -5.854  10.859  12.713  1.00 61.06 ? 55  ILE A CG1 1 
ATOM   36   C CG2 . ILE A 1 33  ? -7.353  12.520  13.907  1.00 61.32 ? 55  ILE A CG2 1 
ATOM   37   C CD1 . ILE A 1 33  ? -4.502  11.385  12.415  1.00 64.13 ? 55  ILE A CD1 1 
ATOM   38   N N   . LEU A 1 34  ? -8.222  8.888   12.114  1.00 55.33 ? 56  LEU A N   1 
ATOM   39   C CA  . LEU A 1 34  ? -8.541  7.608   12.721  1.00 52.95 ? 56  LEU A CA  1 
ATOM   40   C C   . LEU A 1 34  ? -7.307  7.229   13.520  1.00 52.75 ? 56  LEU A C   1 
ATOM   41   O O   . LEU A 1 34  ? -6.497  6.362   13.121  1.00 51.33 ? 56  LEU A O   1 
ATOM   42   C CB  . LEU A 1 34  ? -8.834  6.571   11.622  1.00 52.69 ? 56  LEU A CB  1 
ATOM   43   C CG  . LEU A 1 34  ? -9.980  6.888   10.648  1.00 49.78 ? 56  LEU A CG  1 
ATOM   44   C CD1 . LEU A 1 34  ? -10.007 5.855   9.549   1.00 48.60 ? 56  LEU A CD1 1 
ATOM   45   C CD2 . LEU A 1 34  ? -11.374 6.955   11.335  1.00 50.75 ? 56  LEU A CD2 1 
ATOM   46   N N   . SER A 1 35  ? -7.168  7.885   14.669  1.00 51.53 ? 57  SER A N   1 
ATOM   47   C CA  . SER A 1 35  ? -5.921  7.856   15.392  1.00 50.28 ? 57  SER A CA  1 
ATOM   48   C C   . SER A 1 35  ? -5.726  6.535   16.141  1.00 48.46 ? 57  SER A C   1 
ATOM   49   O O   . SER A 1 35  ? -4.649  6.273   16.653  1.00 47.89 ? 57  SER A O   1 
ATOM   50   C CB  . SER A 1 35  ? -5.855  9.068   16.331  1.00 51.35 ? 57  SER A CB  1 
ATOM   51   O OG  . SER A 1 35  ? -6.935  9.041   17.252  1.00 55.35 ? 57  SER A OG  1 
ATOM   52   N N   . ASN A 1 36  ? -6.739  5.667   16.161  1.00 46.70 ? 58  ASN A N   1 
ATOM   53   C CA  . ASN A 1 36  ? -6.560  4.360   16.831  1.00 45.60 ? 58  ASN A CA  1 
ATOM   54   C C   . ASN A 1 36  ? -6.344  3.163   15.924  1.00 44.61 ? 58  ASN A C   1 
ATOM   55   O O   . ASN A 1 36  ? -6.387  1.979   16.367  1.00 43.92 ? 58  ASN A O   1 
ATOM   56   C CB  . ASN A 1 36  ? -7.630  4.101   17.917  1.00 44.07 ? 58  ASN A CB  1 
ATOM   57   C CG  . ASN A 1 36  ? -7.373  4.938   19.164  1.00 48.83 ? 58  ASN A CG  1 
ATOM   58   O OD1 . ASN A 1 36  ? -6.323  5.616   19.254  1.00 49.85 ? 58  ASN A OD1 1 
ATOM   59   N ND2 . ASN A 1 36  ? -8.277  4.865   20.152  1.00 46.00 ? 58  ASN A ND2 1 
ATOM   60   N N   . VAL A 1 37  ? -6.093  3.472   14.660  1.00 43.69 ? 59  VAL A N   1 
ATOM   61   C CA  . VAL A 1 37  ? -5.591  2.476   13.719  1.00 43.50 ? 59  VAL A CA  1 
ATOM   62   C C   . VAL A 1 37  ? -4.283  1.973   14.350  1.00 43.62 ? 59  VAL A C   1 
ATOM   63   O O   . VAL A 1 37  ? -3.412  2.769   14.699  1.00 43.20 ? 59  VAL A O   1 
ATOM   64   C CB  . VAL A 1 37  ? -5.347  3.116   12.285  1.00 43.85 ? 59  VAL A CB  1 
ATOM   65   C CG1 . VAL A 1 37  ? -4.524  2.174   11.356  1.00 43.25 ? 59  VAL A CG1 1 
ATOM   66   C CG2 . VAL A 1 37  ? -6.699  3.563   11.664  1.00 40.58 ? 59  VAL A CG2 1 
ATOM   67   N N   . PRO A 1 38  ? -4.147  0.643   14.500  1.00 43.66 ? 60  PRO A N   1 
ATOM   68   C CA  . PRO A 1 38  ? -2.942  0.074   15.146  1.00 43.30 ? 60  PRO A CA  1 
ATOM   69   C C   . PRO A 1 38  ? -1.648  0.443   14.396  1.00 44.25 ? 60  PRO A C   1 
ATOM   70   O O   . PRO A 1 38  ? -1.668  0.680   13.213  1.00 43.92 ? 60  PRO A O   1 
ATOM   71   C CB  . PRO A 1 38  ? -3.183  -1.459  15.075  1.00 42.88 ? 60  PRO A CB  1 
ATOM   72   C CG  . PRO A 1 38  ? -4.597  -1.635  14.927  1.00 45.19 ? 60  PRO A CG  1 
ATOM   73   C CD  . PRO A 1 38  ? -5.182  -0.371  14.225  1.00 41.82 ? 60  PRO A CD  1 
ATOM   74   N N   . PHE A 1 39  ? -0.523  0.506   15.103  1.00 44.77 ? 61  PHE A N   1 
ATOM   75   C CA  . PHE A 1 39  ? 0.724   0.910   14.490  1.00 44.81 ? 61  PHE A CA  1 
ATOM   76   C C   . PHE A 1 39  ? 1.631   -0.310  14.478  1.00 44.73 ? 61  PHE A C   1 
ATOM   77   O O   . PHE A 1 39  ? 1.873   -0.916  15.519  1.00 44.89 ? 61  PHE A O   1 
ATOM   78   C CB  . PHE A 1 39  ? 1.337   2.127   15.262  1.00 46.07 ? 61  PHE A CB  1 
ATOM   79   C CG  . PHE A 1 39  ? 2.823   2.349   15.013  1.00 48.01 ? 61  PHE A CG  1 
ATOM   80   C CD1 . PHE A 1 39  ? 3.263   3.083   13.956  1.00 50.47 ? 61  PHE A CD1 1 
ATOM   81   C CD2 . PHE A 1 39  ? 3.774   1.818   15.896  1.00 54.61 ? 61  PHE A CD2 1 
ATOM   82   C CE1 . PHE A 1 39  ? 4.656   3.274   13.742  1.00 55.68 ? 61  PHE A CE1 1 
ATOM   83   C CE2 . PHE A 1 39  ? 5.148   2.008   15.700  1.00 57.08 ? 61  PHE A CE2 1 
ATOM   84   C CZ  . PHE A 1 39  ? 5.586   2.737   14.616  1.00 54.33 ? 61  PHE A CZ  1 
ATOM   85   N N   . ILE A 1 40  ? 2.120   -0.660  13.284  1.00 45.29 ? 62  ILE A N   1 
ATOM   86   C CA  . ILE A 1 40  ? 3.123   -1.728  13.078  1.00 45.46 ? 62  ILE A CA  1 
ATOM   87   C C   . ILE A 1 40  ? 4.290   -1.242  12.179  1.00 46.20 ? 62  ILE A C   1 
ATOM   88   O O   . ILE A 1 40  ? 4.103   -0.435  11.251  1.00 44.94 ? 62  ILE A O   1 
ATOM   89   C CB  . ILE A 1 40  ? 2.480   -2.995  12.429  1.00 45.39 ? 62  ILE A CB  1 
ATOM   90   C CG1 . ILE A 1 40  ? 1.161   -3.341  13.140  1.00 46.03 ? 62  ILE A CG1 1 
ATOM   91   C CG2 . ILE A 1 40  ? 3.462   -4.215  12.530  1.00 43.54 ? 62  ILE A CG2 1 
ATOM   92   C CD1 . ILE A 1 40  ? 0.304   -4.422  12.439  1.00 44.42 ? 62  ILE A CD1 1 
ATOM   93   N N   . GLN A 1 41  ? 5.490   -1.744  12.467  1.00 46.45 ? 63  GLN A N   1 
ATOM   94   C CA  . GLN A 1 41  ? 6.675   -1.451  11.687  1.00 46.53 ? 63  GLN A CA  1 
ATOM   95   C C   . GLN A 1 41  ? 7.018   -2.710  10.890  1.00 45.98 ? 63  GLN A C   1 
ATOM   96   O O   . GLN A 1 41  ? 6.897   -3.794  11.442  1.00 44.42 ? 63  GLN A O   1 
ATOM   97   C CB  . GLN A 1 41  ? 7.839   -1.097  12.636  1.00 47.39 ? 63  GLN A CB  1 
ATOM   98   C CG  . GLN A 1 41  ? 7.715   0.328   13.238  1.00 49.30 ? 63  GLN A CG  1 
ATOM   99   C CD  . GLN A 1 41  ? 7.692   1.443   12.166  1.00 55.89 ? 63  GLN A CD  1 
ATOM   100  O OE1 . GLN A 1 41  ? 8.740   2.055   11.860  1.00 54.62 ? 63  GLN A OE1 1 
ATOM   101  N NE2 . GLN A 1 41  ? 6.485   1.722   11.591  1.00 56.87 ? 63  GLN A NE2 1 
ATOM   102  N N   . GLN A 1 42  ? 7.453   -2.572  9.623   1.00 44.42 ? 64  GLN A N   1 
ATOM   103  C CA  . GLN A 1 42  ? 7.867   -3.753  8.855   1.00 45.00 ? 64  GLN A CA  1 
ATOM   104  C C   . GLN A 1 42  ? 9.178   -4.375  9.382   1.00 45.70 ? 64  GLN A C   1 
ATOM   105  O O   . GLN A 1 42  ? 9.313   -5.608  9.408   1.00 45.63 ? 64  GLN A O   1 
ATOM   106  C CB  . GLN A 1 42  ? 7.968   -3.450  7.351   1.00 44.69 ? 64  GLN A CB  1 
ATOM   107  C CG  . GLN A 1 42  ? 9.053   -2.409  6.937   1.00 44.10 ? 64  GLN A CG  1 
ATOM   108  C CD  . GLN A 1 42  ? 8.881   -1.957  5.489   1.00 41.89 ? 64  GLN A CD  1 
ATOM   109  O OE1 . GLN A 1 42  ? 7.939   -1.268  5.160   1.00 47.90 ? 64  GLN A OE1 1 
ATOM   110  N NE2 . GLN A 1 42  ? 9.797   -2.365  4.620   1.00 43.37 ? 64  GLN A NE2 1 
ATOM   111  N N   . LEU A 1 43  ? 10.127  -3.526  9.802   1.00 45.50 ? 65  LEU A N   1 
ATOM   112  C CA  . LEU A 1 43  ? 11.426  -4.011  10.294  1.00 46.65 ? 65  LEU A CA  1 
ATOM   113  C C   . LEU A 1 43  ? 11.286  -4.367  11.730  1.00 45.88 ? 65  LEU A C   1 
ATOM   114  O O   . LEU A 1 43  ? 10.434  -3.818  12.406  1.00 47.50 ? 65  LEU A O   1 
ATOM   115  C CB  . LEU A 1 43  ? 12.523  -2.931  10.174  1.00 46.79 ? 65  LEU A CB  1 
ATOM   116  C CG  . LEU A 1 43  ? 12.788  -2.441  8.772   1.00 47.70 ? 65  LEU A CG  1 
ATOM   117  C CD1 . LEU A 1 43  ? 13.643  -1.160  8.782   1.00 48.56 ? 65  LEU A CD1 1 
ATOM   118  C CD2 . LEU A 1 43  ? 13.457  -3.566  7.965   1.00 48.24 ? 65  LEU A CD2 1 
ATOM   119  N N   . PRO A 1 44  ? 12.128  -5.287  12.220  1.00 47.18 ? 66  PRO A N   1 
ATOM   120  C CA  . PRO A 1 44  ? 13.251  -5.854  11.455  1.00 46.13 ? 66  PRO A CA  1 
ATOM   121  C C   . PRO A 1 44  ? 12.923  -7.067  10.539  1.00 45.90 ? 66  PRO A C   1 
ATOM   122  O O   . PRO A 1 44  ? 13.711  -7.379  9.653   1.00 45.68 ? 66  PRO A O   1 
ATOM   123  C CB  . PRO A 1 44  ? 14.197  -6.319  12.572  1.00 46.31 ? 66  PRO A CB  1 
ATOM   124  C CG  . PRO A 1 44  ? 13.246  -6.743  13.689  1.00 45.59 ? 66  PRO A CG  1 
ATOM   125  C CD  . PRO A 1 44  ? 12.187  -5.668  13.659  1.00 45.95 ? 66  PRO A CD  1 
ATOM   126  N N   . GLU A 1 45  ? 11.800  -7.753  10.770  1.00 45.49 ? 67  GLU A N   1 
ATOM   127  C CA  . GLU A 1 45  ? 11.471  -9.008  10.062  1.00 45.09 ? 67  GLU A CA  1 
ATOM   128  C C   . GLU A 1 45  ? 11.278  -8.948  8.529   1.00 42.75 ? 67  GLU A C   1 
ATOM   129  O O   . GLU A 1 45  ? 11.603  -9.889  7.827   1.00 43.43 ? 67  GLU A O   1 
ATOM   130  C CB  . GLU A 1 45  ? 10.230  -9.630  10.694  1.00 45.24 ? 67  GLU A CB  1 
ATOM   131  C CG  . GLU A 1 45  ? 10.399  -9.804  12.160  1.00 48.52 ? 67  GLU A CG  1 
ATOM   132  C CD  . GLU A 1 45  ? 9.907   -8.647  13.012  1.00 47.85 ? 67  GLU A CD  1 
ATOM   133  O OE1 . GLU A 1 45  ? 9.765   -7.470  12.598  1.00 47.26 ? 67  GLU A OE1 1 
ATOM   134  O OE2 . GLU A 1 45  ? 9.658   -8.955  14.160  1.00 51.47 ? 67  GLU A OE2 1 
ATOM   135  N N   . LEU A 1 46  ? 10.778  -7.842  8.012   1.00 42.15 ? 68  LEU A N   1 
ATOM   136  C CA  . LEU A 1 46  ? 10.365  -7.773  6.597   1.00 40.51 ? 68  LEU A CA  1 
ATOM   137  C C   . LEU A 1 46  ? 11.026  -6.605  5.915   1.00 41.09 ? 68  LEU A C   1 
ATOM   138  O O   . LEU A 1 46  ? 10.476  -5.506  5.958   1.00 40.27 ? 68  LEU A O   1 
ATOM   139  C CB  . LEU A 1 46  ? 8.841   -7.615  6.485   1.00 40.03 ? 68  LEU A CB  1 
ATOM   140  C CG  . LEU A 1 46  ? 7.966   -8.754  7.067   1.00 39.59 ? 68  LEU A CG  1 
ATOM   141  C CD1 . LEU A 1 46  ? 6.492   -8.518  6.703   1.00 38.34 ? 68  LEU A CD1 1 
ATOM   142  C CD2 . LEU A 1 46  ? 8.463   -10.117 6.472   1.00 37.62 ? 68  LEU A CD2 1 
ATOM   143  N N   . ASP A 1 47  ? 12.187  -6.835  5.296   1.00 40.93 ? 69  ASP A N   1 
ATOM   144  C CA  . ASP A 1 47  ? 12.915  -5.736  4.622   1.00 42.60 ? 69  ASP A CA  1 
ATOM   145  C C   . ASP A 1 47  ? 12.039  -5.119  3.557   1.00 42.75 ? 69  ASP A C   1 
ATOM   146  O O   . ASP A 1 47  ? 12.047  -3.888  3.380   1.00 42.86 ? 69  ASP A O   1 
ATOM   147  C CB  . ASP A 1 47  ? 14.234  -6.208  3.969   1.00 43.16 ? 69  ASP A CB  1 
ATOM   148  C CG  . ASP A 1 47  ? 15.336  -6.424  4.984   1.00 44.96 ? 69  ASP A CG  1 
ATOM   149  O OD1 . ASP A 1 47  ? 15.184  -5.962  6.143   1.00 46.04 ? 69  ASP A OD1 1 
ATOM   150  O OD2 . ASP A 1 47  ? 16.321  -7.131  4.655   1.00 48.99 ? 69  ASP A OD2 1 
ATOM   151  N N   . ARG A 1 48  ? 11.234  -5.957  2.887   1.00 41.55 ? 70  ARG A N   1 
ATOM   152  C CA  . ARG A 1 48  ? 10.326  -5.419  1.898   1.00 40.13 ? 70  ARG A CA  1 
ATOM   153  C C   . ARG A 1 48  ? 8.865   -5.636  2.269   1.00 40.55 ? 70  ARG A C   1 
ATOM   154  O O   . ARG A 1 48  ? 8.052   -6.017  1.419   1.00 39.44 ? 70  ARG A O   1 
ATOM   155  C CB  . ARG A 1 48  ? 10.591  -5.984  0.498   1.00 39.62 ? 70  ARG A CB  1 
ATOM   156  C CG  . ARG A 1 48  ? 11.912  -5.525  -0.101  1.00 38.88 ? 70  ARG A CG  1 
ATOM   157  C CD  . ARG A 1 48  ? 12.127  -5.982  -1.558  1.00 38.12 ? 70  ARG A CD  1 
ATOM   158  N NE  . ARG A 1 48  ? 13.527  -5.754  -1.979  1.00 41.11 ? 70  ARG A NE  1 
ATOM   159  C CZ  . ARG A 1 48  ? 14.541  -6.617  -1.813  1.00 43.79 ? 70  ARG A CZ  1 
ATOM   160  N NH1 . ARG A 1 48  ? 14.352  -7.831  -1.263  1.00 38.66 ? 70  ARG A NH1 1 
ATOM   161  N NH2 . ARG A 1 48  ? 15.774  -6.280  -2.230  1.00 41.00 ? 70  ARG A NH2 1 
ATOM   162  N N   . GLY A 1 49  ? 8.527   -5.386  3.525   1.00 40.37 ? 71  GLY A N   1 
ATOM   163  C CA  . GLY A 1 49  ? 7.170   -5.633  3.970   1.00 41.13 ? 71  GLY A CA  1 
ATOM   164  C C   . GLY A 1 49  ? 6.195   -4.467  4.076   1.00 41.79 ? 71  GLY A C   1 
ATOM   165  O O   . GLY A 1 49  ? 5.206   -4.590  4.782   1.00 42.40 ? 71  GLY A O   1 
ATOM   166  N N   . CYS A 1 50  ? 6.436   -3.347  3.395   1.00 41.15 ? 72  CYS A N   1 
ATOM   167  C CA  . CYS A 1 50  ? 5.544   -2.178  3.539   1.00 41.65 ? 72  CYS A CA  1 
ATOM   168  C C   . CYS A 1 50  ? 4.086   -2.475  3.118   1.00 41.04 ? 72  CYS A C   1 
ATOM   169  O O   . CYS A 1 50  ? 3.164   -2.088  3.804   1.00 39.17 ? 72  CYS A O   1 
ATOM   170  C CB  . CYS A 1 50  ? 6.077   -0.929  2.809   1.00 41.16 ? 72  CYS A CB  1 
ATOM   171  S SG  . CYS A 1 50  ? 6.218   -1.065  0.988   1.00 47.68 ? 72  CYS A SG  1 
ATOM   172  N N   . GLU A 1 51  ? 3.870   -3.142  1.984   1.00 40.08 ? 73  GLU A N   1 
ATOM   173  C CA  . GLU A 1 51  ? 2.475   -3.487  1.623   1.00 39.54 ? 73  GLU A CA  1 
ATOM   174  C C   . GLU A 1 51  ? 1.749   -4.437  2.583   1.00 40.00 ? 73  GLU A C   1 
ATOM   175  O O   . GLU A 1 51  ? 0.579   -4.187  2.993   1.00 39.38 ? 73  GLU A O   1 
ATOM   176  C CB  . GLU A 1 51  ? 2.428   -4.061  0.203   1.00 39.98 ? 73  GLU A CB  1 
ATOM   177  C CG  . GLU A 1 51  ? 3.118   -3.202  -0.850  1.00 40.76 ? 73  GLU A CG  1 
ATOM   178  C CD  . GLU A 1 51  ? 4.552   -3.590  -1.228  1.00 45.64 ? 73  GLU A CD  1 
ATOM   179  O OE1 . GLU A 1 51  ? 5.239   -4.298  -0.459  1.00 48.88 ? 73  GLU A OE1 1 
ATOM   180  O OE2 . GLU A 1 51  ? 5.033   -3.113  -2.310  1.00 45.50 ? 73  GLU A OE2 1 
ATOM   181  N N   . VAL A 1 52  ? 2.398   -5.538  2.942   1.00 40.05 ? 74  VAL A N   1 
ATOM   182  C CA  . VAL A 1 52  ? 1.724   -6.477  3.839   1.00 40.99 ? 74  VAL A CA  1 
ATOM   183  C C   . VAL A 1 52  ? 1.586   -5.896  5.259   1.00 41.52 ? 74  VAL A C   1 
ATOM   184  O O   . VAL A 1 52  ? 0.663   -6.256  6.004   1.00 41.28 ? 74  VAL A O   1 
ATOM   185  C CB  . VAL A 1 52  ? 2.367   -7.901  3.877   1.00 39.80 ? 74  VAL A CB  1 
ATOM   186  C CG1 . VAL A 1 52  ? 2.324   -8.591  2.477   1.00 38.61 ? 74  VAL A CG1 1 
ATOM   187  C CG2 . VAL A 1 52  ? 3.811   -7.914  4.491   1.00 39.42 ? 74  VAL A CG2 1 
ATOM   188  N N   . THR A 1 53  ? 2.517   -5.033  5.644   1.00 41.24 ? 75  THR A N   1 
ATOM   189  C CA  . THR A 1 53  ? 2.463   -4.444  6.988   1.00 40.70 ? 75  THR A CA  1 
ATOM   190  C C   . THR A 1 53  ? 1.331   -3.417  7.100   1.00 41.09 ? 75  THR A C   1 
ATOM   191  O O   . THR A 1 53  ? 0.639   -3.399  8.125   1.00 42.09 ? 75  THR A O   1 
ATOM   192  C CB  . THR A 1 53  ? 3.839   -3.844  7.422   1.00 41.71 ? 75  THR A CB  1 
ATOM   193  O OG1 . THR A 1 53  ? 4.838   -4.872  7.371   1.00 41.83 ? 75  THR A OG1 1 
ATOM   194  C CG2 . THR A 1 53  ? 3.779   -3.329  8.847   1.00 39.01 ? 75  THR A CG2 1 
ATOM   195  N N   . SER A 1 54  ? 1.153   -2.564  6.061   1.00 41.23 ? 76  SER A N   1 
ATOM   196  C CA  . SER A 1 54  ? 0.002   -1.641  5.957   1.00 41.27 ? 76  SER A CA  1 
ATOM   197  C C   . SER A 1 54  ? -1.345  -2.393  5.906   1.00 40.38 ? 76  SER A C   1 
ATOM   198  O O   . SER A 1 54  ? -2.352  -2.007  6.541   1.00 40.18 ? 76  SER A O   1 
ATOM   199  C CB  . SER A 1 54  ? 0.112   -0.770  4.688   1.00 41.74 ? 76  SER A CB  1 
ATOM   200  O OG  . SER A 1 54  ? 1.281   0.091   4.705   1.00 41.47 ? 76  SER A OG  1 
ATOM   201  N N   . LEU A 1 55  ? -1.350  -3.458  5.118   1.00 38.67 ? 77  LEU A N   1 
ATOM   202  C CA  . LEU A 1 55  ? -2.484  -4.316  5.061   1.00 39.15 ? 77  LEU A CA  1 
ATOM   203  C C   . LEU A 1 55  ? -2.779  -4.914  6.444   1.00 38.89 ? 77  LEU A C   1 
ATOM   204  O O   . LEU A 1 55  ? -3.931  -4.948  6.831   1.00 40.52 ? 77  LEU A O   1 
ATOM   205  C CB  . LEU A 1 55  ? -2.321  -5.421  3.991   1.00 38.63 ? 77  LEU A CB  1 
ATOM   206  C CG  . LEU A 1 55  ? -3.611  -6.275  3.885   1.00 39.28 ? 77  LEU A CG  1 
ATOM   207  C CD1 . LEU A 1 55  ? -4.822  -5.429  3.396   1.00 36.74 ? 77  LEU A CD1 1 
ATOM   208  C CD2 . LEU A 1 55  ? -3.386  -7.540  2.981   1.00 36.96 ? 77  LEU A CD2 1 
ATOM   209  N N   . ALA A 1 56  ? -1.755  -5.350  7.184   1.00 37.97 ? 78  ALA A N   1 
ATOM   210  C CA  . ALA A 1 56  ? -1.972  -5.866  8.527   1.00 38.27 ? 78  ALA A CA  1 
ATOM   211  C C   . ALA A 1 56  ? -2.664  -4.868  9.488   1.00 39.50 ? 78  ALA A C   1 
ATOM   212  O O   . ALA A 1 56  ? -3.684  -5.183  10.121  1.00 39.56 ? 78  ALA A O   1 
ATOM   213  C CB  . ALA A 1 56  ? -0.643  -6.443  9.123   1.00 36.58 ? 78  ALA A CB  1 
ATOM   214  N N   . MET A 1 57  ? -2.172  -3.643  9.516   1.00 40.19 ? 79  MET A N   1 
ATOM   215  C CA  . MET A 1 57  ? -2.807  -2.554  10.284  1.00 41.12 ? 79  MET A CA  1 
ATOM   216  C C   . MET A 1 57  ? -4.283  -2.355  9.903   1.00 41.43 ? 79  MET A C   1 
ATOM   217  O O   . MET A 1 57  ? -5.151  -2.184  10.788  1.00 42.09 ? 79  MET A O   1 
ATOM   218  C CB  . MET A 1 57  ? -2.048  -1.215  10.063  1.00 39.71 ? 79  MET A CB  1 
ATOM   219  C CG  . MET A 1 57  ? -0.680  -1.082  10.815  1.00 39.60 ? 79  MET A CG  1 
ATOM   220  S SD  . MET A 1 57  ? 0.207   0.546   10.632  1.00 30.41 ? 79  MET A SD  1 
ATOM   221  C CE  . MET A 1 57  ? 1.272   0.227   9.224   1.00 37.79 ? 79  MET A CE  1 
ATOM   222  N N   . MET A 1 58  ? -4.573  -2.353  8.601   1.00 41.78 ? 80  MET A N   1 
ATOM   223  C CA  . MET A 1 58  ? -5.946  -2.186  8.103   1.00 41.19 ? 80  MET A CA  1 
ATOM   224  C C   . MET A 1 58  ? -6.829  -3.325  8.562   1.00 41.74 ? 80  MET A C   1 
ATOM   225  O O   . MET A 1 58  ? -7.933  -3.095  9.113   1.00 43.11 ? 80  MET A O   1 
ATOM   226  C CB  . MET A 1 58  ? -5.965  -2.111  6.551   1.00 41.53 ? 80  MET A CB  1 
ATOM   227  C CG  . MET A 1 58  ? -7.326  -1.645  5.831   1.00 40.41 ? 80  MET A CG  1 
ATOM   228  S SD  . MET A 1 58  ? -7.604  -2.199  4.104   1.00 31.37 ? 80  MET A SD  1 
ATOM   229  C CE  . MET A 1 58  ? -8.097  -3.899  4.488   1.00 39.86 ? 80  MET A CE  1 
ATOM   230  N N   . LEU A 1 59  ? -6.355  -4.557  8.333   1.00 41.40 ? 81  LEU A N   1 
ATOM   231  C CA  . LEU A 1 59  ? -7.106  -5.765  8.747   1.00 40.39 ? 81  LEU A CA  1 
ATOM   232  C C   . LEU A 1 59  ? -7.383  -5.836  10.268  1.00 40.45 ? 81  LEU A C   1 
ATOM   233  O O   . LEU A 1 59  ? -8.503  -6.159  10.682  1.00 40.83 ? 81  LEU A O   1 
ATOM   234  C CB  . LEU A 1 59  ? -6.332  -7.022  8.310   1.00 38.82 ? 81  LEU A CB  1 
ATOM   235  C CG  . LEU A 1 59  ? -6.406  -7.278  6.775   1.00 39.31 ? 81  LEU A CG  1 
ATOM   236  C CD1 . LEU A 1 59  ? -5.642  -8.552  6.388   1.00 37.40 ? 81  LEU A CD1 1 
ATOM   237  C CD2 . LEU A 1 59  ? -7.872  -7.376  6.347   1.00 38.49 ? 81  LEU A CD2 1 
ATOM   238  N N   . GLN A 1 60  ? -6.357  -5.585  11.087  1.00 40.07 ? 82  GLN A N   1 
ATOM   239  C CA  . GLN A 1 60  ? -6.522  -5.451  12.542  1.00 41.82 ? 82  GLN A CA  1 
ATOM   240  C C   . GLN A 1 60  ? -7.604  -4.453  12.938  1.00 42.61 ? 82  GLN A C   1 
ATOM   241  O O   . GLN A 1 60  ? -8.486  -4.776  13.755  1.00 44.09 ? 82  GLN A O   1 
ATOM   242  C CB  . GLN A 1 60  ? -5.193  -5.064  13.222  1.00 41.39 ? 82  GLN A CB  1 
ATOM   243  C CG  . GLN A 1 60  ? -4.236  -6.187  13.200  1.00 43.05 ? 82  GLN A CG  1 
ATOM   244  C CD  . GLN A 1 60  ? -2.898  -5.844  13.808  1.00 49.89 ? 82  GLN A CD  1 
ATOM   245  O OE1 . GLN A 1 60  ? -2.715  -4.754  14.385  1.00 47.39 ? 82  GLN A OE1 1 
ATOM   246  N NE2 . GLN A 1 60  ? -1.933  -6.786  13.691  1.00 48.38 ? 82  GLN A NE2 1 
ATOM   247  N N   . TYR A 1 61  ? -7.535  -3.235  12.397  1.00 42.52 ? 83  TYR A N   1 
ATOM   248  C CA  . TYR A 1 61  ? -8.562  -2.228  12.707  1.00 43.03 ? 83  TYR A CA  1 
ATOM   249  C C   . TYR A 1 61  ? -9.950  -2.687  12.264  1.00 43.62 ? 83  TYR A C   1 
ATOM   250  O O   . TYR A 1 61  ? -10.938 -2.377  12.903  1.00 44.05 ? 83  TYR A O   1 
ATOM   251  C CB  . TYR A 1 61  ? -8.275  -0.935  11.966  1.00 42.70 ? 83  TYR A CB  1 
ATOM   252  C CG  . TYR A 1 61  ? -8.990  0.277   12.486  1.00 42.16 ? 83  TYR A CG  1 
ATOM   253  C CD1 . TYR A 1 61  ? -8.792  0.714   13.798  1.00 39.62 ? 83  TYR A CD1 1 
ATOM   254  C CD2 . TYR A 1 61  ? -9.842  1.011   11.651  1.00 39.62 ? 83  TYR A CD2 1 
ATOM   255  C CE1 . TYR A 1 61  ? -9.401  1.889   14.253  1.00 43.11 ? 83  TYR A CE1 1 
ATOM   256  C CE2 . TYR A 1 61  ? -10.490 2.159   12.099  1.00 39.35 ? 83  TYR A CE2 1 
ATOM   257  C CZ  . TYR A 1 61  ? -10.253 2.594   13.388  1.00 42.32 ? 83  TYR A CZ  1 
ATOM   258  O OH  . TYR A 1 61  ? -10.860 3.722   13.812  1.00 45.89 ? 83  TYR A OH  1 
ATOM   259  N N   . ALA A 1 62  ? -10.014 -3.411  11.159  1.00 44.23 ? 84  ALA A N   1 
ATOM   260  C CA  . ALA A 1 62  ? -11.287 -3.986  10.716  1.00 44.09 ? 84  ALA A CA  1 
ATOM   261  C C   . ALA A 1 62  ? -11.781 -5.145  11.612  1.00 45.18 ? 84  ALA A C   1 
ATOM   262  O O   . ALA A 1 62  ? -12.875 -5.647  11.399  1.00 45.98 ? 84  ALA A O   1 
ATOM   263  C CB  . ALA A 1 62  ? -11.182 -4.430  9.265   1.00 43.02 ? 84  ALA A CB  1 
ATOM   264  N N   . GLY A 1 63  ? -10.989 -5.576  12.606  1.00 44.31 ? 85  GLY A N   1 
ATOM   265  C CA  . GLY A 1 63  ? -11.446 -6.624  13.486  1.00 43.50 ? 85  GLY A CA  1 
ATOM   266  C C   . GLY A 1 63  ? -10.818 -7.998  13.267  1.00 43.96 ? 85  GLY A C   1 
ATOM   267  O O   . GLY A 1 63  ? -11.173 -8.959  13.945  1.00 42.34 ? 85  GLY A O   1 
ATOM   268  N N   . ILE A 1 64  ? -9.868  -8.106  12.334  1.00 44.07 ? 86  ILE A N   1 
ATOM   269  C CA  . ILE A 1 64  ? -9.262  -9.413  12.044  1.00 43.50 ? 86  ILE A CA  1 
ATOM   270  C C   . ILE A 1 64  ? -8.012  -9.630  12.908  1.00 43.93 ? 86  ILE A C   1 
ATOM   271  O O   . ILE A 1 64  ? -7.168  -8.718  13.007  1.00 43.45 ? 86  ILE A O   1 
ATOM   272  C CB  . ILE A 1 64  ? -8.860  -9.534  10.540  1.00 43.97 ? 86  ILE A CB  1 
ATOM   273  C CG1 . ILE A 1 64  ? -10.044 -9.156  9.630   1.00 43.71 ? 86  ILE A CG1 1 
ATOM   274  C CG2 . ILE A 1 64  ? -8.232  -10.951 10.253  1.00 43.01 ? 86  ILE A CG2 1 
ATOM   275  C CD1 . ILE A 1 64  ? -11.269 -10.076 9.789   1.00 44.89 ? 86  ILE A CD1 1 
ATOM   276  N N   . THR A 1 65  ? -7.884  -10.814 13.515  1.00 42.78 ? 87  THR A N   1 
ATOM   277  C CA  . THR A 1 65  ? -6.629  -11.193 14.159  1.00 43.59 ? 87  THR A CA  1 
ATOM   278  C C   . THR A 1 65  ? -5.632  -11.644 13.065  1.00 44.27 ? 87  THR A C   1 
ATOM   279  O O   . THR A 1 65  ? -5.826  -12.661 12.413  1.00 44.32 ? 87  THR A O   1 
ATOM   280  C CB  . THR A 1 65  ? -6.837  -12.364 15.156  1.00 43.50 ? 87  THR A CB  1 
ATOM   281  O OG1 . THR A 1 65  ? -7.748  -11.938 16.169  1.00 42.57 ? 87  THR A OG1 1 
ATOM   282  C CG2 . THR A 1 65  ? -5.471  -12.849 15.828  1.00 42.91 ? 87  THR A CG2 1 
ATOM   283  N N   . VAL A 1 66  ? -4.574  -10.890 12.849  1.00 44.89 ? 88  VAL A N   1 
ATOM   284  C CA  . VAL A 1 66  ? -3.616  -11.288 11.838  1.00 45.44 ? 88  VAL A CA  1 
ATOM   285  C C   . VAL A 1 66  ? -2.332  -10.490 12.063  1.00 46.34 ? 88  VAL A C   1 
ATOM   286  O O   . VAL A 1 66  ? -2.371  -9.421  12.664  1.00 46.85 ? 88  VAL A O   1 
ATOM   287  C CB  . VAL A 1 66  ? -4.189  -11.076 10.394  1.00 45.38 ? 88  VAL A CB  1 
ATOM   288  C CG1 . VAL A 1 66  ? -4.389  -9.559  10.082  1.00 43.47 ? 88  VAL A CG1 1 
ATOM   289  C CG2 . VAL A 1 66  ? -3.289  -11.805 9.328   1.00 45.77 ? 88  VAL A CG2 1 
ATOM   290  N N   . ASP A 1 67  ? -1.195  -11.029 11.670  1.00 46.54 ? 89  ASP A N   1 
ATOM   291  C CA  . ASP A 1 67  ? 0.024   -10.250 11.781  1.00 48.22 ? 89  ASP A CA  1 
ATOM   292  C C   . ASP A 1 67  ? 0.725   -10.185 10.424  1.00 47.41 ? 89  ASP A C   1 
ATOM   293  O O   . ASP A 1 67  ? 0.387   -10.935 9.508   1.00 47.11 ? 89  ASP A O   1 
ATOM   294  C CB  . ASP A 1 67  ? 0.960   -10.819 12.833  1.00 48.93 ? 89  ASP A CB  1 
ATOM   295  C CG  . ASP A 1 67  ? 1.448   -12.185 12.469  1.00 53.35 ? 89  ASP A CG  1 
ATOM   296  O OD1 . ASP A 1 67  ? 2.340   -12.353 11.635  1.00 56.05 ? 89  ASP A OD1 1 
ATOM   297  O OD2 . ASP A 1 67  ? 0.927   -13.136 13.029  1.00 63.68 ? 89  ASP A OD2 1 
ATOM   298  N N   . LYS A 1 68  ? 1.695   -9.285  10.318  1.00 46.98 ? 90  LYS A N   1 
ATOM   299  C CA  . LYS A 1 68  ? 2.427   -9.068  9.095   1.00 45.99 ? 90  LYS A CA  1 
ATOM   300  C C   . LYS A 1 68  ? 3.172   -10.313 8.568   1.00 44.68 ? 90  LYS A C   1 
ATOM   301  O O   . LYS A 1 68  ? 3.365   -10.420 7.363   1.00 45.28 ? 90  LYS A O   1 
ATOM   302  C CB  . LYS A 1 68  ? 3.410   -7.916  9.276   1.00 46.58 ? 90  LYS A CB  1 
ATOM   303  C CG  . LYS A 1 68  ? 4.673   -8.292  10.072  1.00 43.61 ? 90  LYS A CG  1 
ATOM   304  C CD  . LYS A 1 68  ? 5.410   -7.002  10.565  1.00 42.93 ? 90  LYS A CD  1 
ATOM   305  C CE  . LYS A 1 68  ? 6.787   -7.363  11.089  1.00 40.66 ? 90  LYS A CE  1 
ATOM   306  N NZ  . LYS A 1 68  ? 7.334   -6.374  12.040  1.00 45.03 ? 90  LYS A NZ  1 
ATOM   307  N N   . MET A 1 69  ? 3.613   -11.221 9.448   1.00 43.20 ? 91  MET A N   1 
ATOM   308  C CA  . MET A 1 69  ? 4.342   -12.416 9.017   1.00 41.95 ? 91  MET A CA  1 
ATOM   309  C C   . MET A 1 69  ? 3.426   -13.408 8.296   1.00 41.94 ? 91  MET A C   1 
ATOM   310  O O   . MET A 1 69  ? 3.815   -14.072 7.319   1.00 41.33 ? 91  MET A O   1 
ATOM   311  C CB  . MET A 1 69  ? 5.045   -13.115 10.215  1.00 41.43 ? 91  MET A CB  1 
ATOM   312  C CG  . MET A 1 69  ? 6.040   -12.180 11.033  1.00 42.63 ? 91  MET A CG  1 
ATOM   313  S SD  . MET A 1 69  ? 7.321   -11.537 9.938   1.00 36.91 ? 91  MET A SD  1 
ATOM   314  C CE  . MET A 1 69  ? 7.914   -13.101 9.226   1.00 41.31 ? 91  MET A CE  1 
ATOM   315  N N   . LYS A 1 70  ? 2.199   -13.542 8.781   1.00 40.73 ? 92  LYS A N   1 
ATOM   316  C CA  . LYS A 1 70  ? 1.262   -14.432 8.100   1.00 41.32 ? 92  LYS A CA  1 
ATOM   317  C C   . LYS A 1 70  ? 0.926   -13.859 6.722   1.00 39.44 ? 92  LYS A C   1 
ATOM   318  O O   . LYS A 1 70  ? 0.860   -14.565 5.730   1.00 38.43 ? 92  LYS A O   1 
ATOM   319  C CB  . LYS A 1 70  ? -0.014  -14.632 8.949   1.00 41.76 ? 92  LYS A CB  1 
ATOM   320  C CG  . LYS A 1 70  ? -1.027  -15.591 8.310   1.00 45.84 ? 92  LYS A CG  1 
ATOM   321  C CD  . LYS A 1 70  ? -1.620  -16.537 9.404   1.00 55.62 ? 92  LYS A CD  1 
ATOM   322  C CE  . LYS A 1 70  ? -2.717  -17.491 8.894   1.00 57.71 ? 92  LYS A CE  1 
ATOM   323  N NZ  . LYS A 1 70  ? -3.952  -16.767 8.455   1.00 60.80 ? 92  LYS A NZ  1 
ATOM   324  N N   . LEU A 1 71  ? 0.740   -12.550 6.653   1.00 39.42 ? 93  LEU A N   1 
ATOM   325  C CA  . LEU A 1 71  ? 0.395   -11.915 5.387   1.00 39.69 ? 93  LEU A CA  1 
ATOM   326  C C   . LEU A 1 71  ? 1.572   -11.994 4.399   1.00 39.77 ? 93  LEU A C   1 
ATOM   327  O O   . LEU A 1 71  ? 1.371   -12.134 3.157   1.00 38.17 ? 93  LEU A O   1 
ATOM   328  C CB  . LEU A 1 71  ? -0.025  -10.441 5.598   1.00 39.53 ? 93  LEU A CB  1 
ATOM   329  C CG  . LEU A 1 71  ? -1.311  -10.295 6.439   1.00 41.89 ? 93  LEU A CG  1 
ATOM   330  C CD1 . LEU A 1 71  ? -1.619  -8.817  6.600   1.00 42.06 ? 93  LEU A CD1 1 
ATOM   331  C CD2 . LEU A 1 71  ? -2.508  -11.006 5.771   1.00 39.47 ? 93  LEU A CD2 1 
ATOM   332  N N   . ALA A 1 72  ? 2.781   -11.876 4.954   1.00 38.81 ? 94  ALA A N   1 
ATOM   333  C CA  . ALA A 1 72  ? 3.985   -11.985 4.136   1.00 38.30 ? 94  ALA A CA  1 
ATOM   334  C C   . ALA A 1 72  ? 4.126   -13.386 3.519   1.00 39.05 ? 94  ALA A C   1 
ATOM   335  O O   . ALA A 1 72  ? 4.641   -13.530 2.404   1.00 40.42 ? 94  ALA A O   1 
ATOM   336  C CB  . ALA A 1 72  ? 5.200   -11.653 4.933   1.00 37.55 ? 94  ALA A CB  1 
ATOM   337  N N   . ASN A 1 73  ? 3.694   -14.423 4.232   1.00 38.93 ? 95  ASN A N   1 
ATOM   338  C CA  . ASN A 1 73  ? 3.762   -15.730 3.651   1.00 39.07 ? 95  ASN A CA  1 
ATOM   339  C C   . ASN A 1 73  ? 2.632   -15.948 2.646   1.00 39.78 ? 95  ASN A C   1 
ATOM   340  O O   . ASN A 1 73  ? 2.797   -16.671 1.670   1.00 39.77 ? 95  ASN A O   1 
ATOM   341  C CB  . ASN A 1 73  ? 3.735   -16.808 4.735   1.00 39.86 ? 95  ASN A CB  1 
ATOM   342  C CG  . ASN A 1 73  ? 3.916   -18.181 4.157   1.00 42.04 ? 95  ASN A CG  1 
ATOM   343  O OD1 . ASN A 1 73  ? 3.144   -19.070 4.419   1.00 45.89 ? 95  ASN A OD1 1 
ATOM   344  N ND2 . ASN A 1 73  ? 4.946   -18.344 3.335   1.00 46.38 ? 95  ASN A ND2 1 
ATOM   345  N N   . GLU A 1 74  ? 1.481   -15.327 2.894   1.00 39.44 ? 96  GLU A N   1 
ATOM   346  C CA  . GLU A 1 74  ? 0.276   -15.577 2.095   1.00 40.59 ? 96  GLU A CA  1 
ATOM   347  C C   . GLU A 1 74  ? 0.145   -14.797 0.802   1.00 40.42 ? 96  GLU A C   1 
ATOM   348  O O   . GLU A 1 74  ? -0.563  -15.216 -0.093  1.00 39.06 ? 96  GLU A O   1 
ATOM   349  C CB  . GLU A 1 74  ? -0.985  -15.413 2.964   1.00 41.13 ? 96  GLU A CB  1 
ATOM   350  C CG  . GLU A 1 74  ? -1.123  -16.587 3.982   1.00 44.33 ? 96  GLU A CG  1 
ATOM   351  C CD  . GLU A 1 74  ? -2.244  -16.336 4.995   1.00 53.67 ? 96  GLU A CD  1 
ATOM   352  O OE1 . GLU A 1 74  ? -2.777  -15.196 5.039   1.00 52.29 ? 96  GLU A OE1 1 
ATOM   353  O OE2 . GLU A 1 74  ? -2.592  -17.283 5.759   1.00 59.71 ? 96  GLU A OE2 1 
ATOM   354  N N   . ILE A 1 75  ? 0.797   -13.642 0.722   1.00 40.01 ? 97  ILE A N   1 
ATOM   355  C CA  . ILE A 1 75  ? 0.745   -12.839 -0.463  1.00 40.92 ? 97  ILE A CA  1 
ATOM   356  C C   . ILE A 1 75  ? 1.242   -13.663 -1.637  1.00 41.52 ? 97  ILE A C   1 
ATOM   357  O O   . ILE A 1 75  ? 2.215   -14.398 -1.522  1.00 40.86 ? 97  ILE A O   1 
ATOM   358  C CB  . ILE A 1 75  ? 1.543   -11.508 -0.339  1.00 41.52 ? 97  ILE A CB  1 
ATOM   359  C CG1 . ILE A 1 75  ? 1.298   -10.651 -1.575  1.00 42.59 ? 97  ILE A CG1 1 
ATOM   360  C CG2 . ILE A 1 75  ? 3.022   -11.760 -0.225  1.00 40.57 ? 97  ILE A CG2 1 
ATOM   361  C CD1 . ILE A 1 75  ? 0.042   -9.907  -1.573  1.00 41.45 ? 97  ILE A CD1 1 
ATOM   362  N N   . LYS A 1 76  ? 0.532   -13.578 -2.757  1.00 42.20 ? 98  LYS A N   1 
ATOM   363  C CA  . LYS A 1 76  ? 0.956   -14.296 -3.963  1.00 43.88 ? 98  LYS A CA  1 
ATOM   364  C C   . LYS A 1 76  ? 2.329   -13.739 -4.393  1.00 44.35 ? 98  LYS A C   1 
ATOM   365  O O   . LYS A 1 76  ? 2.581   -12.519 -4.327  1.00 43.31 ? 98  LYS A O   1 
ATOM   366  C CB  . LYS A 1 76  ? -0.103  -14.117 -5.037  1.00 44.87 ? 98  LYS A CB  1 
ATOM   367  C CG  . LYS A 1 76  ? 0.256   -14.675 -6.443  1.00 51.86 ? 98  LYS A CG  1 
ATOM   368  C CD  . LYS A 1 76  ? -0.963  -14.554 -7.381  1.00 59.71 ? 98  LYS A CD  1 
ATOM   369  C CE  . LYS A 1 76  ? -0.781  -15.311 -8.719  1.00 62.80 ? 98  LYS A CE  1 
ATOM   370  N NZ  . LYS A 1 76  ? -2.111  -15.436 -9.425  1.00 63.12 ? 98  LYS A NZ  1 
ATOM   371  N N   . LYS A 1 77  ? 3.227   -14.623 -4.783  1.00 44.27 ? 99  LYS A N   1 
ATOM   372  C CA  . LYS A 1 77  ? 4.563   -14.203 -5.183  1.00 45.43 ? 99  LYS A CA  1 
ATOM   373  C C   . LYS A 1 77  ? 4.887   -14.555 -6.628  1.00 46.09 ? 99  LYS A C   1 
ATOM   374  O O   . LYS A 1 77  ? 4.414   -15.581 -7.136  1.00 45.41 ? 99  LYS A O   1 
ATOM   375  C CB  . LYS A 1 77  ? 5.593   -14.880 -4.254  1.00 45.33 ? 99  LYS A CB  1 
ATOM   376  C CG  . LYS A 1 77  ? 5.265   -14.461 -2.790  1.00 44.28 ? 99  LYS A CG  1 
ATOM   377  C CD  . LYS A 1 77  ? 6.317   -14.642 -1.805  1.00 42.93 ? 99  LYS A CD  1 
ATOM   378  C CE  . LYS A 1 77  ? 5.765   -14.197 -0.445  1.00 39.93 ? 99  LYS A CE  1 
ATOM   379  N NZ  . LYS A 1 77  ? 4.609   -15.119 -0.041  1.00 38.11 ? 99  LYS A NZ  1 
ATOM   380  N N   . VAL A 1 78  ? 5.731   -13.735 -7.251  1.00 45.77 ? 100 VAL A N   1 
ATOM   381  C CA  . VAL A 1 78  ? 6.333   -14.070 -8.544  1.00 46.04 ? 100 VAL A CA  1 
ATOM   382  C C   . VAL A 1 78  ? 7.846   -13.931 -8.498  1.00 46.19 ? 100 VAL A C   1 
ATOM   383  O O   . VAL A 1 78  ? 8.394   -13.160 -7.726  1.00 46.12 ? 100 VAL A O   1 
ATOM   384  C CB  . VAL A 1 78  ? 5.741   -13.227 -9.701  1.00 45.48 ? 100 VAL A CB  1 
ATOM   385  C CG1 . VAL A 1 78  ? 4.259   -13.492 -9.857  1.00 43.43 ? 100 VAL A CG1 1 
ATOM   386  C CG2 . VAL A 1 78  ? 5.994   -11.712 -9.492  1.00 44.81 ? 100 VAL A CG2 1 
ATOM   387  N N   . ASP A 1 79  ? 8.541   -14.707 -9.309  1.00 47.30 ? 101 ASP A N   1 
ATOM   388  C CA  . ASP A 1 79  ? 9.987   -14.600 -9.349  1.00 48.27 ? 101 ASP A CA  1 
ATOM   389  C C   . ASP A 1 79  ? 10.419  -13.209 -9.806  1.00 47.00 ? 101 ASP A C   1 
ATOM   390  O O   . ASP A 1 79  ? 9.755   -12.614 -10.650 1.00 47.03 ? 101 ASP A O   1 
ATOM   391  C CB  . ASP A 1 79  ? 10.560  -15.633 -10.292 1.00 48.48 ? 101 ASP A CB  1 
ATOM   392  C CG  . ASP A 1 79  ? 10.579  -16.985 -9.694  1.00 53.59 ? 101 ASP A CG  1 
ATOM   393  O OD1 . ASP A 1 79  ? 10.296  -17.090 -8.479  1.00 56.87 ? 101 ASP A OD1 1 
ATOM   394  O OD2 . ASP A 1 79  ? 10.872  -17.946 -10.423 1.00 56.65 ? 101 ASP A OD2 1 
ATOM   395  N N   . PHE A 1 80  ? 11.521  -12.715 -9.237  1.00 47.30 ? 102 PHE A N   1 
ATOM   396  C CA  . PHE A 1 80  ? 12.135  -11.447 -9.666  1.00 48.75 ? 102 PHE A CA  1 
ATOM   397  C C   . PHE A 1 80  ? 12.496  -11.450 -11.183 1.00 49.05 ? 102 PHE A C   1 
ATOM   398  O O   . PHE A 1 80  ? 12.195  -10.509 -11.920 1.00 49.62 ? 102 PHE A O   1 
ATOM   399  C CB  . PHE A 1 80  ? 13.400  -11.158 -8.865  1.00 48.23 ? 102 PHE A CB  1 
ATOM   400  C CG  . PHE A 1 80  ? 13.919  -9.762  -9.075  1.00 49.49 ? 102 PHE A CG  1 
ATOM   401  C CD1 . PHE A 1 80  ? 13.328  -8.686  -8.426  1.00 48.34 ? 102 PHE A CD1 1 
ATOM   402  C CD2 . PHE A 1 80  ? 14.983  -9.520  -9.952  1.00 50.22 ? 102 PHE A CD2 1 
ATOM   403  C CE1 . PHE A 1 80  ? 13.805  -7.392  -8.632  1.00 51.16 ? 102 PHE A CE1 1 
ATOM   404  C CE2 . PHE A 1 80  ? 15.454  -8.229  -10.173 1.00 50.05 ? 102 PHE A CE2 1 
ATOM   405  C CZ  . PHE A 1 80  ? 14.882  -7.164  -9.508  1.00 48.65 ? 102 PHE A CZ  1 
ATOM   406  N N   . MET A 1 81  ? 13.113  -12.539 -11.619 1.00 50.46 ? 103 MET A N   1 
ATOM   407  C CA  . MET A 1 81  ? 13.501  -12.725 -13.005 1.00 53.02 ? 103 MET A CA  1 
ATOM   408  C C   . MET A 1 81  ? 13.442  -14.220 -13.294 1.00 53.90 ? 103 MET A C   1 
ATOM   409  O O   . MET A 1 81  ? 13.938  -15.028 -12.505 1.00 54.90 ? 103 MET A O   1 
ATOM   410  C CB  . MET A 1 81  ? 14.945  -12.252 -13.212 1.00 52.90 ? 103 MET A CB  1 
ATOM   411  C CG  . MET A 1 81  ? 15.508  -12.607 -14.657 1.00 54.60 ? 103 MET A CG  1 
ATOM   412  S SD  . MET A 1 81  ? 15.378  -11.182 -15.719 1.00 51.52 ? 103 MET A SD  1 
ATOM   413  C CE  . MET A 1 81  ? 16.630  -10.261 -14.986 1.00 46.07 ? 103 MET A CE  1 
ATOM   414  N N   . ASN A 1 82  ? 12.839  -14.591 -14.411 1.00 55.38 ? 104 ASN A N   1 
ATOM   415  C CA  . ASN A 1 82  ? 12.763  -15.989 -14.814 1.00 57.63 ? 104 ASN A CA  1 
ATOM   416  C C   . ASN A 1 82  ? 12.715  -16.109 -16.338 1.00 57.93 ? 104 ASN A C   1 
ATOM   417  O O   . ASN A 1 82  ? 11.856  -15.493 -16.969 1.00 57.17 ? 104 ASN A O   1 
ATOM   418  C CB  . ASN A 1 82  ? 11.506  -16.622 -14.238 1.00 58.80 ? 104 ASN A CB  1 
ATOM   419  C CG  . ASN A 1 82  ? 11.409  -18.094 -14.560 1.00 62.59 ? 104 ASN A CG  1 
ATOM   420  O OD1 . ASN A 1 82  ? 12.272  -18.880 -14.165 1.00 67.17 ? 104 ASN A OD1 1 
ATOM   421  N ND2 . ASN A 1 82  ? 10.379  -18.473 -15.292 1.00 66.07 ? 104 ASN A ND2 1 
ATOM   422  N N   . ASP A 1 83  ? 13.643  -16.876 -16.933 1.00 59.62 ? 105 ASP A N   1 
ATOM   423  C CA  . ASP A 1 83  ? 13.621  -17.073 -18.405 1.00 60.11 ? 105 ASP A CA  1 
ATOM   424  C C   . ASP A 1 83  ? 13.813  -15.713 -19.103 1.00 58.71 ? 105 ASP A C   1 
ATOM   425  O O   . ASP A 1 83  ? 13.213  -15.445 -20.135 1.00 59.29 ? 105 ASP A O   1 
ATOM   426  C CB  . ASP A 1 83  ? 12.251  -17.664 -18.780 1.00 61.25 ? 105 ASP A CB  1 
ATOM   427  C CG  . ASP A 1 83  ? 12.274  -18.485 -20.059 1.00 65.64 ? 105 ASP A CG  1 
ATOM   428  O OD1 . ASP A 1 83  ? 13.299  -19.159 -20.314 1.00 69.44 ? 105 ASP A OD1 1 
ATOM   429  O OD2 . ASP A 1 83  ? 11.248  -18.463 -20.808 1.00 68.84 ? 105 ASP A OD2 1 
ATOM   430  N N   . GLY A 1 84  ? 14.604  -14.835 -18.496 1.00 58.03 ? 106 GLY A N   1 
ATOM   431  C CA  . GLY A 1 84  ? 14.849  -13.513 -19.022 1.00 56.94 ? 106 GLY A CA  1 
ATOM   432  C C   . GLY A 1 84  ? 13.719  -12.520 -18.863 1.00 57.86 ? 106 GLY A C   1 
ATOM   433  O O   . GLY A 1 84  ? 13.853  -11.351 -19.253 1.00 57.65 ? 106 GLY A O   1 
ATOM   434  N N   . VAL A 1 85  ? 12.602  -12.954 -18.291 1.00 56.92 ? 107 VAL A N   1 
ATOM   435  C CA  . VAL A 1 85  ? 11.476  -12.038 -18.057 1.00 57.10 ? 107 VAL A CA  1 
ATOM   436  C C   . VAL A 1 85  ? 11.379  -11.584 -16.555 1.00 56.57 ? 107 VAL A C   1 
ATOM   437  O O   . VAL A 1 85  ? 11.459  -12.418 -15.658 1.00 54.74 ? 107 VAL A O   1 
ATOM   438  C CB  . VAL A 1 85  ? 10.168  -12.743 -18.447 1.00 57.52 ? 107 VAL A CB  1 
ATOM   439  C CG1 . VAL A 1 85  ? 9.006   -11.782 -18.463 1.00 58.78 ? 107 VAL A CG1 1 
ATOM   440  C CG2 . VAL A 1 85  ? 10.319  -13.475 -19.805 1.00 59.18 ? 107 VAL A CG2 1 
ATOM   441  N N   . ARG A 1 86  ? 11.237  -10.275 -16.308 1.00 56.11 ? 108 ARG A N   1 
ATOM   442  C CA  . ARG A 1 86  ? 10.948  -9.749  -14.968 1.00 55.67 ? 108 ARG A CA  1 
ATOM   443  C C   . ARG A 1 86  ? 9.518   -10.005 -14.475 1.00 54.12 ? 108 ARG A C   1 
ATOM   444  O O   . ARG A 1 86  ? 8.550   -9.996  -15.264 1.00 52.85 ? 108 ARG A O   1 
ATOM   445  C CB  . ARG A 1 86  ? 11.169  -8.243  -14.927 1.00 56.07 ? 108 ARG A CB  1 
ATOM   446  C CG  . ARG A 1 86  ? 12.543  -7.865  -15.362 1.00 60.20 ? 108 ARG A CG  1 
ATOM   447  C CD  . ARG A 1 86  ? 12.759  -6.396  -15.202 1.00 63.57 ? 108 ARG A CD  1 
ATOM   448  N NE  . ARG A 1 86  ? 14.163  -6.081  -15.434 1.00 67.49 ? 108 ARG A NE  1 
ATOM   449  C CZ  . ARG A 1 86  ? 15.107  -6.134  -14.504 1.00 66.95 ? 108 ARG A CZ  1 
ATOM   450  N NH1 . ARG A 1 86  ? 14.801  -6.466  -13.259 1.00 64.25 ? 108 ARG A NH1 1 
ATOM   451  N NH2 . ARG A 1 86  ? 16.357  -5.837  -14.830 1.00 66.87 ? 108 ARG A NH2 1 
ATOM   452  N N   . GLY A 1 87  ? 9.393   -10.188 -13.150 1.00 52.76 ? 109 GLY A N   1 
ATOM   453  C CA  . GLY A 1 87  ? 8.086   -10.387 -12.517 1.00 49.89 ? 109 GLY A CA  1 
ATOM   454  C C   . GLY A 1 87  ? 7.265   -9.126  -12.561 1.00 49.34 ? 109 GLY A C   1 
ATOM   455  O O   . GLY A 1 87  ? 7.807   -8.005  -12.513 1.00 47.89 ? 109 GLY A O   1 
ATOM   456  N N   . ASN A 1 88  ? 5.951   -9.315  -12.638 1.00 48.47 ? 110 ASN A N   1 
ATOM   457  C CA  . ASN A 1 88  ? 4.981   -8.231  -12.661 1.00 49.26 ? 110 ASN A CA  1 
ATOM   458  C C   . ASN A 1 88  ? 4.352   -8.036  -11.288 1.00 48.28 ? 110 ASN A C   1 
ATOM   459  O O   . ASN A 1 88  ? 3.766   -8.981  -10.729 1.00 48.48 ? 110 ASN A O   1 
ATOM   460  C CB  . ASN A 1 88  ? 3.864   -8.550  -13.670 1.00 49.26 ? 110 ASN A CB  1 
ATOM   461  C CG  . ASN A 1 88  ? 3.036   -7.305  -14.074 1.00 52.14 ? 110 ASN A CG  1 
ATOM   462  O OD1 . ASN A 1 88  ? 2.678   -6.434  -13.242 1.00 52.09 ? 110 ASN A OD1 1 
ATOM   463  N ND2 . ASN A 1 88  ? 2.732   -7.218  -15.379 1.00 56.50 ? 110 ASN A ND2 1 
ATOM   464  N N   . PRO A 1 89  ? 4.464   -6.815  -10.724 1.00 47.70 ? 111 PRO A N   1 
ATOM   465  C CA  . PRO A 1 89  ? 3.868   -6.631  -9.367  1.00 46.39 ? 111 PRO A CA  1 
ATOM   466  C C   . PRO A 1 89  ? 2.339   -6.630  -9.382  1.00 47.28 ? 111 PRO A C   1 
ATOM   467  O O   . PRO A 1 89  ? 1.701   -6.680  -8.300  1.00 46.83 ? 111 PRO A O   1 
ATOM   468  C CB  . PRO A 1 89  ? 4.404   -5.274  -8.896  1.00 45.58 ? 111 PRO A CB  1 
ATOM   469  C CG  . PRO A 1 89  ? 4.756   -4.515  -10.226 1.00 47.29 ? 111 PRO A CG  1 
ATOM   470  C CD  . PRO A 1 89  ? 5.233   -5.640  -11.189 1.00 46.86 ? 111 PRO A CD  1 
ATOM   471  N N   . ASN A 1 90  ? 1.760   -6.551  -10.590 1.00 46.79 ? 112 ASN A N   1 
ATOM   472  C CA  . ASN A 1 90  ? 0.347   -6.781  -10.765 1.00 47.70 ? 112 ASN A CA  1 
ATOM   473  C C   . ASN A 1 90  ? -0.012  -8.259  -10.705 1.00 48.31 ? 112 ASN A C   1 
ATOM   474  O O   . ASN A 1 90  ? -1.183  -8.611  -10.529 1.00 49.38 ? 112 ASN A O   1 
ATOM   475  C CB  . ASN A 1 90  ? -0.181  -6.131  -12.048 1.00 48.18 ? 112 ASN A CB  1 
ATOM   476  C CG  . ASN A 1 90  ? 0.016   -4.591  -12.056 1.00 49.86 ? 112 ASN A CG  1 
ATOM   477  O OD1 . ASN A 1 90  ? -0.651  -3.843  -11.336 1.00 48.74 ? 112 ASN A OD1 1 
ATOM   478  N ND2 . ASN A 1 90  ? 0.964   -4.130  -12.870 1.00 52.22 ? 112 ASN A ND2 1 
ATOM   479  N N   . GLU A 1 91  ? 0.979   -9.137  -10.820 1.00 47.98 ? 113 GLU A N   1 
ATOM   480  C CA  . GLU A 1 91  ? 0.695   -10.572 -10.712 1.00 48.78 ? 113 GLU A CA  1 
ATOM   481  C C   . GLU A 1 91  ? 0.950   -11.133 -9.287  1.00 47.70 ? 113 GLU A C   1 
ATOM   482  O O   . GLU A 1 91  ? 0.181   -11.936 -8.771  1.00 47.42 ? 113 GLU A O   1 
ATOM   483  C CB  . GLU A 1 91  ? 1.454   -11.360 -11.749 1.00 48.66 ? 113 GLU A CB  1 
ATOM   484  C CG  . GLU A 1 91  ? 0.786   -12.695 -12.024 1.00 56.87 ? 113 GLU A CG  1 
ATOM   485  C CD  . GLU A 1 91  ? 1.689   -13.654 -12.810 1.00 63.62 ? 113 GLU A CD  1 
ATOM   486  O OE1 . GLU A 1 91  ? 2.518   -13.152 -13.619 1.00 68.84 ? 113 GLU A OE1 1 
ATOM   487  O OE2 . GLU A 1 91  ? 1.558   -14.895 -12.630 1.00 64.51 ? 113 GLU A OE2 1 
ATOM   488  N N   . GLY A 1 92  ? 2.002   -10.661 -8.650  1.00 46.11 ? 114 GLY A N   1 
ATOM   489  C CA  . GLY A 1 92  ? 2.275   -11.059 -7.277  1.00 45.28 ? 114 GLY A CA  1 
ATOM   490  C C   . GLY A 1 92  ? 3.361   -10.172 -6.704  1.00 45.20 ? 114 GLY A C   1 
ATOM   491  O O   . GLY A 1 92  ? 3.905   -9.289  -7.415  1.00 43.92 ? 114 GLY A O   1 
ATOM   492  N N   . PHE A 1 93  ? 3.718   -10.425 -5.438  1.00 43.78 ? 115 PHE A N   1 
ATOM   493  C CA  . PHE A 1 93  ? 4.888   -9.776  -4.883  1.00 42.57 ? 115 PHE A CA  1 
ATOM   494  C C   . PHE A 1 93  ? 6.121   -10.207 -5.664  1.00 42.88 ? 115 PHE A C   1 
ATOM   495  O O   . PHE A 1 93  ? 6.383   -11.400 -5.821  1.00 42.72 ? 115 PHE A O   1 
ATOM   496  C CB  . PHE A 1 93  ? 5.063   -10.073 -3.367  1.00 42.09 ? 115 PHE A CB  1 
ATOM   497  C CG  . PHE A 1 93  ? 6.170   -9.302  -2.753  1.00 40.50 ? 115 PHE A CG  1 
ATOM   498  C CD1 . PHE A 1 93  ? 5.904   -8.157  -2.024  1.00 38.81 ? 115 PHE A CD1 1 
ATOM   499  C CD2 . PHE A 1 93  ? 7.509   -9.694  -2.954  1.00 41.17 ? 115 PHE A CD2 1 
ATOM   500  C CE1 . PHE A 1 93  ? 6.977   -7.402  -1.454  1.00 40.66 ? 115 PHE A CE1 1 
ATOM   501  C CE2 . PHE A 1 93  ? 8.580   -8.944  -2.421  1.00 40.08 ? 115 PHE A CE2 1 
ATOM   502  C CZ  . PHE A 1 93  ? 8.321   -7.804  -1.665  1.00 35.82 ? 115 PHE A CZ  1 
ATOM   503  N N   . VAL A 1 94  ? 6.920   -9.243  -6.120  1.00 42.42 ? 116 VAL A N   1 
ATOM   504  C CA  . VAL A 1 94  ? 8.067   -9.576  -7.007  1.00 41.69 ? 116 VAL A CA  1 
ATOM   505  C C   . VAL A 1 94  ? 9.361   -9.790  -6.212  1.00 41.88 ? 116 VAL A C   1 
ATOM   506  O O   . VAL A 1 94  ? 9.934   -8.826  -5.638  1.00 40.68 ? 116 VAL A O   1 
ATOM   507  C CB  . VAL A 1 94  ? 8.332   -8.476  -8.128  1.00 42.24 ? 116 VAL A CB  1 
ATOM   508  C CG1 . VAL A 1 94  ? 9.522   -8.894  -9.056  1.00 43.33 ? 116 VAL A CG1 1 
ATOM   509  C CG2 . VAL A 1 94  ? 7.099   -8.214  -8.954  1.00 40.24 ? 116 VAL A CG2 1 
ATOM   510  N N   . GLY A 1 95  ? 9.824   -11.038 -6.175  1.00 38.82 ? 117 GLY A N   1 
ATOM   511  C CA  . GLY A 1 95  ? 11.039  -11.322 -5.507  1.00 39.98 ? 117 GLY A CA  1 
ATOM   512  C C   . GLY A 1 95  ? 10.891  -11.501 -4.003  1.00 40.00 ? 117 GLY A C   1 
ATOM   513  O O   . GLY A 1 95  ? 9.876   -12.062 -3.529  1.00 40.96 ? 117 GLY A O   1 
ATOM   514  N N   . ASN A 1 96  ? 11.887  -11.022 -3.265  1.00 40.07 ? 118 ASN A N   1 
ATOM   515  C CA  . ASN A 1 96  ? 12.094  -11.401 -1.871  1.00 40.73 ? 118 ASN A CA  1 
ATOM   516  C C   . ASN A 1 96  ? 11.509  -10.392 -0.894  1.00 40.28 ? 118 ASN A C   1 
ATOM   517  O O   . ASN A 1 96  ? 11.954  -9.249  -0.813  1.00 39.10 ? 118 ASN A O   1 
ATOM   518  C CB  . ASN A 1 96  ? 13.584  -11.633 -1.615  1.00 41.70 ? 118 ASN A CB  1 
ATOM   519  C CG  . ASN A 1 96  ? 13.829  -12.499 -0.398  1.00 42.78 ? 118 ASN A CG  1 
ATOM   520  O OD1 . ASN A 1 96  ? 13.507  -12.094 0.738   1.00 41.64 ? 118 ASN A OD1 1 
ATOM   521  N ND2 . ASN A 1 96  ? 14.364  -13.711 -0.620  1.00 40.92 ? 118 ASN A ND2 1 
ATOM   522  N N   . ILE A 1 97  ? 10.425  -10.790 -0.224  1.00 40.05 ? 119 ILE A N   1 
ATOM   523  C CA  . ILE A 1 97  ? 9.775   -9.942  0.761   1.00 39.45 ? 119 ILE A CA  1 
ATOM   524  C C   . ILE A 1 97  ? 10.591  -9.794  2.083   1.00 39.47 ? 119 ILE A C   1 
ATOM   525  O O   . ILE A 1 97  ? 10.445  -8.806  2.795   1.00 39.17 ? 119 ILE A O   1 
ATOM   526  C CB  . ILE A 1 97  ? 8.347   -10.481 1.053   1.00 40.03 ? 119 ILE A CB  1 
ATOM   527  C CG1 . ILE A 1 97  ? 7.483   -9.418  1.774   1.00 39.56 ? 119 ILE A CG1 1 
ATOM   528  C CG2 . ILE A 1 97  ? 8.443   -11.850 1.807   1.00 39.56 ? 119 ILE A CG2 1 
ATOM   529  C CD1 . ILE A 1 97  ? 5.968   -9.735  1.694   1.00 36.62 ? 119 ILE A CD1 1 
ATOM   530  N N   . TYR A 1 98  ? 11.470  -10.754 2.364   1.00 40.84 ? 120 TYR A N   1 
ATOM   531  C CA  . TYR A 1 98  ? 12.116  -10.887 3.660   1.00 42.76 ? 120 TYR A CA  1 
ATOM   532  C C   . TYR A 1 98  ? 13.447  -10.133 3.763   1.00 43.81 ? 120 TYR A C   1 
ATOM   533  O O   . TYR A 1 98  ? 13.722  -9.454  4.777   1.00 44.05 ? 120 TYR A O   1 
ATOM   534  C CB  . TYR A 1 98  ? 12.421  -12.367 3.962   1.00 42.88 ? 120 TYR A CB  1 
ATOM   535  C CG  . TYR A 1 98  ? 11.188  -13.214 4.114   1.00 44.64 ? 120 TYR A CG  1 
ATOM   536  C CD1 . TYR A 1 98  ? 10.302  -13.004 5.176   1.00 43.18 ? 120 TYR A CD1 1 
ATOM   537  C CD2 . TYR A 1 98  ? 10.891  -14.224 3.190   1.00 43.59 ? 120 TYR A CD2 1 
ATOM   538  C CE1 . TYR A 1 98  ? 9.145   -13.773 5.301   1.00 42.13 ? 120 TYR A CE1 1 
ATOM   539  C CE2 . TYR A 1 98  ? 9.742   -14.999 3.328   1.00 44.72 ? 120 TYR A CE2 1 
ATOM   540  C CZ  . TYR A 1 98  ? 8.868   -14.752 4.374   1.00 41.64 ? 120 TYR A CZ  1 
ATOM   541  O OH  . TYR A 1 98  ? 7.722   -15.512 4.469   1.00 42.97 ? 120 TYR A OH  1 
ATOM   542  N N   . THR A 1 99  ? 14.291  -10.288 2.746   1.00 44.59 ? 121 THR A N   1 
ATOM   543  C CA  . THR A 1 99  ? 15.669  -9.762  2.866   1.00 46.55 ? 121 THR A CA  1 
ATOM   544  C C   . THR A 1 99  ? 16.192  -8.937  1.670   1.00 47.27 ? 121 THR A C   1 
ATOM   545  O O   . THR A 1 99  ? 16.120  -9.383  0.530   1.00 47.10 ? 121 THR A O   1 
ATOM   546  C CB  . THR A 1 99  ? 16.692  -10.860 3.230   1.00 46.54 ? 121 THR A CB  1 
ATOM   547  O OG1 . THR A 1 99  ? 17.980  -10.253 3.389   1.00 48.73 ? 121 THR A OG1 1 
ATOM   548  C CG2 . THR A 1 99  ? 16.786  -11.943 2.145   1.00 43.49 ? 121 THR A CG2 1 
ATOM   549  N N   . PHE A 1 100 ? 16.769  -7.764  1.973   1.00 48.66 ? 122 PHE A N   1 
ATOM   550  C CA  . PHE A 1 100 ? 17.448  -6.898  0.988   1.00 48.49 ? 122 PHE A CA  1 
ATOM   551  C C   . PHE A 1 100 ? 18.618  -7.669  0.362   1.00 49.14 ? 122 PHE A C   1 
ATOM   552  O O   . PHE A 1 100 ? 19.095  -7.365  -0.724  1.00 49.82 ? 122 PHE A O   1 
ATOM   553  C CB  . PHE A 1 100 ? 17.967  -5.616  1.663   1.00 48.69 ? 122 PHE A CB  1 
ATOM   554  C CG  . PHE A 1 100 ? 16.896  -4.545  1.891   1.00 49.64 ? 122 PHE A CG  1 
ATOM   555  C CD1 . PHE A 1 100 ? 16.058  -4.160  0.881   1.00 48.72 ? 122 PHE A CD1 1 
ATOM   556  C CD2 . PHE A 1 100 ? 16.762  -3.929  3.117   1.00 48.76 ? 122 PHE A CD2 1 
ATOM   557  C CE1 . PHE A 1 100 ? 15.130  -3.179  1.077   1.00 50.95 ? 122 PHE A CE1 1 
ATOM   558  C CE2 . PHE A 1 100 ? 15.800  -2.977  3.327   1.00 50.21 ? 122 PHE A CE2 1 
ATOM   559  C CZ  . PHE A 1 100 ? 14.999  -2.591  2.295   1.00 51.30 ? 122 PHE A CZ  1 
ATOM   560  N N   . SER A 1 101 ? 19.099  -8.692  1.027   1.00 49.24 ? 123 SER A N   1 
ATOM   561  C CA  . SER A 1 101 ? 20.226  -9.424  0.454   1.00 48.95 ? 123 SER A CA  1 
ATOM   562  C C   . SER A 1 101 ? 19.841  -10.206 -0.789  1.00 48.90 ? 123 SER A C   1 
ATOM   563  O O   . SER A 1 101 ? 20.708  -10.786 -1.427  1.00 50.09 ? 123 SER A O   1 
ATOM   564  C CB  . SER A 1 101 ? 20.864  -10.357 1.490   1.00 48.60 ? 123 SER A CB  1 
ATOM   565  O OG  . SER A 1 101 ? 20.029  -11.493 1.731   1.00 51.32 ? 123 SER A OG  1 
ATOM   566  N N   . GLU A 1 102 ? 18.555  -10.248 -1.147  1.00 47.95 ? 124 GLU A N   1 
ATOM   567  C CA  . GLU A 1 102 ? 18.133  -10.866 -2.417  1.00 47.20 ? 124 GLU A CA  1 
ATOM   568  C C   . GLU A 1 102 ? 17.348  -9.825  -3.149  1.00 46.97 ? 124 GLU A C   1 
ATOM   569  O O   . GLU A 1 102 ? 16.862  -8.900  -2.515  1.00 46.22 ? 124 GLU A O   1 
ATOM   570  C CB  . GLU A 1 102 ? 17.247  -12.079 -2.161  1.00 47.43 ? 124 GLU A CB  1 
ATOM   571  C CG  . GLU A 1 102 ? 17.979  -13.135 -1.387  1.00 49.88 ? 124 GLU A CG  1 
ATOM   572  C CD  . GLU A 1 102 ? 19.022  -13.818 -2.254  1.00 55.53 ? 124 GLU A CD  1 
ATOM   573  O OE1 . GLU A 1 102 ? 18.808  -13.861 -3.486  1.00 55.30 ? 124 GLU A OE1 1 
ATOM   574  O OE2 . GLU A 1 102 ? 20.032  -14.338 -1.715  1.00 60.64 ? 124 GLU A OE2 1 
ATOM   575  N N   . SER A 1 103 ? 17.244  -9.953  -4.473  1.00 46.66 ? 125 SER A N   1 
ATOM   576  C CA  . SER A 1 103 ? 16.434  -9.018  -5.276  1.00 47.35 ? 125 SER A CA  1 
ATOM   577  C C   . SER A 1 103 ? 14.961  -9.063  -4.930  1.00 45.76 ? 125 SER A C   1 
ATOM   578  O O   . SER A 1 103 ? 14.427  -10.139 -4.685  1.00 45.36 ? 125 SER A O   1 
ATOM   579  C CB  . SER A 1 103 ? 16.545  -9.364  -6.763  1.00 46.78 ? 125 SER A CB  1 
ATOM   580  O OG  . SER A 1 103 ? 17.899  -9.371  -7.129  1.00 52.53 ? 125 SER A OG  1 
ATOM   581  N N   . GLY A 1 104 ? 14.294  -7.908  -5.007  1.00 45.23 ? 126 GLY A N   1 
ATOM   582  C CA  . GLY A 1 104 ? 12.845  -7.849  -4.835  1.00 44.51 ? 126 GLY A CA  1 
ATOM   583  C C   . GLY A 1 104 ? 12.333  -6.458  -5.087  1.00 45.46 ? 126 GLY A C   1 
ATOM   584  O O   . GLY A 1 104 ? 13.109  -5.482  -5.165  1.00 45.18 ? 126 GLY A O   1 
ATOM   585  N N   . TYR A 1 105 ? 11.025  -6.322  -5.232  1.00 44.35 ? 127 TYR A N   1 
ATOM   586  C CA  . TYR A 1 105 ? 10.471  -5.026  -5.460  1.00 43.49 ? 127 TYR A CA  1 
ATOM   587  C C   . TYR A 1 105 ? 9.285   -4.744  -4.497  1.00 44.01 ? 127 TYR A C   1 
ATOM   588  O O   . TYR A 1 105 ? 9.463   -4.112  -3.448  1.00 42.89 ? 127 TYR A O   1 
ATOM   589  C CB  . TYR A 1 105 ? 10.070  -4.911  -6.950  1.00 44.05 ? 127 TYR A CB  1 
ATOM   590  C CG  . TYR A 1 105 ? 9.338   -3.615  -7.269  1.00 43.43 ? 127 TYR A CG  1 
ATOM   591  C CD1 . TYR A 1 105 ? 9.957   -2.374  -7.047  1.00 44.60 ? 127 TYR A CD1 1 
ATOM   592  C CD2 . TYR A 1 105 ? 8.045   -3.623  -7.797  1.00 42.60 ? 127 TYR A CD2 1 
ATOM   593  C CE1 . TYR A 1 105 ? 9.302   -1.180  -7.326  1.00 43.02 ? 127 TYR A CE1 1 
ATOM   594  C CE2 . TYR A 1 105 ? 7.373   -2.427  -8.072  1.00 43.03 ? 127 TYR A CE2 1 
ATOM   595  C CZ  . TYR A 1 105 ? 8.047   -1.200  -7.842  1.00 43.51 ? 127 TYR A CZ  1 
ATOM   596  O OH  . TYR A 1 105 ? 7.463   0.012   -8.118  1.00 47.87 ? 127 TYR A OH  1 
ATOM   597  N N   . GLY A 1 106 ? 8.097   -5.273  -4.819  1.00 43.41 ? 128 GLY A N   1 
ATOM   598  C CA  . GLY A 1 106 ? 6.887   -4.975  -4.026  1.00 43.46 ? 128 GLY A CA  1 
ATOM   599  C C   . GLY A 1 106 ? 5.738   -5.631  -4.755  1.00 43.46 ? 128 GLY A C   1 
ATOM   600  O O   . GLY A 1 106 ? 5.950   -6.500  -5.621  1.00 43.64 ? 128 GLY A O   1 
ATOM   601  N N   . VAL A 1 107 ? 4.526   -5.204  -4.440  1.00 43.66 ? 129 VAL A N   1 
ATOM   602  C CA  . VAL A 1 107 ? 3.338   -5.828  -4.992  1.00 44.01 ? 129 VAL A CA  1 
ATOM   603  C C   . VAL A 1 107 ? 2.334   -4.705  -5.179  1.00 44.75 ? 129 VAL A C   1 
ATOM   604  O O   . VAL A 1 107 ? 2.313   -3.750  -4.402  1.00 46.91 ? 129 VAL A O   1 
ATOM   605  C CB  . VAL A 1 107 ? 2.777   -6.946  -4.055  1.00 43.21 ? 129 VAL A CB  1 
ATOM   606  C CG1 . VAL A 1 107 ? 2.374   -6.335  -2.707  1.00 44.77 ? 129 VAL A CG1 1 
ATOM   607  C CG2 . VAL A 1 107 ? 1.567   -7.622  -4.697  1.00 41.75 ? 129 VAL A CG2 1 
ATOM   608  N N   . TYR A 1 108 ? 1.519   -4.791  -6.222  1.00 45.01 ? 130 TYR A N   1 
ATOM   609  C CA  . TYR A 1 108 ? 0.575   -3.728  -6.514  1.00 45.14 ? 130 TYR A CA  1 
ATOM   610  C C   . TYR A 1 108 ? -0.829  -4.103  -6.007  1.00 45.52 ? 130 TYR A C   1 
ATOM   611  O O   . TYR A 1 108 ? -1.015  -5.099  -5.321  1.00 44.38 ? 130 TYR A O   1 
ATOM   612  C CB  . TYR A 1 108 ? 0.607   -3.377  -8.009  1.00 45.54 ? 130 TYR A CB  1 
ATOM   613  C CG  . TYR A 1 108 ? 1.781   -2.485  -8.414  1.00 46.26 ? 130 TYR A CG  1 
ATOM   614  C CD1 . TYR A 1 108 ? 2.666   -1.993  -7.443  1.00 45.53 ? 130 TYR A CD1 1 
ATOM   615  C CD2 . TYR A 1 108 ? 1.988   -2.089  -9.768  1.00 48.09 ? 130 TYR A CD2 1 
ATOM   616  C CE1 . TYR A 1 108 ? 3.731   -1.167  -7.776  1.00 44.29 ? 130 TYR A CE1 1 
ATOM   617  C CE2 . TYR A 1 108 ? 3.063   -1.241  -10.117 1.00 46.05 ? 130 TYR A CE2 1 
ATOM   618  C CZ  . TYR A 1 108 ? 3.933   -0.777  -9.097  1.00 46.25 ? 130 TYR A CZ  1 
ATOM   619  O OH  . TYR A 1 108 ? 5.025   0.064   -9.363  1.00 49.03 ? 130 TYR A OH  1 
ATOM   620  N N   . HIS A 1 109 ? -1.820  -3.292  -6.347  1.00 45.93 ? 131 HIS A N   1 
ATOM   621  C CA  . HIS A 1 109 ? -3.118  -3.401  -5.745  1.00 45.97 ? 131 HIS A CA  1 
ATOM   622  C C   . HIS A 1 109 ? -3.862  -4.743  -6.014  1.00 46.14 ? 131 HIS A C   1 
ATOM   623  O O   . HIS A 1 109 ? -4.583  -5.226  -5.153  1.00 45.55 ? 131 HIS A O   1 
ATOM   624  C CB  . HIS A 1 109 ? -3.980  -2.200  -6.169  1.00 46.45 ? 131 HIS A CB  1 
ATOM   625  C CG  . HIS A 1 109 ? -4.445  -2.275  -7.592  1.00 45.56 ? 131 HIS A CG  1 
ATOM   626  N ND1 . HIS A 1 109 ? -5.671  -2.806  -7.944  1.00 48.08 ? 131 HIS A ND1 1 
ATOM   627  C CD2 . HIS A 1 109 ? -3.838  -1.925  -8.752  1.00 45.70 ? 131 HIS A CD2 1 
ATOM   628  C CE1 . HIS A 1 109 ? -5.804  -2.768  -9.265  1.00 48.04 ? 131 HIS A CE1 1 
ATOM   629  N NE2 . HIS A 1 109 ? -4.706  -2.233  -9.776  1.00 49.95 ? 131 HIS A NE2 1 
ATOM   630  N N   . GLY A 1 110 ? -3.704  -5.349  -7.190  1.00 46.38 ? 132 GLY A N   1 
ATOM   631  C CA  . GLY A 1 110 ? -4.505  -6.566  -7.494  1.00 46.00 ? 132 GLY A CA  1 
ATOM   632  C C   . GLY A 1 110 ? -4.300  -7.709  -6.490  1.00 45.99 ? 132 GLY A C   1 
ATOM   633  O O   . GLY A 1 110 ? -5.235  -8.153  -5.770  1.00 46.65 ? 132 GLY A O   1 
ATOM   634  N N   . PRO A 1 111 ? -3.076  -8.221  -6.431  1.00 45.23 ? 133 PRO A N   1 
ATOM   635  C CA  . PRO A 1 111 ? -2.687  -9.321  -5.536  1.00 44.76 ? 133 PRO A CA  1 
ATOM   636  C C   . PRO A 1 111 ? -2.890  -8.874  -4.089  1.00 45.63 ? 133 PRO A C   1 
ATOM   637  O O   . PRO A 1 111 ? -3.312  -9.640  -3.232  1.00 43.55 ? 133 PRO A O   1 
ATOM   638  C CB  . PRO A 1 111 ? -1.172  -9.496  -5.841  1.00 45.78 ? 133 PRO A CB  1 
ATOM   639  C CG  . PRO A 1 111 ? -0.987  -8.853  -7.255  1.00 43.93 ? 133 PRO A CG  1 
ATOM   640  C CD  . PRO A 1 111 ? -1.954  -7.699  -7.224  1.00 44.35 ? 133 PRO A CD  1 
ATOM   641  N N   . LEU A 1 112 ? -2.600  -7.609  -3.819  1.00 45.81 ? 134 LEU A N   1 
ATOM   642  C CA  . LEU A 1 112 ? -2.775  -7.146  -2.474  1.00 46.86 ? 134 LEU A CA  1 
ATOM   643  C C   . LEU A 1 112 ? -4.268  -7.198  -2.086  1.00 46.51 ? 134 LEU A C   1 
ATOM   644  O O   . LEU A 1 112 ? -4.599  -7.579  -0.957  1.00 46.20 ? 134 LEU A O   1 
ATOM   645  C CB  . LEU A 1 112 ? -2.177  -5.752  -2.305  1.00 45.97 ? 134 LEU A CB  1 
ATOM   646  C CG  . LEU A 1 112 ? -1.931  -5.279  -0.871  1.00 50.24 ? 134 LEU A CG  1 
ATOM   647  C CD1 . LEU A 1 112 ? -1.105  -6.273  -0.008  1.00 47.17 ? 134 LEU A CD1 1 
ATOM   648  C CD2 . LEU A 1 112 ? -1.251  -3.865  -0.915  1.00 49.02 ? 134 LEU A CD2 1 
ATOM   649  N N   . PHE A 1 113 ? -5.147  -6.800  -3.014  1.00 46.31 ? 135 PHE A N   1 
ATOM   650  C CA  . PHE A 1 113 ? -6.599  -6.924  -2.834  1.00 46.29 ? 135 PHE A CA  1 
ATOM   651  C C   . PHE A 1 113 ? -7.066  -8.384  -2.640  1.00 45.75 ? 135 PHE A C   1 
ATOM   652  O O   . PHE A 1 113 ? -7.904  -8.681  -1.781  1.00 45.97 ? 135 PHE A O   1 
ATOM   653  C CB  . PHE A 1 113 ? -7.342  -6.298  -4.019  1.00 47.08 ? 135 PHE A CB  1 
ATOM   654  C CG  . PHE A 1 113 ? -8.857  -6.430  -3.932  1.00 49.96 ? 135 PHE A CG  1 
ATOM   655  C CD1 . PHE A 1 113 ? -9.573  -5.806  -2.904  1.00 51.64 ? 135 PHE A CD1 1 
ATOM   656  C CD2 . PHE A 1 113 ? -9.557  -7.189  -4.863  1.00 54.92 ? 135 PHE A CD2 1 
ATOM   657  C CE1 . PHE A 1 113 ? -10.947 -5.892  -2.818  1.00 49.94 ? 135 PHE A CE1 1 
ATOM   658  C CE2 . PHE A 1 113 ? -10.960 -7.301  -4.776  1.00 56.27 ? 135 PHE A CE2 1 
ATOM   659  C CZ  . PHE A 1 113 ? -11.651 -6.644  -3.737  1.00 53.31 ? 135 PHE A CZ  1 
ATOM   660  N N   . GLN A 1 114 ? -6.521  -9.300  -3.419  1.00 45.54 ? 136 GLN A N   1 
ATOM   661  C CA  . GLN A 1 114 ? -6.884  -10.686 -3.237  1.00 46.47 ? 136 GLN A CA  1 
ATOM   662  C C   . GLN A 1 114 ? -6.563  -11.151 -1.821  1.00 45.37 ? 136 GLN A C   1 
ATOM   663  O O   . GLN A 1 114 ? -7.314  -11.932 -1.239  1.00 45.49 ? 136 GLN A O   1 
ATOM   664  C CB  . GLN A 1 114 ? -6.177  -11.598 -4.250  1.00 46.22 ? 136 GLN A CB  1 
ATOM   665  C CG  . GLN A 1 114 ? -6.712  -11.461 -5.629  1.00 52.16 ? 136 GLN A CG  1 
ATOM   666  C CD  . GLN A 1 114 ? -8.248  -11.545 -5.671  1.00 59.84 ? 136 GLN A CD  1 
ATOM   667  O OE1 . GLN A 1 114 ? -8.912  -10.638 -6.184  1.00 62.89 ? 136 GLN A OE1 1 
ATOM   668  N NE2 . GLN A 1 114 ? -8.815  -12.626 -5.111  1.00 60.35 ? 136 GLN A NE2 1 
ATOM   669  N N   . LEU A 1 115 ? -5.450  -10.672 -1.262  1.00 44.14 ? 137 LEU A N   1 
ATOM   670  C CA  . LEU A 1 115 ? -5.079  -11.117 0.062   1.00 44.09 ? 137 LEU A CA  1 
ATOM   671  C C   . LEU A 1 115 ? -6.086  -10.535 1.045   1.00 43.99 ? 137 LEU A C   1 
ATOM   672  O O   . LEU A 1 115 ? -6.476  -11.212 1.995   1.00 44.29 ? 137 LEU A O   1 
ATOM   673  C CB  . LEU A 1 115 ? -3.636  -10.699 0.425   1.00 43.35 ? 137 LEU A CB  1 
ATOM   674  C CG  . LEU A 1 115 ? -3.046  -11.123 1.792   1.00 44.59 ? 137 LEU A CG  1 
ATOM   675  C CD1 . LEU A 1 115 ? -3.307  -12.615 2.099   1.00 44.60 ? 137 LEU A CD1 1 
ATOM   676  C CD2 . LEU A 1 115 ? -1.550  -10.842 1.835   1.00 42.39 ? 137 LEU A CD2 1 
ATOM   677  N N   . ALA A 1 116 ? -6.477  -9.272  0.830   1.00 43.44 ? 138 ALA A N   1 
ATOM   678  C CA  . ALA A 1 116 ? -7.425  -8.625  1.742   1.00 45.57 ? 138 ALA A CA  1 
ATOM   679  C C   . ALA A 1 116 ? -8.757  -9.401  1.776   1.00 46.85 ? 138 ALA A C   1 
ATOM   680  O O   . ALA A 1 116 ? -9.394  -9.540  2.839   1.00 46.70 ? 138 ALA A O   1 
ATOM   681  C CB  . ALA A 1 116 ? -7.697  -7.142  1.321   1.00 43.44 ? 138 ALA A CB  1 
ATOM   682  N N   . LYS A 1 117 ? -9.182  -9.843  0.592   1.00 48.27 ? 139 LYS A N   1 
ATOM   683  C CA  . LYS A 1 117 ? -10.420 -10.630 0.440   1.00 50.17 ? 139 LYS A CA  1 
ATOM   684  C C   . LYS A 1 117 ? -10.397 -11.983 1.151   1.00 49.46 ? 139 LYS A C   1 
ATOM   685  O O   . LYS A 1 117 ? -11.434 -12.465 1.552   1.00 50.71 ? 139 LYS A O   1 
ATOM   686  C CB  . LYS A 1 117 ? -10.691 -10.884 -1.040  1.00 50.65 ? 139 LYS A CB  1 
ATOM   687  C CG  . LYS A 1 117 ? -11.075 -9.680  -1.807  1.00 55.97 ? 139 LYS A CG  1 
ATOM   688  C CD  . LYS A 1 117 ? -12.309 -10.031 -2.647  1.00 63.50 ? 139 LYS A CD  1 
ATOM   689  C CE  . LYS A 1 117 ? -13.561 -9.598  -1.930  1.00 68.14 ? 139 LYS A CE  1 
ATOM   690  N NZ  . LYS A 1 117 ? -14.751 -10.343 -2.487  1.00 71.39 ? 139 LYS A NZ  1 
ATOM   691  N N   . LYS A 1 118 ? -9.222  -12.589 1.303   1.00 48.67 ? 140 LYS A N   1 
ATOM   692  C CA  . LYS A 1 118 ? -9.108  -13.819 2.048   1.00 48.17 ? 140 LYS A CA  1 
ATOM   693  C C   . LYS A 1 118 ? -9.692  -13.585 3.449   1.00 48.00 ? 140 LYS A C   1 
ATOM   694  O O   . LYS A 1 118 ? -10.382 -14.443 4.021   1.00 47.29 ? 140 LYS A O   1 
ATOM   695  C CB  . LYS A 1 118 ? -7.643  -14.265 2.167   1.00 48.41 ? 140 LYS A CB  1 
ATOM   696  C CG  . LYS A 1 118 ? -7.483  -15.650 2.794   1.00 52.68 ? 140 LYS A CG  1 
ATOM   697  C CD  . LYS A 1 118 ? -6.032  -16.009 3.200   1.00 59.60 ? 140 LYS A CD  1 
ATOM   698  C CE  . LYS A 1 118 ? -5.985  -17.310 4.014   1.00 61.65 ? 140 LYS A CE  1 
ATOM   699  N NZ  . LYS A 1 118 ? -5.944  -17.019 5.488   1.00 66.91 ? 140 LYS A NZ  1 
ATOM   700  N N   . TYR A 1 119 ? -9.416  -12.407 3.997   1.00 46.29 ? 141 TYR A N   1 
ATOM   701  C CA  . TYR A 1 119 ? -9.780  -12.125 5.378   1.00 45.88 ? 141 TYR A CA  1 
ATOM   702  C C   . TYR A 1 119 ? -11.104 -11.346 5.502   1.00 45.27 ? 141 TYR A C   1 
ATOM   703  O O   . TYR A 1 119 ? -11.760 -11.421 6.531   1.00 45.71 ? 141 TYR A O   1 
ATOM   704  C CB  . TYR A 1 119 ? -8.653  -11.332 6.056   1.00 44.04 ? 141 TYR A CB  1 
ATOM   705  C CG  . TYR A 1 119 ? -7.472  -12.175 6.317   1.00 45.30 ? 141 TYR A CG  1 
ATOM   706  C CD1 . TYR A 1 119 ? -7.363  -12.896 7.507   1.00 44.32 ? 141 TYR A CD1 1 
ATOM   707  C CD2 . TYR A 1 119 ? -6.471  -12.324 5.354   1.00 43.60 ? 141 TYR A CD2 1 
ATOM   708  C CE1 . TYR A 1 119 ? -6.287  -13.698 7.714   1.00 46.62 ? 141 TYR A CE1 1 
ATOM   709  C CE2 . TYR A 1 119 ? -5.398  -13.123 5.575   1.00 42.54 ? 141 TYR A CE2 1 
ATOM   710  C CZ  . TYR A 1 119 ? -5.314  -13.794 6.742   1.00 44.60 ? 141 TYR A CZ  1 
ATOM   711  O OH  . TYR A 1 119 ? -4.236  -14.591 6.945   1.00 48.28 ? 141 TYR A OH  1 
ATOM   712  N N   . LEU A 1 120 ? -11.454 -10.588 4.476   1.00 44.41 ? 142 LEU A N   1 
ATOM   713  C CA  . LEU A 1 120 ? -12.707 -9.827  4.445   1.00 45.56 ? 142 LEU A CA  1 
ATOM   714  C C   . LEU A 1 120 ? -13.474 -10.099 3.116   1.00 46.36 ? 142 LEU A C   1 
ATOM   715  O O   . LEU A 1 120 ? -13.642 -9.192  2.272   1.00 46.06 ? 142 LEU A O   1 
ATOM   716  C CB  . LEU A 1 120 ? -12.407 -8.334  4.581   1.00 44.83 ? 142 LEU A CB  1 
ATOM   717  C CG  . LEU A 1 120 ? -11.746 -7.841  5.887   1.00 44.99 ? 142 LEU A CG  1 
ATOM   718  C CD1 . LEU A 1 120 ? -11.321 -6.358  5.710   1.00 44.40 ? 142 LEU A CD1 1 
ATOM   719  C CD2 . LEU A 1 120 ? -12.673 -8.011  7.088   1.00 45.25 ? 142 LEU A CD2 1 
ATOM   720  N N   . PRO A 1 121 ? -13.903 -11.357 2.910   1.00 47.61 ? 143 PRO A N   1 
ATOM   721  C CA  . PRO A 1 121 ? -14.473 -11.719 1.594   1.00 48.70 ? 143 PRO A CA  1 
ATOM   722  C C   . PRO A 1 121 ? -15.651 -10.858 1.193   1.00 49.69 ? 143 PRO A C   1 
ATOM   723  O O   . PRO A 1 121 ? -15.857 -10.597 0.003   1.00 49.74 ? 143 PRO A O   1 
ATOM   724  C CB  . PRO A 1 121 ? -14.894 -13.178 1.761   1.00 48.69 ? 143 PRO A CB  1 
ATOM   725  C CG  . PRO A 1 121 ? -14.874 -13.448 3.257   1.00 48.05 ? 143 PRO A CG  1 
ATOM   726  C CD  . PRO A 1 121 ? -13.836 -12.503 3.830   1.00 46.94 ? 143 PRO A CD  1 
ATOM   727  N N   . ASN A 1 122 ? -16.384 -10.353 2.172   1.00 50.78 ? 144 ASN A N   1 
ATOM   728  C CA  . ASN A 1 122 ? -17.560 -9.562  1.840   1.00 52.48 ? 144 ASN A CA  1 
ATOM   729  C C   . ASN A 1 122 ? -17.452 -8.062  2.102   1.00 52.40 ? 144 ASN A C   1 
ATOM   730  O O   . ASN A 1 122 ? -18.400 -7.323  1.811   1.00 53.26 ? 144 ASN A O   1 
ATOM   731  C CB  . ASN A 1 122 ? -18.740 -10.173 2.583   1.00 53.46 ? 144 ASN A CB  1 
ATOM   732  C CG  . ASN A 1 122 ? -18.903 -11.633 2.211   1.00 57.23 ? 144 ASN A CG  1 
ATOM   733  O OD1 . ASN A 1 122 ? -18.936 -11.953 1.012   1.00 60.04 ? 144 ASN A OD1 1 
ATOM   734  N ND2 . ASN A 1 122 ? -18.899 -12.531 3.208   1.00 57.31 ? 144 ASN A ND2 1 
ATOM   735  N N   . LYS A 1 123 ? -16.311 -7.604  2.639   1.00 50.92 ? 145 LYS A N   1 
ATOM   736  C CA  . LYS A 1 123 ? -16.113 -6.155  2.935   1.00 49.57 ? 145 LYS A CA  1 
ATOM   737  C C   . LYS A 1 123 ? -14.938 -5.481  2.228   1.00 47.74 ? 145 LYS A C   1 
ATOM   738  O O   . LYS A 1 123 ? -14.905 -4.270  2.074   1.00 47.33 ? 145 LYS A O   1 
ATOM   739  C CB  . LYS A 1 123 ? -15.945 -5.951  4.441   1.00 49.11 ? 145 LYS A CB  1 
ATOM   740  C CG  . LYS A 1 123 ? -17.084 -6.478  5.252   1.00 51.91 ? 145 LYS A CG  1 
ATOM   741  C CD  . LYS A 1 123 ? -16.916 -6.117  6.699   1.00 56.57 ? 145 LYS A CD  1 
ATOM   742  C CE  . LYS A 1 123 ? -17.967 -6.825  7.543   1.00 61.95 ? 145 LYS A CE  1 
ATOM   743  N NZ  . LYS A 1 123 ? -18.006 -6.333  8.954   1.00 64.21 ? 145 LYS A NZ  1 
ATOM   744  N N   . ALA A 1 124 ? -13.939 -6.251  1.841   1.00 47.17 ? 146 ALA A N   1 
ATOM   745  C CA  . ALA A 1 124 ? -12.754 -5.658  1.229   1.00 46.49 ? 146 ALA A CA  1 
ATOM   746  C C   . ALA A 1 124 ? -13.154 -5.021  -0.125  1.00 47.39 ? 146 ALA A C   1 
ATOM   747  O O   . ALA A 1 124 ? -13.996 -5.576  -0.871  1.00 47.00 ? 146 ALA A O   1 
ATOM   748  C CB  . ALA A 1 124 ? -11.671 -6.704  1.058   1.00 45.40 ? 146 ALA A CB  1 
ATOM   749  N N   . VAL A 1 125 ? -12.606 -3.834  -0.416  1.00 46.73 ? 147 VAL A N   1 
ATOM   750  C CA  . VAL A 1 125 ? -12.883 -3.137  -1.673  1.00 47.68 ? 147 VAL A CA  1 
ATOM   751  C C   . VAL A 1 125 ? -11.573 -2.594  -2.275  1.00 48.24 ? 147 VAL A C   1 
ATOM   752  O O   . VAL A 1 125 ? -10.653 -2.181  -1.551  1.00 47.00 ? 147 VAL A O   1 
ATOM   753  C CB  . VAL A 1 125 ? -13.868 -1.935  -1.476  1.00 47.75 ? 147 VAL A CB  1 
ATOM   754  C CG1 . VAL A 1 125 ? -15.242 -2.429  -1.067  1.00 48.18 ? 147 VAL A CG1 1 
ATOM   755  C CG2 . VAL A 1 125 ? -13.340 -0.976  -0.407  1.00 47.36 ? 147 VAL A CG2 1 
ATOM   756  N N   . ASP A 1 126 ? -11.482 -2.634  -3.599  1.00 48.79 ? 148 ASP A N   1 
ATOM   757  C CA  . ASP A 1 126 ? -10.348 -2.065  -4.308  1.00 48.88 ? 148 ASP A CA  1 
ATOM   758  C C   . ASP A 1 126 ? -10.767 -0.698  -4.849  1.00 50.47 ? 148 ASP A C   1 
ATOM   759  O O   . ASP A 1 126 ? -11.637 -0.598  -5.738  1.00 50.85 ? 148 ASP A O   1 
ATOM   760  C CB  . ASP A 1 126 ? -9.953  -2.971  -5.459  1.00 48.56 ? 148 ASP A CB  1 
ATOM   761  C CG  . ASP A 1 126 ? -8.617  -2.573  -6.085  1.00 47.19 ? 148 ASP A CG  1 
ATOM   762  O OD1 . ASP A 1 126 ? -8.207  -1.383  -6.004  1.00 43.96 ? 148 ASP A OD1 1 
ATOM   763  O OD2 . ASP A 1 126 ? -7.954  -3.481  -6.602  1.00 45.63 ? 148 ASP A OD2 1 
ATOM   764  N N   . LEU A 1 127 ? -10.195 0.364   -4.307  1.00 50.76 ? 149 LEU A N   1 
ATOM   765  C CA  . LEU A 1 127 ? -10.599 1.676   -4.740  1.00 51.71 ? 149 LEU A CA  1 
ATOM   766  C C   . LEU A 1 127 ? -9.628  2.196   -5.776  1.00 51.54 ? 149 LEU A C   1 
ATOM   767  O O   . LEU A 1 127 ? -9.560  3.391   -5.992  1.00 52.01 ? 149 LEU A O   1 
ATOM   768  C CB  . LEU A 1 127 ? -10.643 2.650   -3.543  1.00 51.74 ? 149 LEU A CB  1 
ATOM   769  C CG  . LEU A 1 127 ? -11.562 2.214   -2.397  1.00 51.76 ? 149 LEU A CG  1 
ATOM   770  C CD1 . LEU A 1 127 ? -11.447 3.124   -1.149  1.00 49.73 ? 149 LEU A CD1 1 
ATOM   771  C CD2 . LEU A 1 127 ? -12.971 2.213   -2.928  1.00 53.91 ? 149 LEU A CD2 1 
ATOM   772  N N   . THR A 1 128 ? -8.871  1.324   -6.411  1.00 52.10 ? 150 THR A N   1 
ATOM   773  C CA  . THR A 1 128 ? -7.856  1.796   -7.379  1.00 52.96 ? 150 THR A CA  1 
ATOM   774  C C   . THR A 1 128 ? -8.499  2.523   -8.573  1.00 54.17 ? 150 THR A C   1 
ATOM   775  O O   . THR A 1 128 ? -9.481  2.050   -9.114  1.00 54.37 ? 150 THR A O   1 
ATOM   776  C CB  . THR A 1 128 ? -7.004  0.619   -7.835  1.00 53.07 ? 150 THR A CB  1 
ATOM   777  O OG1 . THR A 1 128 ? -6.249  0.167   -6.705  1.00 52.70 ? 150 THR A OG1 1 
ATOM   778  C CG2 . THR A 1 128 ? -6.051  0.984   -9.033  1.00 51.63 ? 150 THR A CG2 1 
ATOM   779  N N   . GLY A 1 129 ? -7.982  3.688   -8.946  1.00 55.24 ? 151 GLY A N   1 
ATOM   780  C CA  . GLY A 1 129 ? -8.570  4.459   -10.046 1.00 56.44 ? 151 GLY A CA  1 
ATOM   781  C C   . GLY A 1 129 ? -9.654  5.454   -9.647  1.00 57.96 ? 151 GLY A C   1 
ATOM   782  O O   . GLY A 1 129 ? -10.049 6.270   -10.455 1.00 58.78 ? 151 GLY A O   1 
ATOM   783  N N   . LYS A 1 130 ? -10.180 5.372   -8.427  1.00 58.50 ? 152 LYS A N   1 
ATOM   784  C CA  . LYS A 1 130 ? -11.209 6.299   -7.990  1.00 58.81 ? 152 LYS A CA  1 
ATOM   785  C C   . LYS A 1 130 ? -10.456 7.552   -7.680  1.00 59.12 ? 152 LYS A C   1 
ATOM   786  O O   . LYS A 1 130 ? -9.229  7.548   -7.747  1.00 59.65 ? 152 LYS A O   1 
ATOM   787  C CB  . LYS A 1 130 ? -11.874 5.804   -6.712  1.00 58.79 ? 152 LYS A CB  1 
ATOM   788  C CG  . LYS A 1 130 ? -12.621 4.477   -6.864  1.00 60.36 ? 152 LYS A CG  1 
ATOM   789  C CD  . LYS A 1 130 ? -13.843 4.688   -7.686  1.00 62.61 ? 152 LYS A CD  1 
ATOM   790  C CE  . LYS A 1 130 ? -14.852 3.600   -7.473  1.00 64.57 ? 152 LYS A CE  1 
ATOM   791  N NZ  . LYS A 1 130 ? -14.698 2.616   -8.561  1.00 67.03 ? 152 LYS A NZ  1 
ATOM   792  N N   . SER A 1 131 ? -11.157 8.608   -7.289  1.00 59.54 ? 153 SER A N   1 
ATOM   793  C CA  . SER A 1 131 ? -10.509 9.889   -7.028  1.00 60.26 ? 153 SER A CA  1 
ATOM   794  C C   . SER A 1 131 ? -10.071 9.998   -5.581  1.00 60.23 ? 153 SER A C   1 
ATOM   795  O O   . SER A 1 131 ? -10.633 9.349   -4.721  1.00 59.58 ? 153 SER A O   1 
ATOM   796  C CB  . SER A 1 131 ? -11.476 11.047  -7.364  1.00 61.05 ? 153 SER A CB  1 
ATOM   797  O OG  . SER A 1 131 ? -11.833 11.818  -6.217  1.00 61.73 ? 153 SER A OG  1 
ATOM   798  N N   . ILE A 1 132 ? -9.104  10.861  -5.307  1.00 60.87 ? 154 ILE A N   1 
ATOM   799  C CA  . ILE A 1 132 ? -8.672  11.088  -3.928  1.00 61.81 ? 154 ILE A CA  1 
ATOM   800  C C   . ILE A 1 132 ? -9.872  11.346  -2.992  1.00 62.28 ? 154 ILE A C   1 
ATOM   801  O O   . ILE A 1 132 ? -9.871  10.940  -1.818  1.00 62.20 ? 154 ILE A O   1 
ATOM   802  C CB  . ILE A 1 132 ? -7.607  12.227  -3.847  1.00 62.26 ? 154 ILE A CB  1 
ATOM   803  C CG1 . ILE A 1 132 ? -6.820  12.171  -2.552  1.00 62.38 ? 154 ILE A CG1 1 
ATOM   804  C CG2 . ILE A 1 132 ? -8.232  13.594  -4.048  1.00 63.09 ? 154 ILE A CG2 1 
ATOM   805  C CD1 . ILE A 1 132 ? -6.126  10.878  -2.350  1.00 66.65 ? 154 ILE A CD1 1 
ATOM   806  N N   . GLU A 1 133 ? -10.910 11.991  -3.512  1.00 61.60 ? 155 GLU A N   1 
ATOM   807  C CA  . GLU A 1 133 ? -12.012 12.401  -2.655  1.00 61.42 ? 155 GLU A CA  1 
ATOM   808  C C   . GLU A 1 133 ? -12.762 11.200  -2.113  1.00 60.11 ? 155 GLU A C   1 
ATOM   809  O O   . GLU A 1 133 ? -13.273 11.234  -1.004  1.00 59.31 ? 155 GLU A O   1 
ATOM   810  C CB  . GLU A 1 133 ? -12.990 13.291  -3.422  1.00 62.40 ? 155 GLU A CB  1 
ATOM   811  C CG  . GLU A 1 133 ? -12.576 14.751  -3.464  1.00 67.67 ? 155 GLU A CG  1 
ATOM   812  C CD  . GLU A 1 133 ? -11.362 14.968  -4.356  1.00 73.01 ? 155 GLU A CD  1 
ATOM   813  O OE1 . GLU A 1 133 ? -10.527 15.842  -4.002  1.00 75.56 ? 155 GLU A OE1 1 
ATOM   814  O OE2 . GLU A 1 133 ? -11.242 14.242  -5.387  1.00 73.18 ? 155 GLU A OE2 1 
ATOM   815  N N   . GLU A 1 134 ? -12.881 10.175  -2.945  1.00 59.07 ? 156 GLU A N   1 
ATOM   816  C CA  . GLU A 1 134 ? -13.416 8.898   -2.536  1.00 59.81 ? 156 GLU A CA  1 
ATOM   817  C C   . GLU A 1 134 ? -12.642 8.359   -1.327  1.00 58.42 ? 156 GLU A C   1 
ATOM   818  O O   . GLU A 1 134 ? -13.243 7.805   -0.398  1.00 57.59 ? 156 GLU A O   1 
ATOM   819  C CB  . GLU A 1 134 ? -13.259 7.883   -3.668  1.00 60.66 ? 156 GLU A CB  1 
ATOM   820  C CG  . GLU A 1 134 ? -14.204 8.101   -4.810  1.00 66.47 ? 156 GLU A CG  1 
ATOM   821  C CD  . GLU A 1 134 ? -15.588 7.694   -4.404  1.00 73.95 ? 156 GLU A CD  1 
ATOM   822  O OE1 . GLU A 1 134 ? -16.454 8.601   -4.297  1.00 74.56 ? 156 GLU A OE1 1 
ATOM   823  O OE2 . GLU A 1 134 ? -15.782 6.468   -4.135  1.00 78.04 ? 156 GLU A OE2 1 
ATOM   824  N N   . LEU A 1 135 ? -11.319 8.485   -1.373  1.00 56.60 ? 157 LEU A N   1 
ATOM   825  C CA  . LEU A 1 135 ? -10.488 7.952   -0.296  1.00 56.15 ? 157 LEU A CA  1 
ATOM   826  C C   . LEU A 1 135 ? -10.768 8.696   1.004   1.00 55.84 ? 157 LEU A C   1 
ATOM   827  O O   . LEU A 1 135 ? -10.901 8.085   2.073   1.00 55.52 ? 157 LEU A O   1 
ATOM   828  C CB  . LEU A 1 135 ? -8.993  7.969   -0.657  1.00 55.64 ? 157 LEU A CB  1 
ATOM   829  C CG  . LEU A 1 135 ? -8.425  6.751   -1.424  1.00 54.74 ? 157 LEU A CG  1 
ATOM   830  C CD1 . LEU A 1 135 ? -9.107  6.587   -2.773  1.00 51.83 ? 157 LEU A CD1 1 
ATOM   831  C CD2 . LEU A 1 135 ? -6.904  6.835   -1.605  1.00 52.51 ? 157 LEU A CD2 1 
ATOM   832  N N   . TYR A 1 136 ? -10.890 10.012  0.901   1.00 55.82 ? 158 TYR A N   1 
ATOM   833  C CA  . TYR A 1 136 ? -11.207 10.839  2.061   1.00 55.91 ? 158 TYR A CA  1 
ATOM   834  C C   . TYR A 1 136 ? -12.608 10.514  2.621   1.00 54.93 ? 158 TYR A C   1 
ATOM   835  O O   . TYR A 1 136 ? -12.827 10.543  3.842   1.00 54.92 ? 158 TYR A O   1 
ATOM   836  C CB  . TYR A 1 136 ? -11.085 12.335  1.707   1.00 56.07 ? 158 TYR A CB  1 
ATOM   837  C CG  . TYR A 1 136 ? -9.686  12.765  1.300   1.00 56.57 ? 158 TYR A CG  1 
ATOM   838  C CD1 . TYR A 1 136 ? -8.574  12.313  1.989   1.00 57.19 ? 158 TYR A CD1 1 
ATOM   839  C CD2 . TYR A 1 136 ? -9.487  13.670  0.254   1.00 55.72 ? 158 TYR A CD2 1 
ATOM   840  C CE1 . TYR A 1 136 ? -7.297  12.706  1.635   1.00 57.10 ? 158 TYR A CE1 1 
ATOM   841  C CE2 . TYR A 1 136 ? -8.235  14.084  -0.097  1.00 57.12 ? 158 TYR A CE2 1 
ATOM   842  C CZ  . TYR A 1 136 ? -7.131  13.600  0.585   1.00 58.55 ? 158 TYR A CZ  1 
ATOM   843  O OH  . TYR A 1 136 ? -5.860  14.003  0.220   1.00 57.42 ? 158 TYR A OH  1 
ATOM   844  N N   . LYS A 1 137 ? -13.549 10.199  1.731   1.00 54.31 ? 159 LYS A N   1 
ATOM   845  C CA  . LYS A 1 137 ? -14.865 9.782   2.165   1.00 53.90 ? 159 LYS A CA  1 
ATOM   846  C C   . LYS A 1 137 ? -14.734 8.517   2.994   1.00 52.72 ? 159 LYS A C   1 
ATOM   847  O O   . LYS A 1 137 ? -15.380 8.401   4.035   1.00 53.00 ? 159 LYS A O   1 
ATOM   848  C CB  . LYS A 1 137 ? -15.775 9.497   0.968   1.00 54.55 ? 159 LYS A CB  1 
ATOM   849  C CG  . LYS A 1 137 ? -16.608 10.711  0.504   1.00 59.80 ? 159 LYS A CG  1 
ATOM   850  C CD  . LYS A 1 137 ? -17.228 10.491  -0.887  1.00 66.17 ? 159 LYS A CD  1 
ATOM   851  C CE  . LYS A 1 137 ? -17.511 9.004   -1.174  1.00 68.94 ? 159 LYS A CE  1 
ATOM   852  N NZ  . LYS A 1 137 ? -18.578 8.375   -0.321  1.00 68.18 ? 159 LYS A NZ  1 
ATOM   853  N N   . SER A 1 138 ? -13.929 7.566   2.508   1.00 50.60 ? 160 SER A N   1 
ATOM   854  C CA  . SER A 1 138 ? -13.695 6.300   3.230   1.00 50.24 ? 160 SER A CA  1 
ATOM   855  C C   . SER A 1 138 ? -13.192 6.597   4.639   1.00 49.19 ? 160 SER A C   1 
ATOM   856  O O   . SER A 1 138 ? -13.720 6.083   5.619   1.00 48.46 ? 160 SER A O   1 
ATOM   857  C CB  . SER A 1 138 ? -12.671 5.414   2.512   1.00 49.56 ? 160 SER A CB  1 
ATOM   858  O OG  . SER A 1 138 ? -12.447 4.194   3.242   1.00 50.86 ? 160 SER A OG  1 
ATOM   859  N N   . VAL A 1 139 ? -12.167 7.434   4.726   1.00 49.48 ? 161 VAL A N   1 
ATOM   860  C CA  . VAL A 1 139 ? -11.567 7.765   6.008   1.00 50.19 ? 161 VAL A CA  1 
ATOM   861  C C   . VAL A 1 139 ? -12.592 8.451   6.906   1.00 51.92 ? 161 VAL A C   1 
ATOM   862  O O   . VAL A 1 139 ? -12.738 8.148   8.099   1.00 51.22 ? 161 VAL A O   1 
ATOM   863  C CB  . VAL A 1 139 ? -10.371 8.706   5.798   1.00 51.04 ? 161 VAL A CB  1 
ATOM   864  C CG1 . VAL A 1 139 ? -9.832  9.207   7.163   1.00 49.70 ? 161 VAL A CG1 1 
ATOM   865  C CG2 . VAL A 1 139 ? -9.285  8.004   4.920   1.00 48.35 ? 161 VAL A CG2 1 
ATOM   866  N N   . LYS A 1 140 ? -13.328 9.381   6.322   1.00 53.60 ? 162 LYS A N   1 
ATOM   867  C CA  . LYS A 1 140 ? -14.322 10.094  7.101   1.00 55.16 ? 162 LYS A CA  1 
ATOM   868  C C   . LYS A 1 140 ? -15.395 9.085   7.543   1.00 54.78 ? 162 LYS A C   1 
ATOM   869  O O   . LYS A 1 140 ? -15.894 9.163   8.657   1.00 54.59 ? 162 LYS A O   1 
ATOM   870  C CB  . LYS A 1 140 ? -14.936 11.208  6.250   1.00 55.97 ? 162 LYS A CB  1 
ATOM   871  C CG  . LYS A 1 140 ? -16.231 11.696  6.800   1.00 59.82 ? 162 LYS A CG  1 
ATOM   872  C CD  . LYS A 1 140 ? -16.018 12.980  7.486   1.00 64.83 ? 162 LYS A CD  1 
ATOM   873  C CE  . LYS A 1 140 ? -16.554 14.056  6.577   1.00 68.98 ? 162 LYS A CE  1 
ATOM   874  N NZ  . LYS A 1 140 ? -18.007 14.301  6.875   1.00 71.77 ? 162 LYS A NZ  1 
ATOM   875  N N   . ALA A 1 141 ? -15.734 8.121   6.686   1.00 54.14 ? 163 ALA A N   1 
ATOM   876  C CA  . ALA A 1 141 ? -16.707 7.107   7.119   1.00 53.70 ? 163 ALA A CA  1 
ATOM   877  C C   . ALA A 1 141 ? -16.108 6.137   8.159   1.00 52.98 ? 163 ALA A C   1 
ATOM   878  O O   . ALA A 1 141 ? -16.813 5.302   8.727   1.00 54.07 ? 163 ALA A O   1 
ATOM   879  C CB  . ALA A 1 141 ? -17.283 6.351   5.935   1.00 53.14 ? 163 ALA A CB  1 
ATOM   880  N N   . GLY A 1 142 ? -14.818 6.254   8.434   1.00 51.88 ? 164 GLY A N   1 
ATOM   881  C CA  . GLY A 1 142 ? -14.221 5.457   9.500   1.00 50.49 ? 164 GLY A CA  1 
ATOM   882  C C   . GLY A 1 142 ? -13.364 4.296   9.023   1.00 50.32 ? 164 GLY A C   1 
ATOM   883  O O   . GLY A 1 142 ? -12.904 3.466   9.832   1.00 50.12 ? 164 GLY A O   1 
ATOM   884  N N   . GLN A 1 143 ? -13.166 4.200   7.711   1.00 49.43 ? 165 GLN A N   1 
ATOM   885  C CA  . GLN A 1 143 ? -12.345 3.112   7.130   1.00 48.80 ? 165 GLN A CA  1 
ATOM   886  C C   . GLN A 1 143 ? -11.040 3.651   6.519   1.00 47.37 ? 165 GLN A C   1 
ATOM   887  O O   . GLN A 1 143 ? -11.068 4.353   5.498   1.00 47.72 ? 165 GLN A O   1 
ATOM   888  C CB  . GLN A 1 143 ? -13.112 2.283   6.078   1.00 48.46 ? 165 GLN A CB  1 
ATOM   889  C CG  . GLN A 1 143 ? -14.230 1.408   6.660   1.00 50.97 ? 165 GLN A CG  1 
ATOM   890  C CD  . GLN A 1 143 ? -15.311 2.266   7.230   1.00 56.41 ? 165 GLN A CD  1 
ATOM   891  O OE1 . GLN A 1 143 ? -15.873 3.127   6.526   1.00 58.99 ? 165 GLN A OE1 1 
ATOM   892  N NE2 . GLN A 1 143 ? -15.587 2.093   8.517   1.00 57.20 ? 165 GLN A NE2 1 
ATOM   893  N N   . PRO A 1 144 ? -9.905  3.310   7.136   1.00 46.37 ? 166 PRO A N   1 
ATOM   894  C CA  . PRO A 1 144 ? -8.596  3.750   6.611   1.00 45.86 ? 166 PRO A CA  1 
ATOM   895  C C   . PRO A 1 144 ? -8.274  3.032   5.285   1.00 46.10 ? 166 PRO A C   1 
ATOM   896  O O   . PRO A 1 144 ? -8.921  2.018   4.930   1.00 45.84 ? 166 PRO A O   1 
ATOM   897  C CB  . PRO A 1 144 ? -7.609  3.322   7.712   1.00 44.43 ? 166 PRO A CB  1 
ATOM   898  C CG  . PRO A 1 144 ? -8.232  2.078   8.338   1.00 46.46 ? 166 PRO A CG  1 
ATOM   899  C CD  . PRO A 1 144 ? -9.776  2.288   8.205   1.00 45.76 ? 166 PRO A CD  1 
ATOM   900  N N   . VAL A 1 145 ? -7.300  3.549   4.549   1.00 44.71 ? 167 VAL A N   1 
ATOM   901  C CA  . VAL A 1 145 ? -7.079  3.088   3.184   1.00 44.62 ? 167 VAL A CA  1 
ATOM   902  C C   . VAL A 1 145 ? -5.583  2.763   2.990   1.00 44.54 ? 167 VAL A C   1 
ATOM   903  O O   . VAL A 1 145 ? -4.733  3.590   3.279   1.00 43.28 ? 167 VAL A O   1 
ATOM   904  C CB  . VAL A 1 145 ? -7.528  4.201   2.176   1.00 44.77 ? 167 VAL A CB  1 
ATOM   905  C CG1 . VAL A 1 145 ? -7.392  3.746   0.678   1.00 41.86 ? 167 VAL A CG1 1 
ATOM   906  C CG2 . VAL A 1 145 ? -8.935  4.684   2.536   1.00 44.12 ? 167 VAL A CG2 1 
ATOM   907  N N   . VAL A 1 146 ? -5.278  1.564   2.507   1.00 44.07 ? 168 VAL A N   1 
ATOM   908  C CA  . VAL A 1 146 ? -3.925  1.218   2.179   1.00 44.34 ? 168 VAL A CA  1 
ATOM   909  C C   . VAL A 1 146 ? -3.594  1.801   0.792   1.00 45.76 ? 168 VAL A C   1 
ATOM   910  O O   . VAL A 1 146 ? -4.351  1.602   -0.173  1.00 45.66 ? 168 VAL A O   1 
ATOM   911  C CB  . VAL A 1 146 ? -3.745  -0.297  2.174   1.00 44.33 ? 168 VAL A CB  1 
ATOM   912  C CG1 . VAL A 1 146 ? -2.320  -0.701  1.644   1.00 43.61 ? 168 VAL A CG1 1 
ATOM   913  C CG2 . VAL A 1 146 ? -4.056  -0.865  3.560   1.00 41.90 ? 168 VAL A CG2 1 
ATOM   914  N N   . ILE A 1 147 ? -2.480  2.531   0.688   1.00 46.45 ? 169 ILE A N   1 
ATOM   915  C CA  . ILE A 1 147 ? -2.159  3.163   -0.592  1.00 47.94 ? 169 ILE A CA  1 
ATOM   916  C C   . ILE A 1 147 ? -0.732  2.897   -1.092  1.00 48.82 ? 169 ILE A C   1 
ATOM   917  O O   . ILE A 1 147 ? 0.222   2.838   -0.312  1.00 49.49 ? 169 ILE A O   1 
ATOM   918  C CB  . ILE A 1 147 ? -2.476  4.680   -0.586  1.00 48.76 ? 169 ILE A CB  1 
ATOM   919  C CG1 . ILE A 1 147 ? -1.491  5.404   0.312   1.00 48.37 ? 169 ILE A CG1 1 
ATOM   920  C CG2 . ILE A 1 147 ? -3.965  4.986   -0.187  1.00 44.21 ? 169 ILE A CG2 1 
ATOM   921  C CD1 . ILE A 1 147 ? -0.395  6.087   -0.477  1.00 51.56 ? 169 ILE A CD1 1 
ATOM   922  N N   . ILE A 1 148 ? -0.576  2.710   -2.389  1.00 49.04 ? 170 ILE A N   1 
ATOM   923  C CA  . ILE A 1 148 ? 0.770   2.588   -2.934  1.00 50.18 ? 170 ILE A CA  1 
ATOM   924  C C   . ILE A 1 148 ? 1.208   4.002   -3.403  1.00 50.80 ? 170 ILE A C   1 
ATOM   925  O O   . ILE A 1 148 ? 0.446   4.672   -4.078  1.00 51.40 ? 170 ILE A O   1 
ATOM   926  C CB  . ILE A 1 148 ? 0.819   1.616   -4.140  1.00 49.81 ? 170 ILE A CB  1 
ATOM   927  C CG1 . ILE A 1 148 ? 0.239   0.240   -3.783  1.00 51.15 ? 170 ILE A CG1 1 
ATOM   928  C CG2 . ILE A 1 148 ? 2.255   1.509   -4.715  1.00 48.93 ? 170 ILE A CG2 1 
ATOM   929  C CD1 . ILE A 1 148 ? 0.996   -0.493  -2.764  1.00 53.90 ? 170 ILE A CD1 1 
ATOM   930  N N   . THR A 1 149 ? 2.412   4.438   -3.036  1.00 50.85 ? 171 THR A N   1 
ATOM   931  C CA  . THR A 1 149 ? 2.912   5.763   -3.431  1.00 51.73 ? 171 THR A CA  1 
ATOM   932  C C   . THR A 1 149 ? 4.411   5.649   -3.561  1.00 51.42 ? 171 THR A C   1 
ATOM   933  O O   . THR A 1 149 ? 4.906   4.548   -3.804  1.00 51.83 ? 171 THR A O   1 
ATOM   934  C CB  . THR A 1 149 ? 2.553   6.867   -2.412  1.00 51.21 ? 171 THR A CB  1 
ATOM   935  O OG1 . THR A 1 149 ? 3.009   8.138   -2.902  1.00 53.86 ? 171 THR A OG1 1 
ATOM   936  C CG2 . THR A 1 149 ? 3.214   6.613   -1.040  1.00 51.26 ? 171 THR A CG2 1 
ATOM   937  N N   . ASN A 1 150 ? 5.148   6.754   -3.410  1.00 51.86 ? 172 ASN A N   1 
ATOM   938  C CA  . ASN A 1 150 ? 6.615   6.637   -3.300  1.00 51.82 ? 172 ASN A CA  1 
ATOM   939  C C   . ASN A 1 150 ? 7.099   7.225   -1.975  1.00 52.00 ? 172 ASN A C   1 
ATOM   940  O O   . ASN A 1 150 ? 6.411   8.038   -1.369  1.00 51.23 ? 172 ASN A O   1 
ATOM   941  C CB  . ASN A 1 150 ? 7.334   7.281   -4.493  1.00 52.43 ? 172 ASN A CB  1 
ATOM   942  C CG  . ASN A 1 150 ? 7.362   8.807   -4.385  1.00 50.93 ? 172 ASN A CG  1 
ATOM   943  O OD1 . ASN A 1 150 ? 8.154   9.375   -3.639  1.00 53.44 ? 172 ASN A OD1 1 
ATOM   944  N ND2 . ASN A 1 150 ? 6.455   9.446   -5.064  1.00 46.20 ? 172 ASN A ND2 1 
ATOM   945  N N   . ALA A 1 151 ? 8.281   6.808   -1.529  1.00 53.41 ? 173 ALA A N   1 
ATOM   946  C CA  . ALA A 1 151 ? 8.762   7.159   -0.187  1.00 54.81 ? 173 ALA A CA  1 
ATOM   947  C C   . ALA A 1 151 ? 8.845   8.677   0.133   1.00 56.29 ? 173 ALA A C   1 
ATOM   948  O O   . ALA A 1 151 ? 8.837   9.054   1.323   1.00 56.38 ? 173 ALA A O   1 
ATOM   949  C CB  . ALA A 1 151 ? 10.083  6.481   0.072   1.00 54.77 ? 173 ALA A CB  1 
ATOM   950  N N   . THR A 1 152 ? 8.902   9.535   -0.905  1.00 56.48 ? 174 THR A N   1 
ATOM   951  C CA  . THR A 1 152 ? 8.984   10.999  -0.696  1.00 57.07 ? 174 THR A CA  1 
ATOM   952  C C   . THR A 1 152 ? 7.619   11.646  -0.555  1.00 57.72 ? 174 THR A C   1 
ATOM   953  O O   . THR A 1 152 ? 7.514   12.807  -0.146  1.00 58.02 ? 174 THR A O   1 
ATOM   954  C CB  . THR A 1 152 ? 9.659   11.769  -1.884  1.00 56.72 ? 174 THR A CB  1 
ATOM   955  O OG1 . THR A 1 152 ? 8.749   11.848  -2.989  1.00 54.77 ? 174 THR A OG1 1 
ATOM   956  C CG2 . THR A 1 152 ? 10.967  11.116  -2.314  1.00 57.04 ? 174 THR A CG2 1 
ATOM   957  N N   . PHE A 1 153 ? 6.568   10.916  -0.920  1.00 57.38 ? 175 PHE A N   1 
ATOM   958  C CA  . PHE A 1 153 ? 5.232   11.464  -0.854  1.00 56.40 ? 175 PHE A CA  1 
ATOM   959  C C   . PHE A 1 153 ? 5.080   12.721  -1.720  1.00 57.31 ? 175 PHE A C   1 
ATOM   960  O O   . PHE A 1 153 ? 4.233   13.576  -1.447  1.00 56.27 ? 175 PHE A O   1 
ATOM   961  C CB  . PHE A 1 153 ? 4.853   11.757  0.589   1.00 56.72 ? 175 PHE A CB  1 
ATOM   962  C CG  . PHE A 1 153 ? 5.012   10.568  1.506   1.00 57.03 ? 175 PHE A CG  1 
ATOM   963  C CD1 . PHE A 1 153 ? 4.327   9.372   1.247   1.00 56.55 ? 175 PHE A CD1 1 
ATOM   964  C CD2 . PHE A 1 153 ? 5.838   10.636  2.611   1.00 55.13 ? 175 PHE A CD2 1 
ATOM   965  C CE1 . PHE A 1 153 ? 4.492   8.280   2.071   1.00 55.45 ? 175 PHE A CE1 1 
ATOM   966  C CE2 . PHE A 1 153 ? 5.995   9.542   3.444   1.00 56.68 ? 175 PHE A CE2 1 
ATOM   967  C CZ  . PHE A 1 153 ? 5.326   8.356   3.163   1.00 54.58 ? 175 PHE A CZ  1 
ATOM   968  N N   . ALA A 1 154 ? 5.903   12.821  -2.763  1.00 57.54 ? 176 ALA A N   1 
ATOM   969  C CA  . ALA A 1 154 ? 5.763   13.889  -3.749  1.00 58.30 ? 176 ALA A CA  1 
ATOM   970  C C   . ALA A 1 154 ? 6.025   13.304  -5.116  1.00 58.30 ? 176 ALA A C   1 
ATOM   971  O O   . ALA A 1 154 ? 6.680   12.255  -5.240  1.00 57.26 ? 176 ALA A O   1 
ATOM   972  C CB  . ALA A 1 154 ? 6.725   15.061  -3.448  1.00 58.09 ? 176 ALA A CB  1 
ATOM   973  N N   . PRO A 1 155 ? 5.497   13.966  -6.156  1.00 59.10 ? 177 PRO A N   1 
ATOM   974  C CA  . PRO A 1 155 ? 5.667   13.464  -7.521  1.00 59.40 ? 177 PRO A CA  1 
ATOM   975  C C   . PRO A 1 155 ? 7.157   13.324  -7.877  1.00 60.46 ? 177 PRO A C   1 
ATOM   976  O O   . PRO A 1 155 ? 8.029   14.099  -7.401  1.00 60.41 ? 177 PRO A O   1 
ATOM   977  C CB  . PRO A 1 155 ? 4.963   14.522  -8.375  1.00 59.92 ? 177 PRO A CB  1 
ATOM   978  C CG  . PRO A 1 155 ? 3.947   15.142  -7.417  1.00 60.48 ? 177 PRO A CG  1 
ATOM   979  C CD  . PRO A 1 155 ? 4.643   15.166  -6.090  1.00 58.93 ? 177 PRO A CD  1 
ATOM   980  N N   . LEU A 1 156 ? 7.474   12.305  -8.657  1.00 60.71 ? 178 LEU A N   1 
ATOM   981  C CA  . LEU A 1 156 ? 8.850   12.062  -8.973  1.00 60.59 ? 178 LEU A CA  1 
ATOM   982  C C   . LEU A 1 156 ? 9.045   12.491  -10.398 1.00 61.51 ? 178 LEU A C   1 
ATOM   983  O O   . LEU A 1 156 ? 8.123   12.417  -11.230 1.00 60.72 ? 178 LEU A O   1 
ATOM   984  C CB  . LEU A 1 156 ? 9.217   10.581  -8.827  1.00 60.89 ? 178 LEU A CB  1 
ATOM   985  C CG  . LEU A 1 156 ? 9.254   9.974   -7.414  1.00 60.42 ? 178 LEU A CG  1 
ATOM   986  C CD1 . LEU A 1 156 ? 9.402   8.435   -7.449  1.00 57.74 ? 178 LEU A CD1 1 
ATOM   987  C CD2 . LEU A 1 156 ? 10.322  10.633  -6.538  1.00 57.25 ? 178 LEU A CD2 1 
ATOM   988  N N   . ASP A 1 157 ? 10.254  12.961  -10.664 1.00 62.73 ? 179 ASP A N   1 
ATOM   989  C CA  . ASP A 1 157 ? 10.708  13.200  -12.004 1.00 64.36 ? 179 ASP A CA  1 
ATOM   990  C C   . ASP A 1 157 ? 10.618  11.903  -12.788 1.00 63.98 ? 179 ASP A C   1 
ATOM   991  O O   . ASP A 1 157 ? 10.916  10.831  -12.267 1.00 63.48 ? 179 ASP A O   1 
ATOM   992  C CB  . ASP A 1 157 ? 12.170  13.604  -11.924 1.00 65.72 ? 179 ASP A CB  1 
ATOM   993  C CG  . ASP A 1 157 ? 12.655  14.282  -13.175 1.00 70.46 ? 179 ASP A CG  1 
ATOM   994  O OD1 . ASP A 1 157 ? 13.084  15.455  -13.032 1.00 75.68 ? 179 ASP A OD1 1 
ATOM   995  O OD2 . ASP A 1 157 ? 12.627  13.655  -14.282 1.00 73.23 ? 179 ASP A OD2 1 
ATOM   996  N N   . GLU A 1 158 ? 10.268  12.021  -14.056 1.00 64.23 ? 180 GLU A N   1 
ATOM   997  C CA  . GLU A 1 158 ? 10.117  10.870  -14.929 1.00 65.49 ? 180 GLU A CA  1 
ATOM   998  C C   . GLU A 1 158 ? 11.328  9.967   -14.999 1.00 65.12 ? 180 GLU A C   1 
ATOM   999  O O   . GLU A 1 158 ? 11.189  8.772   -15.221 1.00 64.95 ? 180 GLU A O   1 
ATOM   1000 C CB  . GLU A 1 158 ? 9.784   11.325  -16.349 1.00 66.37 ? 180 GLU A CB  1 
ATOM   1001 C CG  . GLU A 1 158 ? 8.310   11.452  -16.626 1.00 70.40 ? 180 GLU A CG  1 
ATOM   1002 C CD  . GLU A 1 158 ? 7.631   10.088  -16.717 1.00 77.64 ? 180 GLU A CD  1 
ATOM   1003 O OE1 . GLU A 1 158 ? 6.426   10.011  -16.368 1.00 79.02 ? 180 GLU A OE1 1 
ATOM   1004 O OE2 . GLU A 1 158 ? 8.313   9.096   -17.119 1.00 80.28 ? 180 GLU A OE2 1 
ATOM   1005 N N   . ASP A 1 159 ? 12.521  10.534  -14.842 1.00 65.14 ? 181 ASP A N   1 
ATOM   1006 C CA  . ASP A 1 159 ? 13.743  9.750   -15.013 1.00 65.02 ? 181 ASP A CA  1 
ATOM   1007 C C   . ASP A 1 159 ? 14.041  8.841   -13.832 1.00 63.80 ? 181 ASP A C   1 
ATOM   1008 O O   . ASP A 1 159 ? 14.893  7.946   -13.939 1.00 63.60 ? 181 ASP A O   1 
ATOM   1009 C CB  . ASP A 1 159 ? 14.953  10.646  -15.336 1.00 66.12 ? 181 ASP A CB  1 
ATOM   1010 C CG  . ASP A 1 159 ? 15.180  11.738  -14.302 1.00 69.23 ? 181 ASP A CG  1 
ATOM   1011 O OD1 . ASP A 1 159 ? 14.571  11.688  -13.198 1.00 72.66 ? 181 ASP A OD1 1 
ATOM   1012 O OD2 . ASP A 1 159 ? 16.003  12.651  -14.590 1.00 73.65 ? 181 ASP A OD2 1 
ATOM   1013 N N   . GLU A 1 160 ? 13.339  9.080   -12.716 1.00 62.55 ? 182 GLU A N   1 
ATOM   1014 C CA  . GLU A 1 160 ? 13.310  8.153   -11.572 1.00 61.71 ? 182 GLU A CA  1 
ATOM   1015 C C   . GLU A 1 160 ? 12.656  6.773   -11.868 1.00 60.63 ? 182 GLU A C   1 
ATOM   1016 O O   . GLU A 1 160 ? 12.937  5.813   -11.179 1.00 59.42 ? 182 GLU A O   1 
ATOM   1017 C CB  . GLU A 1 160 ? 12.593  8.790   -10.391 1.00 61.90 ? 182 GLU A CB  1 
ATOM   1018 C CG  . GLU A 1 160 ? 13.173  10.096  -9.904  1.00 64.83 ? 182 GLU A CG  1 
ATOM   1019 C CD  . GLU A 1 160 ? 13.901  9.908   -8.602  1.00 68.04 ? 182 GLU A CD  1 
ATOM   1020 O OE1 . GLU A 1 160 ? 13.941  8.751   -8.127  1.00 69.70 ? 182 GLU A OE1 1 
ATOM   1021 O OE2 . GLU A 1 160 ? 14.456  10.886  -8.064  1.00 69.69 ? 182 GLU A OE2 1 
ATOM   1022 N N   . PHE A 1 161 ? 11.804  6.670   -12.890 1.00 61.03 ? 183 PHE A N   1 
ATOM   1023 C CA  . PHE A 1 161 ? 11.144  5.377   -13.214 1.00 60.99 ? 183 PHE A CA  1 
ATOM   1024 C C   . PHE A 1 161 ? 11.926  4.504   -14.178 1.00 61.59 ? 183 PHE A C   1 
ATOM   1025 O O   . PHE A 1 161 ? 12.728  5.011   -14.968 1.00 61.58 ? 183 PHE A O   1 
ATOM   1026 C CB  . PHE A 1 161 ? 9.739   5.603   -13.744 1.00 59.86 ? 183 PHE A CB  1 
ATOM   1027 C CG  . PHE A 1 161 ? 8.837   6.201   -12.738 1.00 60.78 ? 183 PHE A CG  1 
ATOM   1028 C CD1 . PHE A 1 161 ? 8.864   7.559   -12.508 1.00 59.41 ? 183 PHE A CD1 1 
ATOM   1029 C CD2 . PHE A 1 161 ? 7.993   5.396   -11.969 1.00 59.06 ? 183 PHE A CD2 1 
ATOM   1030 C CE1 . PHE A 1 161 ? 8.047   8.112   -11.549 1.00 59.97 ? 183 PHE A CE1 1 
ATOM   1031 C CE2 . PHE A 1 161 ? 7.178   5.945   -11.019 1.00 57.89 ? 183 PHE A CE2 1 
ATOM   1032 C CZ  . PHE A 1 161 ? 7.207   7.296   -10.795 1.00 59.26 ? 183 PHE A CZ  1 
ATOM   1033 N N   . THR A 1 162 ? 11.727  3.191   -14.072 1.00 62.16 ? 184 THR A N   1 
ATOM   1034 C CA  . THR A 1 162 ? 12.140  2.243   -15.113 1.00 63.80 ? 184 THR A CA  1 
ATOM   1035 C C   . THR A 1 162 ? 10.882  1.598   -15.695 1.00 64.07 ? 184 THR A C   1 
ATOM   1036 O O   . THR A 1 162 ? 9.811   1.575   -15.059 1.00 63.74 ? 184 THR A O   1 
ATOM   1037 C CB  . THR A 1 162 ? 12.967  1.068   -14.568 1.00 64.34 ? 184 THR A CB  1 
ATOM   1038 O OG1 . THR A 1 162 ? 13.909  1.528   -13.594 1.00 66.41 ? 184 THR A OG1 1 
ATOM   1039 C CG2 . THR A 1 162 ? 13.681  0.332   -15.705 1.00 64.47 ? 184 THR A CG2 1 
ATOM   1040 N N   . THR A 1 163 ? 11.017  1.038   -16.885 1.00 64.03 ? 185 THR A N   1 
ATOM   1041 C CA  . THR A 1 163 ? 9.970   0.208   -17.422 1.00 64.52 ? 185 THR A CA  1 
ATOM   1042 C C   . THR A 1 163 ? 10.510  -1.217  -17.456 1.00 63.96 ? 185 THR A C   1 
ATOM   1043 O O   . THR A 1 163 ? 11.602  -1.473  -17.947 1.00 63.39 ? 185 THR A O   1 
ATOM   1044 C CB  . THR A 1 163 ? 9.525   0.683   -18.814 1.00 65.35 ? 185 THR A CB  1 
ATOM   1045 O OG1 . THR A 1 163 ? 9.386   2.108   -18.791 1.00 67.83 ? 185 THR A OG1 1 
ATOM   1046 C CG2 . THR A 1 163 ? 8.175   0.090   -19.189 1.00 66.06 ? 185 THR A CG2 1 
ATOM   1047 N N   . TRP A 1 164 ? 9.745   -2.142  -16.886 1.00 63.14 ? 186 TRP A N   1 
ATOM   1048 C CA  . TRP A 1 164 ? 10.104  -3.535  -16.927 1.00 62.16 ? 186 TRP A CA  1 
ATOM   1049 C C   . TRP A 1 164 ? 9.201   -4.164  -17.934 1.00 62.13 ? 186 TRP A C   1 
ATOM   1050 O O   . TRP A 1 164 ? 8.004   -3.836  -18.013 1.00 61.73 ? 186 TRP A O   1 
ATOM   1051 C CB  . TRP A 1 164 ? 9.799   -4.192  -15.582 1.00 62.73 ? 186 TRP A CB  1 
ATOM   1052 C CG  . TRP A 1 164 ? 10.808  -3.930  -14.512 1.00 60.08 ? 186 TRP A CG  1 
ATOM   1053 C CD1 . TRP A 1 164 ? 11.895  -3.112  -14.584 1.00 58.67 ? 186 TRP A CD1 1 
ATOM   1054 C CD2 . TRP A 1 164 ? 10.786  -4.463  -13.184 1.00 58.64 ? 186 TRP A CD2 1 
ATOM   1055 N NE1 . TRP A 1 164 ? 12.557  -3.106  -13.381 1.00 58.59 ? 186 TRP A NE1 1 
ATOM   1056 C CE2 . TRP A 1 164 ? 11.903  -3.933  -12.506 1.00 58.11 ? 186 TRP A CE2 1 
ATOM   1057 C CE3 . TRP A 1 164 ? 9.921   -5.330  -12.496 1.00 57.45 ? 186 TRP A CE3 1 
ATOM   1058 C CZ2 . TRP A 1 164 ? 12.200  -4.264  -11.180 1.00 58.77 ? 186 TRP A CZ2 1 
ATOM   1059 C CZ3 . TRP A 1 164 ? 10.208  -5.653  -11.178 1.00 58.37 ? 186 TRP A CZ3 1 
ATOM   1060 C CH2 . TRP A 1 164 ? 11.331  -5.111  -10.529 1.00 58.54 ? 186 TRP A CH2 1 
ATOM   1061 N N   . GLU A 1 165 ? 9.766   -5.097  -18.682 1.00 62.53 ? 187 GLU A N   1 
ATOM   1062 C CA  . GLU A 1 165 ? 8.978   -5.950  -19.570 1.00 63.24 ? 187 GLU A CA  1 
ATOM   1063 C C   . GLU A 1 165 ? 8.656   -7.244  -18.849 1.00 62.19 ? 187 GLU A C   1 
ATOM   1064 O O   . GLU A 1 165 ? 9.547   -7.924  -18.361 1.00 62.76 ? 187 GLU A O   1 
ATOM   1065 C CB  . GLU A 1 165 ? 9.766   -6.263  -20.834 1.00 62.47 ? 187 GLU A CB  1 
ATOM   1066 C CG  . GLU A 1 165 ? 9.275   -5.501  -22.030 1.00 67.86 ? 187 GLU A CG  1 
ATOM   1067 C CD  . GLU A 1 165 ? 10.119  -5.807  -23.263 1.00 73.25 ? 187 GLU A CD  1 
ATOM   1068 O OE1 . GLU A 1 165 ? 10.835  -4.881  -23.747 1.00 74.69 ? 187 GLU A OE1 1 
ATOM   1069 O OE2 . GLU A 1 165 ? 10.085  -6.989  -23.698 1.00 71.63 ? 187 GLU A OE2 1 
ATOM   1070 N N   . THR A 1 166 ? 7.388   -7.588  -18.782 1.00 62.77 ? 188 THR A N   1 
ATOM   1071 C CA  . THR A 1 166 ? 6.975   -8.784  -18.036 1.00 62.39 ? 188 THR A CA  1 
ATOM   1072 C C   . THR A 1 166 ? 6.141   -9.614  -19.005 1.00 63.84 ? 188 THR A C   1 
ATOM   1073 O O   . THR A 1 166 ? 5.862   -9.141  -20.120 1.00 63.86 ? 188 THR A O   1 
ATOM   1074 C CB  . THR A 1 166 ? 6.097   -8.396  -16.855 1.00 61.74 ? 188 THR A CB  1 
ATOM   1075 O OG1 . THR A 1 166 ? 4.781   -8.086  -17.323 1.00 58.84 ? 188 THR A OG1 1 
ATOM   1076 C CG2 . THR A 1 166 ? 6.667   -7.169  -16.134 1.00 60.02 ? 188 THR A CG2 1 
ATOM   1077 N N   . ASN A 1 167 ? 5.723   -10.816 -18.598 1.00 64.20 ? 189 ASN A N   1 
ATOM   1078 C CA  . ASN A 1 167 ? 4.844   -11.626 -19.436 1.00 65.48 ? 189 ASN A CA  1 
ATOM   1079 C C   . ASN A 1 167 ? 3.475   -10.979 -19.646 1.00 66.22 ? 189 ASN A C   1 
ATOM   1080 O O   . ASN A 1 167 ? 2.623   -11.513 -20.340 1.00 66.66 ? 189 ASN A O   1 
ATOM   1081 C CB  . ASN A 1 167 ? 4.689   -13.051 -18.877 1.00 65.86 ? 189 ASN A CB  1 
ATOM   1082 N N   . ASN A 1 168 ? 3.252   -9.813  -19.066 1.00 67.10 ? 190 ASN A N   1 
ATOM   1083 C CA  . ASN A 1 168 ? 1.926   -9.215  -19.148 1.00 67.89 ? 190 ASN A CA  1 
ATOM   1084 C C   . ASN A 1 168 ? 2.001   -7.749  -19.440 1.00 67.30 ? 190 ASN A C   1 
ATOM   1085 O O   . ASN A 1 168 ? 1.181   -6.971  -18.952 1.00 67.73 ? 190 ASN A O   1 
ATOM   1086 C CB  . ASN A 1 168 ? 1.198   -9.415  -17.831 1.00 69.22 ? 190 ASN A CB  1 
ATOM   1087 C CG  . ASN A 1 168 ? 1.578   -10.740 -17.157 1.00 72.89 ? 190 ASN A CG  1 
ATOM   1088 O OD1 . ASN A 1 168 ? 1.105   -11.801 -17.567 1.00 78.44 ? 190 ASN A OD1 1 
ATOM   1089 N ND2 . ASN A 1 168 ? 2.437   -10.681 -16.124 1.00 74.80 ? 190 ASN A ND2 1 
ATOM   1090 N N   . GLY A 1 169 ? 2.993   -7.367  -20.231 1.00 66.27 ? 191 GLY A N   1 
ATOM   1091 C CA  . GLY A 1 169 ? 3.123   -5.989  -20.658 1.00 65.35 ? 191 GLY A CA  1 
ATOM   1092 C C   . GLY A 1 169 ? 4.079   -5.206  -19.779 1.00 64.58 ? 191 GLY A C   1 
ATOM   1093 O O   . GLY A 1 169 ? 4.604   -5.713  -18.799 1.00 64.30 ? 191 GLY A O   1 
ATOM   1094 N N   . ASP A 1 170 ? 4.291   -3.956  -20.151 1.00 63.45 ? 192 ASP A N   1 
ATOM   1095 C CA  . ASP A 1 170 ? 5.254   -3.100  -19.476 1.00 62.46 ? 192 ASP A CA  1 
ATOM   1096 C C   . ASP A 1 170 ? 4.666   -2.586  -18.196 1.00 60.13 ? 192 ASP A C   1 
ATOM   1097 O O   . ASP A 1 170 ? 3.455   -2.376  -18.095 1.00 60.15 ? 192 ASP A O   1 
ATOM   1098 C CB  . ASP A 1 170 ? 5.598   -1.913  -20.360 1.00 62.65 ? 192 ASP A CB  1 
ATOM   1099 C CG  . ASP A 1 170 ? 6.163   -2.337  -21.689 1.00 66.06 ? 192 ASP A CG  1 
ATOM   1100 O OD1 . ASP A 1 170 ? 6.455   -3.559  -21.847 1.00 69.82 ? 192 ASP A OD1 1 
ATOM   1101 O OD2 . ASP A 1 170 ? 6.321   -1.451  -22.574 1.00 68.60 ? 192 ASP A OD2 1 
ATOM   1102 N N   . VAL A 1 171 ? 5.521   -2.418  -17.209 1.00 58.05 ? 193 VAL A N   1 
ATOM   1103 C CA  . VAL A 1 171 ? 5.081   -1.798  -15.991 1.00 57.63 ? 193 VAL A CA  1 
ATOM   1104 C C   . VAL A 1 171 ? 6.132   -0.799  -15.537 1.00 56.88 ? 193 VAL A C   1 
ATOM   1105 O O   . VAL A 1 171 ? 7.322   -1.060  -15.609 1.00 55.13 ? 193 VAL A O   1 
ATOM   1106 C CB  . VAL A 1 171 ? 4.692   -2.838  -14.858 1.00 57.89 ? 193 VAL A CB  1 
ATOM   1107 C CG1 . VAL A 1 171 ? 5.687   -3.979  -14.806 1.00 58.54 ? 193 VAL A CG1 1 
ATOM   1108 C CG2 . VAL A 1 171 ? 4.635   -2.159  -13.474 1.00 57.98 ? 193 VAL A CG2 1 
ATOM   1109 N N   . SER A 1 172 ? 5.661   0.353   -15.081 1.00 57.00 ? 194 SER A N   1 
ATOM   1110 C CA  . SER A 1 172 ? 6.538   1.363   -14.529 1.00 58.25 ? 194 SER A CA  1 
ATOM   1111 C C   . SER A 1 172 ? 6.803   1.120   -13.050 1.00 57.34 ? 194 SER A C   1 
ATOM   1112 O O   . SER A 1 172 ? 5.860   0.958   -12.257 1.00 58.40 ? 194 SER A O   1 
ATOM   1113 C CB  . SER A 1 172 ? 5.929   2.734   -14.734 1.00 58.95 ? 194 SER A CB  1 
ATOM   1114 O OG  . SER A 1 172 ? 5.847   2.966   -16.133 1.00 63.95 ? 194 SER A OG  1 
ATOM   1115 N N   . ILE A 1 173 ? 8.093   1.040   -12.710 1.00 55.75 ? 195 ILE A N   1 
ATOM   1116 C CA  . ILE A 1 173 ? 8.549   0.835   -11.357 1.00 54.11 ? 195 ILE A CA  1 
ATOM   1117 C C   . ILE A 1 173 ? 9.538   1.933   -10.934 1.00 54.14 ? 195 ILE A C   1 
ATOM   1118 O O   . ILE A 1 173 ? 10.174  2.582   -11.769 1.00 54.26 ? 195 ILE A O   1 
ATOM   1119 C CB  . ILE A 1 173 ? 9.206   -0.589  -11.164 1.00 53.94 ? 195 ILE A CB  1 
ATOM   1120 C CG1 . ILE A 1 173 ? 10.579  -0.674  -11.817 1.00 51.78 ? 195 ILE A CG1 1 
ATOM   1121 C CG2 . ILE A 1 173 ? 8.249   -1.767  -11.568 1.00 51.60 ? 195 ILE A CG2 1 
ATOM   1122 C CD1 . ILE A 1 173 ? 11.661  -0.481  -10.802 1.00 48.85 ? 195 ILE A CD1 1 
ATOM   1123 N N   . THR A 1 174 ? 9.594   2.195   -9.642  1.00 52.97 ? 196 THR A N   1 
ATOM   1124 C CA  . THR A 1 174 ? 10.605  3.038   -9.082  1.00 53.52 ? 196 THR A CA  1 
ATOM   1125 C C   . THR A 1 174 ? 11.030  2.408   -7.768  1.00 53.94 ? 196 THR A C   1 
ATOM   1126 O O   . THR A 1 174 ? 10.171  1.986   -7.008  1.00 52.87 ? 196 THR A O   1 
ATOM   1127 C CB  . THR A 1 174 ? 10.121  4.502   -8.807  1.00 53.14 ? 196 THR A CB  1 
ATOM   1128 O OG1 . THR A 1 174 ? 11.106  5.138   -7.989  1.00 55.98 ? 196 THR A OG1 1 
ATOM   1129 C CG2 . THR A 1 174 ? 8.772   4.557   -8.067  1.00 52.62 ? 196 THR A CG2 1 
ATOM   1130 N N   . TYR A 1 175 ? 12.337  2.388   -7.482  1.00 54.47 ? 197 TYR A N   1 
ATOM   1131 C CA  . TYR A 1 175 ? 12.811  1.779   -6.239  1.00 56.06 ? 197 TYR A CA  1 
ATOM   1132 C C   . TYR A 1 175 ? 12.556  2.664   -5.030  1.00 55.47 ? 197 TYR A C   1 
ATOM   1133 O O   . TYR A 1 175 ? 13.020  2.397   -3.938  1.00 56.95 ? 197 TYR A O   1 
ATOM   1134 C CB  . TYR A 1 175 ? 14.280  1.387   -6.355  1.00 58.06 ? 197 TYR A CB  1 
ATOM   1135 C CG  . TYR A 1 175 ? 14.645  0.898   -7.748  1.00 61.77 ? 197 TYR A CG  1 
ATOM   1136 C CD1 . TYR A 1 175 ? 14.484  -0.446  -8.113  1.00 64.67 ? 197 TYR A CD1 1 
ATOM   1137 C CD2 . TYR A 1 175 ? 15.156  1.794   -8.707  1.00 69.04 ? 197 TYR A CD2 1 
ATOM   1138 C CE1 . TYR A 1 175 ? 14.833  -0.894  -9.396  1.00 67.68 ? 197 TYR A CE1 1 
ATOM   1139 C CE2 . TYR A 1 175 ? 15.523  1.366   -10.001 1.00 69.40 ? 197 TYR A CE2 1 
ATOM   1140 C CZ  . TYR A 1 175 ? 15.347  0.026   -10.340 1.00 71.48 ? 197 TYR A CZ  1 
ATOM   1141 O OH  . TYR A 1 175 ? 15.703  -0.389  -11.613 1.00 73.65 ? 197 TYR A OH  1 
ATOM   1142 N N   . ASN A 1 176 ? 11.814  3.723   -5.265  1.00 54.35 ? 198 ASN A N   1 
ATOM   1143 C CA  . ASN A 1 176 ? 11.237  4.589   -4.254  1.00 54.65 ? 198 ASN A CA  1 
ATOM   1144 C C   . ASN A 1 176 ? 9.843   4.060   -3.823  1.00 52.77 ? 198 ASN A C   1 
ATOM   1145 O O   . ASN A 1 176 ? 9.207   4.657   -2.967  1.00 52.08 ? 198 ASN A O   1 
ATOM   1146 C CB  . ASN A 1 176 ? 10.939  5.958   -4.954  1.00 55.19 ? 198 ASN A CB  1 
ATOM   1147 C CG  . ASN A 1 176 ? 12.138  6.847   -5.042  1.00 60.66 ? 198 ASN A CG  1 
ATOM   1148 O OD1 . ASN A 1 176 ? 12.337  7.692   -4.169  1.00 66.95 ? 198 ASN A OD1 1 
ATOM   1149 N ND2 . ASN A 1 176 ? 12.951  6.687   -6.103  1.00 63.89 ? 198 ASN A ND2 1 
ATOM   1150 N N   . GLU A 1 177 ? 9.327   3.033   -4.509  1.00 51.30 ? 199 GLU A N   1 
ATOM   1151 C CA  . GLU A 1 177 ? 7.953   2.540   -4.233  1.00 51.10 ? 199 GLU A CA  1 
ATOM   1152 C C   . GLU A 1 177 ? 7.770   2.319   -2.741  1.00 49.54 ? 199 GLU A C   1 
ATOM   1153 O O   . GLU A 1 177 ? 8.637   1.750   -2.080  1.00 49.12 ? 199 GLU A O   1 
ATOM   1154 C CB  . GLU A 1 177 ? 7.656   1.208   -4.962  1.00 51.06 ? 199 GLU A CB  1 
ATOM   1155 C CG  . GLU A 1 177 ? 6.204   0.662   -4.754  1.00 53.12 ? 199 GLU A CG  1 
ATOM   1156 C CD  . GLU A 1 177 ? 6.055   -0.496  -3.731  1.00 54.01 ? 199 GLU A CD  1 
ATOM   1157 O OE1 . GLU A 1 177 ? 7.051   -0.938  -3.117  1.00 54.25 ? 199 GLU A OE1 1 
ATOM   1158 O OE2 . GLU A 1 177 ? 4.900   -0.957  -3.521  1.00 55.06 ? 199 GLU A OE2 1 
ATOM   1159 N N   . HIS A 1 178 ? 6.625   2.743   -2.234  1.00 49.15 ? 200 HIS A N   1 
ATOM   1160 C CA  . HIS A 1 178 ? 6.312   2.623   -0.838  1.00 48.90 ? 200 HIS A CA  1 
ATOM   1161 C C   . HIS A 1 178 ? 4.801   2.404   -0.597  1.00 48.67 ? 200 HIS A C   1 
ATOM   1162 O O   . HIS A 1 178 ? 3.943   2.640   -1.480  1.00 49.15 ? 200 HIS A O   1 
ATOM   1163 C CB  . HIS A 1 178 ? 6.831   3.856   -0.092  1.00 48.78 ? 200 HIS A CB  1 
ATOM   1164 C CG  . HIS A 1 178 ? 6.888   3.684   1.405   1.00 50.07 ? 200 HIS A CG  1 
ATOM   1165 N ND1 . HIS A 1 178 ? 7.287   2.504   2.010   1.00 51.48 ? 200 HIS A ND1 1 
ATOM   1166 C CD2 . HIS A 1 178 ? 6.595   4.539   2.414   1.00 51.25 ? 200 HIS A CD2 1 
ATOM   1167 C CE1 . HIS A 1 178 ? 7.243   2.644   3.324   1.00 51.10 ? 200 HIS A CE1 1 
ATOM   1168 N NE2 . HIS A 1 178 ? 6.820   3.867   3.596   1.00 52.88 ? 200 HIS A NE2 1 
ATOM   1169 N N   . CYS A 1 179 ? 4.449   1.953   0.601   1.00 47.70 ? 201 CYS A N   1 
ATOM   1170 C CA  . CYS A 1 179 ? 3.034   1.686   0.873   1.00 45.19 ? 201 CYS A CA  1 
ATOM   1171 C C   . CYS A 1 179 ? 2.746   2.056   2.296   1.00 44.54 ? 201 CYS A C   1 
ATOM   1172 O O   . CYS A 1 179 ? 3.484   1.694   3.194   1.00 44.68 ? 201 CYS A O   1 
ATOM   1173 C CB  . CYS A 1 179 ? 2.708   0.209   0.602   1.00 44.98 ? 201 CYS A CB  1 
ATOM   1174 S SG  . CYS A 1 179 ? 1.010   -0.240  0.986   1.00 42.96 ? 201 CYS A SG  1 
ATOM   1175 N N   . VAL A 1 180 ? 1.663   2.790   2.494   1.00 44.55 ? 202 VAL A N   1 
ATOM   1176 C CA  . VAL A 1 180 ? 1.307   3.334   3.811   1.00 43.33 ? 202 VAL A CA  1 
ATOM   1177 C C   . VAL A 1 180 ? -0.222  3.249   3.990   1.00 42.59 ? 202 VAL A C   1 
ATOM   1178 O O   . VAL A 1 180 ? -0.964  2.956   3.052   1.00 41.85 ? 202 VAL A O   1 
ATOM   1179 C CB  . VAL A 1 180 ? 1.824   4.833   4.022   1.00 44.60 ? 202 VAL A CB  1 
ATOM   1180 C CG1 . VAL A 1 180 ? 3.354   4.982   3.750   1.00 41.90 ? 202 VAL A CG1 1 
ATOM   1181 C CG2 . VAL A 1 180 ? 1.029   5.812   3.191   1.00 43.30 ? 202 VAL A CG2 1 
ATOM   1182 N N   . VAL A 1 181 ? -0.683  3.497   5.206   1.00 42.61 ? 203 VAL A N   1 
ATOM   1183 C CA  . VAL A 1 181 ? -2.108  3.553   5.501   1.00 42.73 ? 203 VAL A CA  1 
ATOM   1184 C C   . VAL A 1 181 ? -2.491  4.998   5.673   1.00 44.65 ? 203 VAL A C   1 
ATOM   1185 O O   . VAL A 1 181 ? -1.900  5.687   6.521   1.00 46.21 ? 203 VAL A O   1 
ATOM   1186 C CB  . VAL A 1 181 ? -2.499  2.776   6.828   1.00 42.44 ? 203 VAL A CB  1 
ATOM   1187 C CG1 . VAL A 1 181 ? -4.033  2.728   6.987   1.00 37.15 ? 203 VAL A CG1 1 
ATOM   1188 C CG2 . VAL A 1 181 ? -1.867  1.345   6.845   1.00 39.14 ? 203 VAL A CG2 1 
ATOM   1189 N N   . LEU A 1 182 ? -3.464  5.435   4.875   1.00 45.29 ? 204 LEU A N   1 
ATOM   1190 C CA  . LEU A 1 182 ? -4.103  6.741   5.018   1.00 46.71 ? 204 LEU A CA  1 
ATOM   1191 C C   . LEU A 1 182 ? -5.104  6.714   6.161   1.00 47.58 ? 204 LEU A C   1 
ATOM   1192 O O   . LEU A 1 182 ? -6.107  5.975   6.128   1.00 48.43 ? 204 LEU A O   1 
ATOM   1193 C CB  . LEU A 1 182 ? -4.807  7.158   3.721   1.00 46.72 ? 204 LEU A CB  1 
ATOM   1194 C CG  . LEU A 1 182 ? -5.604  8.486   3.760   1.00 46.46 ? 204 LEU A CG  1 
ATOM   1195 C CD1 . LEU A 1 182 ? -4.696  9.699   3.976   1.00 46.41 ? 204 LEU A CD1 1 
ATOM   1196 C CD2 . LEU A 1 182 ? -6.432  8.671   2.500   1.00 47.86 ? 204 LEU A CD2 1 
ATOM   1197 N N   . ILE A 1 183 ? -4.840  7.493   7.193   1.00 46.90 ? 205 ILE A N   1 
ATOM   1198 C CA  . ILE A 1 183 ? -5.689  7.429   8.337   1.00 47.77 ? 205 ILE A CA  1 
ATOM   1199 C C   . ILE A 1 183 ? -6.336  8.765   8.682   1.00 49.19 ? 205 ILE A C   1 
ATOM   1200 O O   . ILE A 1 183 ? -7.086  8.859   9.668   1.00 49.39 ? 205 ILE A O   1 
ATOM   1201 C CB  . ILE A 1 183 ? -4.937  6.915   9.588   1.00 47.43 ? 205 ILE A CB  1 
ATOM   1202 C CG1 . ILE A 1 183 ? -3.909  7.952   10.096  1.00 46.95 ? 205 ILE A CG1 1 
ATOM   1203 C CG2 . ILE A 1 183 ? -4.353  5.445   9.368   1.00 44.57 ? 205 ILE A CG2 1 
ATOM   1204 C CD1 . ILE A 1 183 ? -3.422  7.625   11.556  1.00 45.38 ? 205 ILE A CD1 1 
ATOM   1205 N N   . GLY A 1 184 ? -6.064  9.791   7.889   1.00 49.76 ? 206 GLY A N   1 
ATOM   1206 C CA  . GLY A 1 184 ? -6.603  11.108  8.223   1.00 52.02 ? 206 GLY A CA  1 
ATOM   1207 C C   . GLY A 1 184 ? -6.227  12.214  7.252   1.00 53.43 ? 206 GLY A C   1 
ATOM   1208 O O   . GLY A 1 184 ? -5.368  12.029  6.391   1.00 53.31 ? 206 GLY A O   1 
ATOM   1209 N N   . TYR A 1 185 ? -6.880  13.364  7.385   1.00 55.66 ? 207 TYR A N   1 
ATOM   1210 C CA  . TYR A 1 185 ? -6.583  14.522  6.527   1.00 57.72 ? 207 TYR A CA  1 
ATOM   1211 C C   . TYR A 1 185 ? -7.065  15.823  7.155   1.00 59.21 ? 207 TYR A C   1 
ATOM   1212 O O   . TYR A 1 185 ? -8.034  15.845  7.921   1.00 58.95 ? 207 TYR A O   1 
ATOM   1213 C CB  . TYR A 1 185 ? -7.256  14.358  5.159   1.00 57.36 ? 207 TYR A CB  1 
ATOM   1214 C CG  . TYR A 1 185 ? -8.761  14.238  5.228   1.00 58.49 ? 207 TYR A CG  1 
ATOM   1215 C CD1 . TYR A 1 185 ? -9.591  15.361  5.071   1.00 60.15 ? 207 TYR A CD1 1 
ATOM   1216 C CD2 . TYR A 1 185 ? -9.372  12.996  5.457   1.00 58.21 ? 207 TYR A CD2 1 
ATOM   1217 C CE1 . TYR A 1 185 ? -10.989 15.249  5.132   1.00 59.26 ? 207 TYR A CE1 1 
ATOM   1218 C CE2 . TYR A 1 185 ? -10.746 12.878  5.517   1.00 58.66 ? 207 TYR A CE2 1 
ATOM   1219 C CZ  . TYR A 1 185 ? -11.563 14.006  5.360   1.00 61.00 ? 207 TYR A CZ  1 
ATOM   1220 O OH  . TYR A 1 185 ? -12.950 13.860  5.441   1.00 60.74 ? 207 TYR A OH  1 
ATOM   1221 N N   . ASP A 1 186 ? -6.367  16.908  6.837   1.00 61.42 ? 208 ASP A N   1 
ATOM   1222 C CA  . ASP A 1 186 ? -6.924  18.253  7.058   1.00 63.16 ? 208 ASP A CA  1 
ATOM   1223 C C   . ASP A 1 186 ? -6.712  19.096  5.791   1.00 64.36 ? 208 ASP A C   1 
ATOM   1224 O O   . ASP A 1 186 ? -6.393  18.558  4.727   1.00 63.94 ? 208 ASP A O   1 
ATOM   1225 C CB  . ASP A 1 186 ? -6.413  18.928  8.356   1.00 62.87 ? 208 ASP A CB  1 
ATOM   1226 C CG  . ASP A 1 186 ? -4.914  19.120  8.383   1.00 62.43 ? 208 ASP A CG  1 
ATOM   1227 O OD1 . ASP A 1 186 ? -4.326  19.318  7.303   1.00 65.31 ? 208 ASP A OD1 1 
ATOM   1228 O OD2 . ASP A 1 186 ? -4.308  19.078  9.480   1.00 61.77 ? 208 ASP A OD2 1 
ATOM   1229 N N   . GLN A 1 187 ? -6.918  20.404  5.885   1.00 65.67 ? 209 GLN A N   1 
ATOM   1230 C CA  . GLN A 1 187 ? -6.870  21.229  4.690   1.00 66.86 ? 209 GLN A CA  1 
ATOM   1231 C C   . GLN A 1 187 ? -5.468  21.184  4.066   1.00 66.15 ? 209 GLN A C   1 
ATOM   1232 O O   . GLN A 1 187 ? -5.297  21.075  2.852   1.00 66.07 ? 209 GLN A O   1 
ATOM   1233 C CB  . GLN A 1 187 ? -7.285  22.661  5.022   1.00 67.58 ? 209 GLN A CB  1 
ATOM   1234 C CG  . GLN A 1 187 ? -8.040  23.344  3.896   1.00 71.48 ? 209 GLN A CG  1 
ATOM   1235 C CD  . GLN A 1 187 ? -8.433  24.778  4.247   1.00 77.28 ? 209 GLN A CD  1 
ATOM   1236 O OE1 . GLN A 1 187 ? -8.473  25.657  3.367   1.00 80.48 ? 209 GLN A OE1 1 
ATOM   1237 N NE2 . GLN A 1 187 ? -8.716  25.028  5.536   1.00 77.73 ? 209 GLN A NE2 1 
ATOM   1238 N N   . GLU A 1 188 ? -4.461  21.234  4.918   1.00 66.12 ? 210 GLU A N   1 
ATOM   1239 C CA  . GLU A 1 188 ? -3.111  21.301  4.449   1.00 66.14 ? 210 GLU A CA  1 
ATOM   1240 C C   . GLU A 1 188 ? -2.391  19.950  4.416   1.00 65.83 ? 210 GLU A C   1 
ATOM   1241 O O   . GLU A 1 188 ? -1.417  19.794  3.667   1.00 66.25 ? 210 GLU A O   1 
ATOM   1242 C CB  . GLU A 1 188 ? -2.322  22.252  5.351   1.00 67.60 ? 210 GLU A CB  1 
ATOM   1243 N N   . SER A 1 189 ? -2.834  18.992  5.231   1.00 64.07 ? 211 SER A N   1 
ATOM   1244 C CA  . SER A 1 189 ? -2.076  17.723  5.401   1.00 62.55 ? 211 SER A CA  1 
ATOM   1245 C C   . SER A 1 189 ? -2.868  16.430  5.169   1.00 60.34 ? 211 SER A C   1 
ATOM   1246 O O   . SER A 1 189 ? -4.086  16.434  5.183   1.00 59.31 ? 211 SER A O   1 
ATOM   1247 C CB  . SER A 1 189 ? -1.453  17.669  6.804   1.00 62.66 ? 211 SER A CB  1 
ATOM   1248 O OG  . SER A 1 189 ? -0.381  18.590  6.921   1.00 64.48 ? 211 SER A OG  1 
ATOM   1249 N N   . VAL A 1 190 ? -2.156  15.325  4.948   1.00 59.20 ? 212 VAL A N   1 
ATOM   1250 C CA  . VAL A 1 190 ? -2.737  14.006  5.225   1.00 57.23 ? 212 VAL A CA  1 
ATOM   1251 C C   . VAL A 1 190 ? -1.949  13.393  6.364   1.00 57.36 ? 212 VAL A C   1 
ATOM   1252 O O   . VAL A 1 190 ? -0.809  13.807  6.634   1.00 56.48 ? 212 VAL A O   1 
ATOM   1253 C CB  . VAL A 1 190 ? -2.750  13.017  4.029   1.00 56.79 ? 212 VAL A CB  1 
ATOM   1254 C CG1 . VAL A 1 190 ? -3.633  13.542  2.897   1.00 56.81 ? 212 VAL A CG1 1 
ATOM   1255 C CG2 . VAL A 1 190 ? -1.349  12.691  3.554   1.00 55.74 ? 212 VAL A CG2 1 
ATOM   1256 N N   . TYR A 1 191 ? -2.580  12.421  7.030   1.00 56.10 ? 213 TYR A N   1 
ATOM   1257 C CA  . TYR A 1 191 ? -2.000  11.742  8.175   1.00 55.54 ? 213 TYR A CA  1 
ATOM   1258 C C   . TYR A 1 191 ? -1.896  10.243  7.852   1.00 53.83 ? 213 TYR A C   1 
ATOM   1259 O O   . TYR A 1 191 ? -2.868  9.631   7.387   1.00 52.90 ? 213 TYR A O   1 
ATOM   1260 C CB  . TYR A 1 191 ? -2.881  11.998  9.410   1.00 56.22 ? 213 TYR A CB  1 
ATOM   1261 C CG  . TYR A 1 191 ? -2.933  13.470  9.759   1.00 58.29 ? 213 TYR A CG  1 
ATOM   1262 C CD1 . TYR A 1 191 ? -2.031  14.015  10.672  1.00 61.29 ? 213 TYR A CD1 1 
ATOM   1263 C CD2 . TYR A 1 191 ? -3.865  14.316  9.164   1.00 59.30 ? 213 TYR A CD2 1 
ATOM   1264 C CE1 . TYR A 1 191 ? -2.053  15.372  10.984  1.00 62.96 ? 213 TYR A CE1 1 
ATOM   1265 C CE2 . TYR A 1 191 ? -3.901  15.684  9.464   1.00 63.16 ? 213 TYR A CE2 1 
ATOM   1266 C CZ  . TYR A 1 191 ? -2.993  16.200  10.375  1.00 64.96 ? 213 TYR A CZ  1 
ATOM   1267 O OH  . TYR A 1 191 ? -3.019  17.543  10.691  1.00 67.07 ? 213 TYR A OH  1 
ATOM   1268 N N   . ILE A 1 192 ? -0.723  9.656   8.068   1.00 52.35 ? 214 ILE A N   1 
ATOM   1269 C CA  . ILE A 1 192 ? -0.532  8.271   7.679   1.00 51.08 ? 214 ILE A CA  1 
ATOM   1270 C C   . ILE A 1 192 ? 0.069   7.412   8.785   1.00 50.59 ? 214 ILE A C   1 
ATOM   1271 O O   . ILE A 1 192 ? 0.636   7.930   9.762   1.00 50.23 ? 214 ILE A O   1 
ATOM   1272 C CB  . ILE A 1 192 ? 0.363   8.174   6.428   1.00 51.51 ? 214 ILE A CB  1 
ATOM   1273 C CG1 . ILE A 1 192 ? 1.771   8.686   6.761   1.00 51.28 ? 214 ILE A CG1 1 
ATOM   1274 C CG2 . ILE A 1 192 ? -0.263  8.948   5.242   1.00 50.14 ? 214 ILE A CG2 1 
ATOM   1275 C CD1 . ILE A 1 192 ? 2.718   8.676   5.592   1.00 51.49 ? 214 ILE A CD1 1 
ATOM   1276 N N   . ARG A 1 193 ? -0.068  6.092   8.614   1.00 49.50 ? 215 ARG A N   1 
ATOM   1277 C CA  . ARG A 1 193 ? 0.795   5.095   9.279   1.00 48.64 ? 215 ARG A CA  1 
ATOM   1278 C C   . ARG A 1 193 ? 1.815   4.609   8.246   1.00 48.23 ? 215 ARG A C   1 
ATOM   1279 O O   . ARG A 1 193 ? 1.454   4.052   7.198   1.00 47.62 ? 215 ARG A O   1 
ATOM   1280 C CB  . ARG A 1 193 ? -0.026  3.900   9.805   1.00 48.13 ? 215 ARG A CB  1 
ATOM   1281 C CG  . ARG A 1 193 ? -0.925  4.225   10.972  1.00 47.95 ? 215 ARG A CG  1 
ATOM   1282 C CD  . ARG A 1 193 ? -0.252  4.099   12.333  1.00 45.59 ? 215 ARG A CD  1 
ATOM   1283 N NE  . ARG A 1 193 ? -1.307  4.311   13.323  1.00 48.84 ? 215 ARG A NE  1 
ATOM   1284 C CZ  . ARG A 1 193 ? -1.537  5.442   13.975  1.00 48.42 ? 215 ARG A CZ  1 
ATOM   1285 N NH1 . ARG A 1 193 ? -0.717  6.493   13.794  1.00 45.39 ? 215 ARG A NH1 1 
ATOM   1286 N NH2 . ARG A 1 193 ? -2.579  5.505   14.821  1.00 45.79 ? 215 ARG A NH2 1 
ATOM   1287 N N   . ASP A 1 194 ? 3.089   4.840   8.530   1.00 47.99 ? 216 ASP A N   1 
ATOM   1288 C CA  . ASP A 1 194 ? 4.163   4.452   7.634   1.00 48.26 ? 216 ASP A CA  1 
ATOM   1289 C C   . ASP A 1 194 ? 4.996   3.338   8.283   1.00 47.90 ? 216 ASP A C   1 
ATOM   1290 O O   . ASP A 1 194 ? 5.694   3.594   9.286   1.00 48.40 ? 216 ASP A O   1 
ATOM   1291 C CB  . ASP A 1 194 ? 5.031   5.678   7.376   1.00 48.97 ? 216 ASP A CB  1 
ATOM   1292 C CG  . ASP A 1 194 ? 6.096   5.429   6.347   1.00 50.89 ? 216 ASP A CG  1 
ATOM   1293 O OD1 . ASP A 1 194 ? 6.615   4.285   6.255   1.00 50.28 ? 216 ASP A OD1 1 
ATOM   1294 O OD2 . ASP A 1 194 ? 6.389   6.402   5.614   1.00 56.29 ? 216 ASP A OD2 1 
ATOM   1295 N N   . PRO A 1 195 ? 4.935   2.107   7.715   1.00 47.18 ? 217 PRO A N   1 
ATOM   1296 C CA  . PRO A 1 195 ? 5.586   0.935   8.312   1.00 47.20 ? 217 PRO A CA  1 
ATOM   1297 C C   . PRO A 1 195 ? 7.116   1.051   8.395   1.00 48.66 ? 217 PRO A C   1 
ATOM   1298 O O   . PRO A 1 195 ? 7.751   0.233   9.053   1.00 48.44 ? 217 PRO A O   1 
ATOM   1299 C CB  . PRO A 1 195 ? 5.166   -0.242  7.396   1.00 46.74 ? 217 PRO A CB  1 
ATOM   1300 C CG  . PRO A 1 195 ? 4.711   0.390   6.109   1.00 46.15 ? 217 PRO A CG  1 
ATOM   1301 C CD  . PRO A 1 195 ? 4.269   1.803   6.422   1.00 46.82 ? 217 PRO A CD  1 
ATOM   1302 N N   . LEU A 1 196 ? 7.688   2.064   7.749   1.00 50.60 ? 218 LEU A N   1 
ATOM   1303 C CA  . LEU A 1 196 ? 9.103   2.375   7.893   1.00 53.69 ? 218 LEU A CA  1 
ATOM   1304 C C   . LEU A 1 196 ? 9.422   3.574   8.795   1.00 55.37 ? 218 LEU A C   1 
ATOM   1305 O O   . LEU A 1 196 ? 10.583  3.926   8.939   1.00 56.60 ? 218 LEU A O   1 
ATOM   1306 C CB  . LEU A 1 196 ? 9.715   2.654   6.541   1.00 53.93 ? 218 LEU A CB  1 
ATOM   1307 C CG  . LEU A 1 196 ? 10.143  1.411   5.751   1.00 54.78 ? 218 LEU A CG  1 
ATOM   1308 C CD1 . LEU A 1 196 ? 10.628  1.852   4.367   1.00 56.73 ? 218 LEU A CD1 1 
ATOM   1309 C CD2 . LEU A 1 196 ? 11.224  0.648   6.502   1.00 52.68 ? 218 LEU A CD2 1 
ATOM   1310 N N   . LYS A 1 197 ? 8.432   4.229   9.377   1.00 56.91 ? 219 LYS A N   1 
ATOM   1311 C CA  . LYS A 1 197 ? 8.742   5.359   10.257  1.00 59.19 ? 219 LYS A CA  1 
ATOM   1312 C C   . LYS A 1 197 ? 8.230   5.123   11.658  1.00 60.92 ? 219 LYS A C   1 
ATOM   1313 O O   . LYS A 1 197 ? 7.038   4.898   11.875  1.00 61.03 ? 219 LYS A O   1 
ATOM   1314 C CB  . LYS A 1 197 ? 8.157   6.658   9.731   1.00 58.58 ? 219 LYS A CB  1 
ATOM   1315 C CG  . LYS A 1 197 ? 8.686   7.117   8.402   1.00 60.36 ? 219 LYS A CG  1 
ATOM   1316 C CD  . LYS A 1 197 ? 7.751   8.191   7.817   1.00 61.94 ? 219 LYS A CD  1 
ATOM   1317 C CE  . LYS A 1 197 ? 8.402   8.973   6.711   1.00 62.54 ? 219 LYS A CE  1 
ATOM   1318 N NZ  . LYS A 1 197 ? 9.559   9.655   7.284   1.00 64.24 ? 219 LYS A NZ  1 
ATOM   1319 N N   . ASP A 1 198 ? 9.130   5.208   12.622  1.00 63.14 ? 220 ASP A N   1 
ATOM   1320 C CA  . ASP A 1 198 ? 8.802   4.844   13.997  1.00 65.45 ? 220 ASP A CA  1 
ATOM   1321 C C   . ASP A 1 198 ? 8.010   5.916   14.748  1.00 66.21 ? 220 ASP A C   1 
ATOM   1322 O O   . ASP A 1 198 ? 8.519   6.517   15.702  1.00 66.76 ? 220 ASP A O   1 
ATOM   1323 C CB  . ASP A 1 198 ? 10.086  4.547   14.755  1.00 66.27 ? 220 ASP A CB  1 
ATOM   1324 C CG  . ASP A 1 198 ? 9.871   3.592   15.901  1.00 69.84 ? 220 ASP A CG  1 
ATOM   1325 O OD1 . ASP A 1 198 ? 8.696   3.255   16.197  1.00 72.95 ? 220 ASP A OD1 1 
ATOM   1326 O OD2 . ASP A 1 198 ? 10.888  3.162   16.496  1.00 72.28 ? 220 ASP A OD2 1 
ATOM   1327 N N   . SER A 1 199 ? 6.759   6.131   14.345  1.00 66.47 ? 221 SER A N   1 
ATOM   1328 C CA  . SER A 1 199 ? 5.967   7.214   14.936  1.00 66.98 ? 221 SER A CA  1 
ATOM   1329 C C   . SER A 1 199 ? 4.470   7.143   14.615  1.00 66.45 ? 221 SER A C   1 
ATOM   1330 O O   . SER A 1 199 ? 4.077   6.860   13.468  1.00 66.10 ? 221 SER A O   1 
ATOM   1331 C CB  . SER A 1 199 ? 6.522   8.562   14.473  1.00 66.71 ? 221 SER A CB  1 
ATOM   1332 O OG  . SER A 1 199 ? 5.615   9.605   14.745  1.00 68.16 ? 221 SER A OG  1 
ATOM   1333 N N   . LEU A 1 200 ? 3.655   7.426   15.630  1.00 65.82 ? 222 LEU A N   1 
ATOM   1334 C CA  . LEU A 1 200 ? 2.215   7.563   15.478  1.00 65.71 ? 222 LEU A CA  1 
ATOM   1335 C C   . LEU A 1 200 ? 1.836   8.860   14.835  1.00 65.88 ? 222 LEU A C   1 
ATOM   1336 O O   . LEU A 1 200 ? 0.677   9.090   14.535  1.00 65.48 ? 222 LEU A O   1 
ATOM   1337 C CB  . LEU A 1 200 ? 1.560   7.556   16.842  1.00 65.57 ? 222 LEU A CB  1 
ATOM   1338 C CG  . LEU A 1 200 ? 2.005   6.351   17.644  1.00 66.57 ? 222 LEU A CG  1 
ATOM   1339 C CD1 . LEU A 1 200 ? 1.556   6.455   19.085  1.00 65.35 ? 222 LEU A CD1 1 
ATOM   1340 C CD2 . LEU A 1 200 ? 1.420   5.136   16.965  1.00 67.70 ? 222 LEU A CD2 1 
ATOM   1341 N N   . ASP A 1 201 ? 2.801   9.742   14.651  1.00 66.47 ? 223 ASP A N   1 
ATOM   1342 C CA  . ASP A 1 201 ? 2.454   11.076  14.198  1.00 67.33 ? 223 ASP A CA  1 
ATOM   1343 C C   . ASP A 1 201 ? 3.227   11.373  12.955  1.00 66.68 ? 223 ASP A C   1 
ATOM   1344 O O   . ASP A 1 201 ? 4.383   11.753  13.024  1.00 67.13 ? 223 ASP A O   1 
ATOM   1345 C CB  . ASP A 1 201 ? 2.788   12.107  15.274  1.00 68.50 ? 223 ASP A CB  1 
ATOM   1346 C CG  . ASP A 1 201 ? 1.870   12.009  16.473  1.00 72.06 ? 223 ASP A CG  1 
ATOM   1347 O OD1 . ASP A 1 201 ? 0.637   11.997  16.264  1.00 74.70 ? 223 ASP A OD1 1 
ATOM   1348 O OD2 . ASP A 1 201 ? 2.372   11.971  17.623  1.00 75.86 ? 223 ASP A OD2 1 
ATOM   1349 N N   . VAL A 1 202 ? 2.600   11.162  11.809  1.00 65.33 ? 224 VAL A N   1 
ATOM   1350 C CA  . VAL A 1 202 ? 3.277   11.376  10.549  1.00 64.16 ? 224 VAL A CA  1 
ATOM   1351 C C   . VAL A 1 202 ? 2.317   12.132  9.660   1.00 64.39 ? 224 VAL A C   1 
ATOM   1352 O O   . VAL A 1 202 ? 1.278   11.598  9.249   1.00 64.76 ? 224 VAL A O   1 
ATOM   1353 C CB  . VAL A 1 202 ? 3.659   10.041  9.826   1.00 63.51 ? 224 VAL A CB  1 
ATOM   1354 C CG1 . VAL A 1 202 ? 4.219   10.335  8.466   1.00 62.14 ? 224 VAL A CG1 1 
ATOM   1355 C CG2 . VAL A 1 202 ? 4.649   9.213   10.614  1.00 62.10 ? 224 VAL A CG2 1 
ATOM   1356 N N   . LYS A 1 203 ? 2.616   13.390  9.380   1.00 64.27 ? 225 LYS A N   1 
ATOM   1357 C CA  . LYS A 1 203 ? 1.777   14.108  8.429   1.00 64.30 ? 225 LYS A CA  1 
ATOM   1358 C C   . LYS A 1 203 ? 2.616   14.658  7.334   1.00 64.08 ? 225 LYS A C   1 
ATOM   1359 O O   . LYS A 1 203 ? 3.776   14.953  7.545   1.00 64.40 ? 225 LYS A O   1 
ATOM   1360 C CB  . LYS A 1 203 ? 0.990   15.218  9.093   1.00 64.53 ? 225 LYS A CB  1 
ATOM   1361 C CG  . LYS A 1 203 ? 1.792   16.363  9.554   1.00 65.55 ? 225 LYS A CG  1 
ATOM   1362 C CD  . LYS A 1 203 ? 0.858   17.302  10.276  1.00 69.13 ? 225 LYS A CD  1 
ATOM   1363 C CE  . LYS A 1 203 ? 1.337   18.733  10.244  1.00 67.83 ? 225 LYS A CE  1 
ATOM   1364 N NZ  . LYS A 1 203 ? 0.127   19.608  10.289  1.00 71.36 ? 225 LYS A NZ  1 
ATOM   1365 N N   . VAL A 1 204 ? 2.041   14.746  6.147   1.00 64.25 ? 226 VAL A N   1 
ATOM   1366 C CA  . VAL A 1 204 ? 2.790   15.172  4.996   1.00 64.18 ? 226 VAL A CA  1 
ATOM   1367 C C   . VAL A 1 204 ? 1.882   16.119  4.256   1.00 64.18 ? 226 VAL A C   1 
ATOM   1368 O O   . VAL A 1 204 ? 0.669   16.011  4.380   1.00 64.06 ? 226 VAL A O   1 
ATOM   1369 C CB  . VAL A 1 204 ? 3.204   13.976  4.090   1.00 64.16 ? 226 VAL A CB  1 
ATOM   1370 C CG1 . VAL A 1 204 ? 3.938   12.929  4.901   1.00 64.76 ? 226 VAL A CG1 1 
ATOM   1371 C CG2 . VAL A 1 204 ? 1.991   13.368  3.402   1.00 64.60 ? 226 VAL A CG2 1 
ATOM   1372 N N   . PRO A 1 205 ? 2.479   17.086  3.529   1.00 64.50 ? 227 PRO A N   1 
ATOM   1373 C CA  . PRO A 1 205 ? 1.780   18.023  2.649   1.00 64.25 ? 227 PRO A CA  1 
ATOM   1374 C C   . PRO A 1 205 ? 0.800   17.311  1.730   1.00 64.08 ? 227 PRO A C   1 
ATOM   1375 O O   . PRO A 1 205 ? 1.195   16.473  0.903   1.00 63.37 ? 227 PRO A O   1 
ATOM   1376 C CB  . PRO A 1 205 ? 2.910   18.660  1.815   1.00 64.08 ? 227 PRO A CB  1 
ATOM   1377 C CG  . PRO A 1 205 ? 4.182   18.430  2.607   1.00 65.12 ? 227 PRO A CG  1 
ATOM   1378 C CD  . PRO A 1 205 ? 3.897   17.457  3.735   1.00 64.33 ? 227 PRO A CD  1 
ATOM   1379 N N   . ARG A 1 206 ? -0.462  17.688  1.863   1.00 63.54 ? 228 ARG A N   1 
ATOM   1380 C CA  . ARG A 1 206 ? -1.549  17.031  1.172   1.00 64.33 ? 228 ARG A CA  1 
ATOM   1381 C C   . ARG A 1 206 ? -1.411  16.999  -0.350  1.00 64.55 ? 228 ARG A C   1 
ATOM   1382 O O   . ARG A 1 206 ? -1.531  15.925  -0.985  1.00 64.58 ? 228 ARG A O   1 
ATOM   1383 C CB  . ARG A 1 206 ? -2.880  17.664  1.602   1.00 64.04 ? 228 ARG A CB  1 
ATOM   1384 C CG  . ARG A 1 206 ? -4.134  17.165  0.899   1.00 65.50 ? 228 ARG A CG  1 
ATOM   1385 C CD  . ARG A 1 206 ? -5.345  17.759  1.635   1.00 69.36 ? 228 ARG A CD  1 
ATOM   1386 N NE  . ARG A 1 206 ? -6.574  17.673  0.865   1.00 72.11 ? 228 ARG A NE  1 
ATOM   1387 C CZ  . ARG A 1 206 ? -7.788  17.857  1.385   1.00 72.28 ? 228 ARG A CZ  1 
ATOM   1388 N NH1 . ARG A 1 206 ? -7.907  18.138  2.676   1.00 73.35 ? 228 ARG A NH1 1 
ATOM   1389 N NH2 . ARG A 1 206 ? -8.877  17.749  0.625   1.00 69.82 ? 228 ARG A NH2 1 
ATOM   1390 N N   . GLU A 1 207 ? -1.172  18.160  -0.949  1.00 64.24 ? 229 GLU A N   1 
ATOM   1391 C CA  . GLU A 1 207 ? -1.256  18.246  -2.400  1.00 64.57 ? 229 GLU A CA  1 
ATOM   1392 C C   . GLU A 1 207 ? -0.222  17.375  -3.086  1.00 62.95 ? 229 GLU A C   1 
ATOM   1393 O O   . GLU A 1 207 ? -0.551  16.646  -4.021  1.00 63.13 ? 229 GLU A O   1 
ATOM   1394 C CB  . GLU A 1 207 ? -1.197  19.694  -2.928  1.00 65.13 ? 229 GLU A CB  1 
ATOM   1395 C CG  . GLU A 1 207 ? -1.650  19.772  -4.389  1.00 69.08 ? 229 GLU A CG  1 
ATOM   1396 C CD  . GLU A 1 207 ? -1.545  21.165  -5.003  1.00 76.02 ? 229 GLU A CD  1 
ATOM   1397 O OE1 . GLU A 1 207 ? -2.403  22.027  -4.695  1.00 77.88 ? 229 GLU A OE1 1 
ATOM   1398 O OE2 . GLU A 1 207 ? -0.615  21.388  -5.819  1.00 80.20 ? 229 GLU A OE2 1 
ATOM   1399 N N   . LYS A 1 208 ? 1.017   17.466  -2.629  1.00 61.83 ? 230 LYS A N   1 
ATOM   1400 C CA  . LYS A 1 208 ? 2.119   16.665  -3.159  1.00 61.74 ? 230 LYS A CA  1 
ATOM   1401 C C   . LYS A 1 208 ? 1.846   15.156  -2.973  1.00 61.59 ? 230 LYS A C   1 
ATOM   1402 O O   . LYS A 1 208 ? 2.107   14.332  -3.862  1.00 61.09 ? 230 LYS A O   1 
ATOM   1403 C CB  . LYS A 1 208 ? 3.398   17.032  -2.412  1.00 61.96 ? 230 LYS A CB  1 
ATOM   1404 C CG  . LYS A 1 208 ? 3.946   18.443  -2.709  1.00 63.39 ? 230 LYS A CG  1 
ATOM   1405 C CD  . LYS A 1 208 ? 4.884   18.399  -3.883  1.00 66.02 ? 230 LYS A CD  1 
ATOM   1406 C CE  . LYS A 1 208 ? 4.529   19.454  -4.959  1.00 70.52 ? 230 LYS A CE  1 
ATOM   1407 N NZ  . LYS A 1 208 ? 3.469   19.002  -5.964  1.00 69.59 ? 230 LYS A NZ  1 
ATOM   1408 N N   . PHE A 1 209 ? 1.325   14.822  -1.793  1.00 61.26 ? 231 PHE A N   1 
ATOM   1409 C CA  . PHE A 1 209 ? 0.855   13.479  -1.470  1.00 60.49 ? 231 PHE A CA  1 
ATOM   1410 C C   . PHE A 1 209 ? -0.111  12.942  -2.510  1.00 60.14 ? 231 PHE A C   1 
ATOM   1411 O O   . PHE A 1 209 ? 0.059   11.823  -3.026  1.00 60.37 ? 231 PHE A O   1 
ATOM   1412 C CB  . PHE A 1 209 ? 0.174   13.456  -0.095  1.00 60.19 ? 231 PHE A CB  1 
ATOM   1413 C CG  . PHE A 1 209 ? -0.227  12.061  0.348   1.00 59.88 ? 231 PHE A CG  1 
ATOM   1414 C CD1 . PHE A 1 209 ? 0.620   11.303  1.130   1.00 59.75 ? 231 PHE A CD1 1 
ATOM   1415 C CD2 . PHE A 1 209 ? -1.432  11.508  -0.057  1.00 57.73 ? 231 PHE A CD2 1 
ATOM   1416 C CE1 . PHE A 1 209 ? 0.258   10.026  1.527   1.00 60.03 ? 231 PHE A CE1 1 
ATOM   1417 C CE2 . PHE A 1 209 ? -1.807  10.246  0.333   1.00 57.96 ? 231 PHE A CE2 1 
ATOM   1418 C CZ  . PHE A 1 209 ? -0.963  9.501   1.125   1.00 58.15 ? 231 PHE A CZ  1 
ATOM   1419 N N   . GLU A 1 210 ? -1.115  13.739  -2.840  1.00 59.67 ? 232 GLU A N   1 
ATOM   1420 C CA  . GLU A 1 210 ? -2.133  13.278  -3.761  1.00 59.24 ? 232 GLU A CA  1 
ATOM   1421 C C   . GLU A 1 210 ? -1.565  13.049  -5.143  1.00 58.82 ? 232 GLU A C   1 
ATOM   1422 O O   . GLU A 1 210 ? -1.988  12.132  -5.865  1.00 58.62 ? 232 GLU A O   1 
ATOM   1423 C CB  . GLU A 1 210 ? -3.278  14.286  -3.830  1.00 59.70 ? 232 GLU A CB  1 
ATOM   1424 C CG  . GLU A 1 210 ? -3.911  14.624  -2.490  1.00 60.87 ? 232 GLU A CG  1 
ATOM   1425 C CD  . GLU A 1 210 ? -4.971  15.715  -2.624  1.00 62.62 ? 232 GLU A CD  1 
ATOM   1426 O OE1 . GLU A 1 210 ? -4.974  16.384  -3.677  1.00 66.64 ? 232 GLU A OE1 1 
ATOM   1427 O OE2 . GLU A 1 210 ? -5.789  15.924  -1.695  1.00 62.82 ? 232 GLU A OE2 1 
ATOM   1428 N N   . GLN A 1 211 ? -0.617  13.906  -5.523  1.00 58.71 ? 233 GLN A N   1 
ATOM   1429 C CA  . GLN A 1 211 ? -0.035  13.868  -6.871  1.00 57.52 ? 233 GLN A CA  1 
ATOM   1430 C C   . GLN A 1 211 ? 0.888   12.664  -7.023  1.00 56.51 ? 233 GLN A C   1 
ATOM   1431 O O   . GLN A 1 211 ? 0.886   11.978  -8.061  1.00 56.66 ? 233 GLN A O   1 
ATOM   1432 C CB  . GLN A 1 211 ? 0.735   15.163  -7.154  1.00 57.64 ? 233 GLN A CB  1 
ATOM   1433 C CG  . GLN A 1 211 ? -0.160  16.364  -7.393  1.00 58.72 ? 233 GLN A CG  1 
ATOM   1434 C CD  . GLN A 1 211 ? 0.625   17.665  -7.452  1.00 63.91 ? 233 GLN A CD  1 
ATOM   1435 O OE1 . GLN A 1 211 ? 1.709   17.793  -6.853  1.00 63.73 ? 233 GLN A OE1 1 
ATOM   1436 N NE2 . GLN A 1 211 ? 0.077   18.649  -8.165  1.00 63.00 ? 233 GLN A NE2 1 
ATOM   1437 N N   . ALA A 1 212 ? 1.677   12.419  -5.982  1.00 55.20 ? 234 ALA A N   1 
ATOM   1438 C CA  . ALA A 1 212 ? 2.497   11.203  -5.888  1.00 55.18 ? 234 ALA A CA  1 
ATOM   1439 C C   . ALA A 1 212 ? 1.630   9.926   -6.013  1.00 54.56 ? 234 ALA A C   1 
ATOM   1440 O O   . ALA A 1 212 ? 1.973   9.004   -6.756  1.00 54.46 ? 234 ALA A O   1 
ATOM   1441 C CB  . ALA A 1 212 ? 3.296   11.205  -4.584  1.00 53.94 ? 234 ALA A CB  1 
ATOM   1442 N N   . TRP A 1 213 ? 0.510   9.909   -5.285  1.00 54.63 ? 235 TRP A N   1 
ATOM   1443 C CA  . TRP A 1 213 ? -0.459  8.773   -5.275  1.00 54.29 ? 235 TRP A CA  1 
ATOM   1444 C C   . TRP A 1 213 ? -1.022  8.522   -6.670  1.00 54.45 ? 235 TRP A C   1 
ATOM   1445 O O   . TRP A 1 213 ? -1.021  7.383   -7.166  1.00 53.42 ? 235 TRP A O   1 
ATOM   1446 C CB  . TRP A 1 213 ? -1.618  9.030   -4.294  1.00 53.35 ? 235 TRP A CB  1 
ATOM   1447 C CG  . TRP A 1 213 ? -2.651  7.940   -4.327  1.00 54.13 ? 235 TRP A CG  1 
ATOM   1448 C CD1 . TRP A 1 213 ? -2.477  6.619   -3.981  1.00 54.52 ? 235 TRP A CD1 1 
ATOM   1449 C CD2 . TRP A 1 213 ? -4.017  8.064   -4.753  1.00 56.87 ? 235 TRP A CD2 1 
ATOM   1450 N NE1 . TRP A 1 213 ? -3.671  5.920   -4.147  1.00 54.98 ? 235 TRP A NE1 1 
ATOM   1451 C CE2 . TRP A 1 213 ? -4.618  6.782   -4.634  1.00 55.87 ? 235 TRP A CE2 1 
ATOM   1452 C CE3 . TRP A 1 213 ? -4.788  9.134   -5.234  1.00 57.16 ? 235 TRP A CE3 1 
ATOM   1453 C CZ2 . TRP A 1 213 ? -5.945  6.549   -4.980  1.00 58.16 ? 235 TRP A CZ2 1 
ATOM   1454 C CZ3 . TRP A 1 213 ? -6.106  8.904   -5.579  1.00 57.95 ? 235 TRP A CZ3 1 
ATOM   1455 C CH2 . TRP A 1 213 ? -6.683  7.624   -5.432  1.00 59.62 ? 235 TRP A CH2 1 
ATOM   1456 N N   . VAL A 1 214 ? -1.497  9.599   -7.302  1.00 54.50 ? 236 VAL A N   1 
ATOM   1457 C CA  . VAL A 1 214 ? -2.016  9.514   -8.680  1.00 54.74 ? 236 VAL A CA  1 
ATOM   1458 C C   . VAL A 1 214 ? -0.927  9.035   -9.663  1.00 54.57 ? 236 VAL A C   1 
ATOM   1459 O O   . VAL A 1 214 ? -1.165  8.190   -10.534 1.00 55.35 ? 236 VAL A O   1 
ATOM   1460 C CB  . VAL A 1 214 ? -2.612  10.878  -9.140  1.00 54.40 ? 236 VAL A CB  1 
ATOM   1461 C CG1 . VAL A 1 214 ? -2.802  10.875  -10.653 1.00 53.87 ? 236 VAL A CG1 1 
ATOM   1462 C CG2 . VAL A 1 214 ? -3.940  11.158  -8.430  1.00 53.61 ? 236 VAL A CG2 1 
ATOM   1463 N N   . GLN A 1 215 ? 0.275   9.574   -9.492  1.00 54.75 ? 237 GLN A N   1 
ATOM   1464 C CA  . GLN A 1 215 ? 1.438   9.167   -10.286 1.00 54.31 ? 237 GLN A CA  1 
ATOM   1465 C C   . GLN A 1 215 ? 1.783   7.686   -10.196 1.00 54.79 ? 237 GLN A C   1 
ATOM   1466 O O   . GLN A 1 215 ? 2.174   7.108   -11.205 1.00 55.43 ? 237 GLN A O   1 
ATOM   1467 C CB  . GLN A 1 215 ? 2.686   9.976   -9.910  1.00 54.08 ? 237 GLN A CB  1 
ATOM   1468 C CG  . GLN A 1 215 ? 3.875   9.582   -10.749 1.00 54.03 ? 237 GLN A CG  1 
ATOM   1469 C CD  . GLN A 1 215 ? 5.052   10.499  -10.529 1.00 56.36 ? 237 GLN A CD  1 
ATOM   1470 O OE1 . GLN A 1 215 ? 5.553   10.665  -9.419  1.00 55.04 ? 237 GLN A OE1 1 
ATOM   1471 N NE2 . GLN A 1 215 ? 5.504   11.101  -11.599 1.00 56.50 ? 237 GLN A NE2 1 
ATOM   1472 N N   . MET A 1 216 ? 1.650   7.077   -9.011  1.00 53.48 ? 238 MET A N   1 
ATOM   1473 C CA  . MET A 1 216 ? 1.832   5.626   -8.887  1.00 52.34 ? 238 MET A CA  1 
ATOM   1474 C C   . MET A 1 216 ? 0.631   4.784   -9.301  1.00 51.77 ? 238 MET A C   1 
ATOM   1475 O O   . MET A 1 216 ? 0.653   3.575   -9.122  1.00 51.65 ? 238 MET A O   1 
ATOM   1476 C CB  . MET A 1 216 ? 2.275   5.228   -7.469  1.00 51.42 ? 238 MET A CB  1 
ATOM   1477 C CG  . MET A 1 216 ? 3.708   5.635   -7.128  1.00 52.03 ? 238 MET A CG  1 
ATOM   1478 S SD  . MET A 1 216 ? 4.980   4.840   -8.142  1.00 48.55 ? 238 MET A SD  1 
ATOM   1479 C CE  . MET A 1 216 ? 4.734   3.085   -7.789  1.00 47.02 ? 238 MET A CE  1 
ATOM   1480 N N   . GLY A 1 217 ? -0.423  5.390   -9.852  1.00 51.49 ? 239 GLY A N   1 
ATOM   1481 C CA  . GLY A 1 217 ? -1.469  4.589   -10.450 1.00 49.92 ? 239 GLY A CA  1 
ATOM   1482 C C   . GLY A 1 217 ? -2.785  4.693   -9.698  1.00 50.03 ? 239 GLY A C   1 
ATOM   1483 O O   . GLY A 1 217 ? -3.704  3.915   -9.940  1.00 49.36 ? 239 GLY A O   1 
ATOM   1484 N N   . SER A 1 218 ? -2.870  5.639   -8.775  1.00 49.47 ? 240 SER A N   1 
ATOM   1485 C CA  . SER A 1 218 ? -4.062  5.770   -7.922  1.00 49.33 ? 240 SER A CA  1 
ATOM   1486 C C   . SER A 1 218 ? -4.460  4.445   -7.215  1.00 48.52 ? 240 SER A C   1 
ATOM   1487 O O   . SER A 1 218 ? -5.648  4.139   -7.093  1.00 48.33 ? 240 SER A O   1 
ATOM   1488 C CB  . SER A 1 218 ? -5.237  6.292   -8.763  1.00 50.12 ? 240 SER A CB  1 
ATOM   1489 O OG  . SER A 1 218 ? -5.071  7.681   -9.015  1.00 50.89 ? 240 SER A OG  1 
ATOM   1490 N N   . GLN A 1 219 ? -3.467  3.667   -6.780  1.00 47.98 ? 241 GLN A N   1 
ATOM   1491 C CA  . GLN A 1 219 ? -3.728  2.340   -6.240  1.00 47.92 ? 241 GLN A CA  1 
ATOM   1492 C C   . GLN A 1 219 ? -4.141  2.418   -4.764  1.00 47.38 ? 241 GLN A C   1 
ATOM   1493 O O   . GLN A 1 219 ? -3.438  3.037   -3.952  1.00 46.75 ? 241 GLN A O   1 
ATOM   1494 C CB  . GLN A 1 219 ? -2.532  1.449   -6.383  1.00 47.54 ? 241 GLN A CB  1 
ATOM   1495 C CG  . GLN A 1 219 ? -1.770  1.533   -7.715  1.00 49.83 ? 241 GLN A CG  1 
ATOM   1496 C CD  . GLN A 1 219 ? -0.719  0.438   -7.763  1.00 49.33 ? 241 GLN A CD  1 
ATOM   1497 O OE1 . GLN A 1 219 ? -0.996  -0.672  -7.324  1.00 50.25 ? 241 GLN A OE1 1 
ATOM   1498 N NE2 . GLN A 1 219 ? 0.491   0.739   -8.256  1.00 45.76 ? 241 GLN A NE2 1 
ATOM   1499 N N   . ALA A 1 220 ? -5.274  1.799   -4.421  1.00 46.49 ? 242 ALA A N   1 
ATOM   1500 C CA  . ALA A 1 220 ? -5.783  1.882   -3.036  1.00 46.80 ? 242 ALA A CA  1 
ATOM   1501 C C   . ALA A 1 220 ? -6.712  0.764   -2.684  1.00 47.06 ? 242 ALA A C   1 
ATOM   1502 O O   . ALA A 1 220 ? -7.524  0.358   -3.490  1.00 48.22 ? 242 ALA A O   1 
ATOM   1503 C CB  . ALA A 1 220 ? -6.474  3.192   -2.793  1.00 46.13 ? 242 ALA A CB  1 
ATOM   1504 N N   . ILE A 1 221 ? -6.569  0.250   -1.466  1.00 47.49 ? 243 ILE A N   1 
ATOM   1505 C CA  . ILE A 1 221 ? -7.396  -0.853  -0.968  1.00 47.59 ? 243 ILE A CA  1 
ATOM   1506 C C   . ILE A 1 221 ? -8.047  -0.402  0.354   1.00 47.17 ? 243 ILE A C   1 
ATOM   1507 O O   . ILE A 1 221 ? -7.396  0.194   1.213   1.00 45.44 ? 243 ILE A O   1 
ATOM   1508 C CB  . ILE A 1 221 ? -6.564  -2.127  -0.657  1.00 48.02 ? 243 ILE A CB  1 
ATOM   1509 C CG1 . ILE A 1 221 ? -5.835  -2.684  -1.892  1.00 49.67 ? 243 ILE A CG1 1 
ATOM   1510 C CG2 . ILE A 1 221 ? -7.411  -3.207  0.058   1.00 46.41 ? 243 ILE A CG2 1 
ATOM   1511 C CD1 . ILE A 1 221 ? -6.740  -2.885  -3.026  1.00 54.89 ? 243 ILE A CD1 1 
ATOM   1512 N N   . SER A 1 222 ? -9.314  -0.726  0.540   1.00 46.68 ? 244 SER A N   1 
ATOM   1513 C CA  . SER A 1 222 ? -9.929  -0.479  1.839   1.00 47.23 ? 244 SER A CA  1 
ATOM   1514 C C   . SER A 1 222 ? -10.955 -1.568  2.135   1.00 47.61 ? 244 SER A C   1 
ATOM   1515 O O   . SER A 1 222 ? -10.860 -2.686  1.596   1.00 46.98 ? 244 SER A O   1 
ATOM   1516 C CB  . SER A 1 222 ? -10.565 0.926   1.899   1.00 47.67 ? 244 SER A CB  1 
ATOM   1517 O OG  . SER A 1 222 ? -11.022 1.226   3.226   1.00 47.95 ? 244 SER A OG  1 
ATOM   1518 N N   . TYR A 1 223 ? -11.923 -1.263  2.992   1.00 47.27 ? 245 TYR A N   1 
ATOM   1519 C CA  . TYR A 1 223 ? -13.030 -2.175  3.189   1.00 48.67 ? 245 TYR A CA  1 
ATOM   1520 C C   . TYR A 1 223 ? -14.262 -1.330  3.558   1.00 50.56 ? 245 TYR A C   1 
ATOM   1521 O O   . TYR A 1 223 ? -14.155 -0.125  3.835   1.00 50.07 ? 245 TYR A O   1 
ATOM   1522 C CB  . TYR A 1 223 ? -12.696 -3.210  4.294   1.00 47.04 ? 245 TYR A CB  1 
ATOM   1523 C CG  . TYR A 1 223 ? -12.440 -2.526  5.646   1.00 48.07 ? 245 TYR A CG  1 
ATOM   1524 C CD1 . TYR A 1 223 ? -13.445 -2.436  6.619   1.00 46.10 ? 245 TYR A CD1 1 
ATOM   1525 C CD2 . TYR A 1 223 ? -11.207 -1.908  5.916   1.00 47.39 ? 245 TYR A CD2 1 
ATOM   1526 C CE1 . TYR A 1 223 ? -13.211 -1.774  7.838   1.00 46.46 ? 245 TYR A CE1 1 
ATOM   1527 C CE2 . TYR A 1 223 ? -10.959 -1.257  7.119   1.00 48.18 ? 245 TYR A CE2 1 
ATOM   1528 C CZ  . TYR A 1 223 ? -11.955 -1.189  8.083   1.00 47.91 ? 245 TYR A CZ  1 
ATOM   1529 O OH  . TYR A 1 223 ? -11.701 -0.525  9.298   1.00 48.43 ? 245 TYR A OH  1 
ATOM   1530 N N   . VAL A 1 224 ? -15.434 -1.960  3.582   1.00 52.71 ? 246 VAL A N   1 
ATOM   1531 C CA  . VAL A 1 224 ? -16.633 -1.253  4.008   1.00 55.51 ? 246 VAL A CA  1 
ATOM   1532 C C   . VAL A 1 224 ? -17.219 -1.835  5.313   1.00 57.95 ? 246 VAL A C   1 
ATOM   1533 O O   . VAL A 1 224 ? -17.043 -3.031  5.628   1.00 58.17 ? 246 VAL A O   1 
ATOM   1534 C CB  . VAL A 1 224 ? -17.685 -1.190  2.861   1.00 55.41 ? 246 VAL A CB  1 
ATOM   1535 C CG1 . VAL A 1 224 ? -17.131 -0.357  1.698   1.00 54.27 ? 246 VAL A CG1 1 
ATOM   1536 C CG2 . VAL A 1 224 ? -18.054 -2.595  2.387   1.00 54.07 ? 246 VAL A CG2 1 
ATOM   1537 N N   . LYS A 1 225 ? -17.899 -0.988  6.077   1.00 60.88 ? 247 LYS A N   1 
ATOM   1538 C CA  . LYS A 1 225 ? -18.492 -1.405  7.370   1.00 64.05 ? 247 LYS A CA  1 
ATOM   1539 C C   . LYS A 1 225 ? -19.347 -2.669  7.325   1.00 65.57 ? 247 LYS A C   1 
ATOM   1540 O O   . LYS A 1 225 ? -19.213 -3.552  8.186   1.00 65.93 ? 247 LYS A O   1 
ATOM   1541 C CB  . LYS A 1 225 ? -19.333 -0.284  7.949   1.00 64.08 ? 247 LYS A CB  1 
ATOM   1542 C CG  . LYS A 1 225 ? -18.651 0.486   9.027   1.00 65.44 ? 247 LYS A CG  1 
ATOM   1543 C CD  . LYS A 1 225 ? -19.605 1.551   9.557   1.00 67.12 ? 247 LYS A CD  1 
ATOM   1544 C CE  . LYS A 1 225 ? -18.880 2.566   10.441  1.00 69.13 ? 247 LYS A CE  1 
ATOM   1545 N NZ  . LYS A 1 225 ? -17.728 3.245   9.761   1.00 69.91 ? 247 LYS A NZ  1 
ATOM   1546 N N   . ARG A 1 226 ? -20.232 -2.766  6.329   1.00 67.91 ? 248 ARG A N   1 
ATOM   1547 C CA  . ARG A 1 226 ? -21.182 -3.885  6.282   1.00 69.54 ? 248 ARG A CA  1 
ATOM   1548 C C   . ARG A 1 226 ? -21.052 -4.757  5.042   1.00 70.83 ? 248 ARG A C   1 
ATOM   1549 O O   . ARG A 1 226 ? -20.751 -4.253  3.964   1.00 70.82 ? 248 ARG A O   1 
ATOM   1550 C CB  . ARG A 1 226 ? -22.612 -3.359  6.369   1.00 70.11 ? 248 ARG A CB  1 
ATOM   1551 N N   . SER A 1 227 ? -21.334 -6.056  5.208   1.00 72.67 ? 249 SER A N   1 
ATOM   1552 C CA  . SER A 1 227 ? -21.178 -7.079  4.148   1.00 74.21 ? 249 SER A CA  1 
ATOM   1553 C C   . SER A 1 227 ? -21.947 -6.771  2.872   1.00 75.57 ? 249 SER A C   1 
ATOM   1554 O O   . SER A 1 227 ? -23.087 -6.289  2.928   1.00 76.29 ? 249 SER A O   1 
ATOM   1555 C CB  . SER A 1 227 ? -21.564 -8.477  4.656   1.00 73.81 ? 249 SER A CB  1 
ATOM   1556 N N   . LYS A 1 228 ? -21.334 -7.083  1.725   1.00 76.54 ? 250 LYS A N   1 
ATOM   1557 C CA  . LYS A 1 228 ? -21.833 -6.633  0.417   1.00 77.53 ? 250 LYS A CA  1 
ATOM   1558 C C   . LYS A 1 228 ? -22.544 -7.717  -0.416  1.00 78.13 ? 250 LYS A C   1 
ATOM   1559 O O   . LYS A 1 228 ? -23.424 -8.430  0.077   1.00 78.44 ? 250 LYS A O   1 
ATOM   1560 C CB  . LYS A 1 228 ? -20.694 -5.990  -0.400  1.00 77.70 ? 250 LYS A CB  1 
HETATM 1561 C C1  . EDO B 2 .   ? 9.738   -14.298 -0.324  1.00 54.22 ? 1   EDO A C1  1 
HETATM 1562 O O1  . EDO B 2 .   ? 9.232   -13.284 -1.185  1.00 46.38 ? 1   EDO A O1  1 
HETATM 1563 C C2  . EDO B 2 .   ? 10.386  -15.439 -1.058  1.00 52.86 ? 1   EDO A C2  1 
HETATM 1564 O O2  . EDO B 2 .   ? 11.716  -15.103 -1.456  1.00 57.32 ? 1   EDO A O2  1 
HETATM 1565 C C1  . EDO C 2 .   ? -2.192  4.799   18.432  1.00 54.61 ? 3   EDO A C1  1 
HETATM 1566 O O1  . EDO C 2 .   ? -3.335  5.435   19.045  1.00 53.08 ? 3   EDO A O1  1 
HETATM 1567 C C2  . EDO C 2 .   ? -2.609  3.568   17.608  1.00 55.11 ? 3   EDO A C2  1 
HETATM 1568 O O2  . EDO C 2 .   ? -2.290  2.345   18.273  1.00 55.68 ? 3   EDO A O2  1 
HETATM 1569 O O   . HOH D 3 .   ? 10.072  -0.561  9.981   1.00 52.44 ? 259 HOH A O   1 
HETATM 1570 O O   . HOH D 3 .   ? -9.594  5.568   15.338  1.00 49.44 ? 260 HOH A O   1 
HETATM 1571 O O   . HOH D 3 .   ? 11.258  -12.482 8.574   1.00 43.57 ? 261 HOH A O   1 
HETATM 1572 O O   . HOH D 3 .   ? -2.201  -12.204 -3.005  1.00 48.06 ? 262 HOH A O   1 
HETATM 1573 O O   . HOH D 3 .   ? -8.629  -16.454 7.057   1.00 68.58 ? 263 HOH A O   1 
HETATM 1574 O O   . HOH D 3 .   ? 2.853   -17.438 -4.350  1.00 44.67 ? 264 HOH A O   1 
HETATM 1575 O O   . HOH D 3 .   ? -9.990  -12.633 13.133  1.00 50.96 ? 265 HOH A O   1 
HETATM 1576 O O   . HOH D 3 .   ? 5.069   -6.197  1.403   1.00 48.43 ? 266 HOH A O   1 
HETATM 1577 O O   . HOH D 3 .   ? 2.277   -7.753  12.661  1.00 42.93 ? 267 HOH A O   1 
HETATM 1578 O O   . HOH D 3 .   ? -3.711  -2.004  -12.342 1.00 62.57 ? 268 HOH A O   1 
HETATM 1579 O O   . HOH D 3 .   ? 8.717   -13.867 -12.817 1.00 62.29 ? 269 HOH A O   1 
HETATM 1580 O O   . HOH D 3 .   ? 1.116   9.691   -1.566  1.00 56.88 ? 270 HOH A O   1 
HETATM 1581 O O   . HOH D 3 .   ? 0.301   13.220  -10.423 1.00 64.69 ? 271 HOH A O   1 
HETATM 1582 O O   . HOH D 3 .   ? 9.570   13.694  -5.182  1.00 69.02 ? 272 HOH A O   1 
HETATM 1583 O O   . HOH D 3 .   ? 7.072   -16.597 2.143   1.00 44.93 ? 273 HOH A O   1 
HETATM 1584 O O   . HOH D 3 .   ? 4.702   -17.653 -0.764  1.00 52.32 ? 274 HOH A O   1 
HETATM 1585 O O   . HOH D 3 .   ? 1.635   7.122   12.272  1.00 56.03 ? 275 HOH A O   1 
HETATM 1586 O O   . HOH D 3 .   ? 5.852   -3.271  14.796  1.00 53.14 ? 276 HOH A O   1 
HETATM 1587 O O   . HOH D 3 .   ? 12.490  -7.456  -12.280 1.00 55.21 ? 277 HOH A O   1 
HETATM 1588 O O   . HOH D 3 .   ? -11.550 -13.423 8.236   1.00 59.76 ? 278 HOH A O   1 
HETATM 1589 O O   . HOH D 3 .   ? 4.807   8.751   -7.317  1.00 51.79 ? 279 HOH A O   1 
HETATM 1590 O O   . HOH D 3 .   ? 13.611  -2.942  -2.543  1.00 48.27 ? 280 HOH A O   1 
HETATM 1591 O O   . HOH D 3 .   ? -15.317 5.881   -0.701  1.00 65.72 ? 281 HOH A O   1 
HETATM 1592 O O   . HOH D 3 .   ? 20.633  -13.962 1.126   1.00 50.31 ? 282 HOH A O   1 
HETATM 1593 O O   . HOH D 3 .   ? 3.532   15.404  0.566   1.00 65.47 ? 283 HOH A O   1 
HETATM 1594 O O   . HOH D 3 .   ? -13.115 4.016   12.441  1.00 44.49 ? 284 HOH A O   1 
HETATM 1595 O O   . HOH D 3 .   ? -2.221  8.263   15.486  1.00 60.13 ? 285 HOH A O   1 
HETATM 1596 O O   . HOH D 3 .   ? 11.231  1.305   12.054  1.00 62.74 ? 286 HOH A O   1 
HETATM 1597 O O   . HOH D 3 .   ? 16.264  -5.823  -6.124  1.00 52.10 ? 287 HOH A O   1 
HETATM 1598 O O   . HOH D 3 .   ? 4.937   -11.876 -13.237 1.00 57.09 ? 288 HOH A O   1 
HETATM 1599 O O   . HOH D 3 .   ? 11.959  5.792   12.342  1.00 64.89 ? 289 HOH A O   1 
HETATM 1600 O O   . HOH D 3 .   ? 4.307   5.456   10.998  1.00 58.86 ? 290 HOH A O   1 
HETATM 1601 O O   . HOH D 3 .   ? -5.382  19.451  -3.063  1.00 62.94 ? 291 HOH A O   1 
HETATM 1602 O O   . HOH D 3 .   ? 14.588  -14.437 -3.217  1.00 51.11 ? 292 HOH A O   1 
HETATM 1603 O O   . HOH D 3 .   ? -7.381  9.074   -8.830  1.00 60.66 ? 293 HOH A O   1 
HETATM 1604 O O   . HOH D 3 .   ? -13.663 -3.863  -4.908  1.00 57.17 ? 294 HOH A O   1 
HETATM 1605 O O   . HOH D 3 .   ? -14.369 13.152  2.987   1.00 51.04 ? 295 HOH A O   1 
HETATM 1606 O O   . HOH D 3 .   ? -14.205 2.067   2.424   1.00 50.98 ? 296 HOH A O   1 
HETATM 1607 O O   . HOH D 3 .   ? -6.118  8.263   19.717  1.00 62.08 ? 297 HOH A O   1 
HETATM 1608 O O   . HOH D 3 .   ? -16.125 3.260   4.159   1.00 58.38 ? 298 HOH A O   1 
HETATM 1609 O O   . HOH D 3 .   ? -15.191 2.485   0.026   1.00 52.21 ? 299 HOH A O   1 
HETATM 1610 O O   . HOH D 3 .   ? -3.860  7.416   -11.303 1.00 66.33 ? 300 HOH A O   1 
HETATM 1611 O O   . HOH D 3 .   ? -11.831 -0.180  14.245  1.00 56.71 ? 301 HOH A O   1 
HETATM 1612 O O   . HOH D 3 .   ? -8.474  -5.827  -7.701  1.00 58.39 ? 302 HOH A O   1 
HETATM 1613 O O   . HOH D 3 .   ? 18.441  -12.491 -5.530  1.00 58.26 ? 303 HOH A O   1 
HETATM 1614 O O   . HOH D 3 .   ? 5.334   -7.329  14.064  1.00 60.77 ? 304 HOH A O   1 
HETATM 1615 O O   . HOH D 3 .   ? -15.138 -5.552  -3.649  1.00 63.68 ? 305 HOH A O   1 
HETATM 1616 O O   . HOH D 3 .   ? 9.655   1.887   0.695   1.00 64.74 ? 306 HOH A O   1 
HETATM 1617 O O   . HOH D 3 .   ? 6.774   9.946   17.592  1.00 76.67 ? 307 HOH A O   1 
HETATM 1618 O O   . HOH D 3 .   ? -14.342 0.445   10.647  1.00 62.79 ? 308 HOH A O   1 
HETATM 1619 O O   . HOH D 3 .   ? 8.892   -6.825  15.563  1.00 59.14 ? 309 HOH A O   1 
HETATM 1620 O O   . HOH D 3 .   ? 12.532  -5.592  -18.609 1.00 73.96 ? 310 HOH A O   1 
HETATM 1621 O O   . HOH D 3 .   ? 8.998   -4.444  14.290  1.00 61.50 ? 311 HOH A O   1 
HETATM 1622 O O   . HOH D 3 .   ? -1.371  -1.214  -10.797 1.00 65.51 ? 312 HOH A O   1 
HETATM 1623 O O   . HOH D 3 .   ? -3.386  -14.076 -1.616  1.00 57.92 ? 313 HOH A O   1 
HETATM 1624 O O   . HOH D 3 .   ? 0.264   9.783   11.756  1.00 62.36 ? 314 HOH A O   1 
HETATM 1625 O O   . HOH D 3 .   ? -2.295  -12.369 -9.466  1.00 62.39 ? 315 HOH A O   1 
HETATM 1626 O O   . HOH D 3 .   ? 11.687  -1.360  2.102   1.00 64.04 ? 316 HOH A O   1 
HETATM 1627 O O   . HOH D 3 .   ? 0.582   -17.286 -2.061  1.00 69.32 ? 317 HOH A O   1 
HETATM 1628 O O   . HOH D 3 .   ? 3.046   0.624   -14.894 1.00 63.50 ? 318 HOH A O   1 
HETATM 1629 O O   . HOH D 3 .   ? 6.134   0.952   -21.938 1.00 68.41 ? 319 HOH A O   1 
HETATM 1630 O O   . HOH D 3 .   ? -17.034 5.533   1.946   1.00 62.08 ? 320 HOH A O   1 
HETATM 1631 O O   . HOH D 3 .   ? -3.971  2.080   -11.737 1.00 65.83 ? 321 HOH A O   1 
HETATM 1632 O O   . HOH D 3 .   ? -13.059 -14.914 6.628   1.00 76.53 ? 322 HOH A O   1 
HETATM 1633 O O   . HOH D 3 .   ? 2.342   -15.048 12.139  1.00 65.26 ? 323 HOH A O   1 
HETATM 1634 O O   . HOH D 3 .   ? 17.116  -16.139 -3.905  1.00 68.73 ? 324 HOH A O   1 
HETATM 1635 O O   . HOH D 3 .   ? -16.779 1.195   -1.584  1.00 62.64 ? 325 HOH A O   1 
HETATM 1636 O O   . HOH D 3 .   ? 15.187  -5.641  -18.148 1.00 73.34 ? 326 HOH A O   1 
HETATM 1637 O O   . HOH D 3 .   ? -8.841  -13.625 -2.518  1.00 74.71 ? 327 HOH A O   1 
HETATM 1638 O O   . HOH D 3 .   ? -11.676 12.553  13.435  1.00 69.63 ? 328 HOH A O   1 
HETATM 1639 O O   . HOH D 3 .   ? -1.620  17.928  13.503  1.00 72.48 ? 329 HOH A O   1 
HETATM 1640 O O   . HOH D 3 .   ? 0.115   -16.191 12.492  1.00 68.90 ? 330 HOH A O   1 
HETATM 1641 O O   . HOH D 3 .   ? -7.384  -8.384  -7.582  1.00 72.18 ? 331 HOH A O   1 
HETATM 1642 O O   . HOH D 3 .   ? -12.320 8.975   14.617  1.00 78.78 ? 332 HOH A O   1 
HETATM 1643 O O   . HOH D 3 .   ? 5.829   -9.993  13.629  1.00 70.07 ? 333 HOH A O   1 
HETATM 1644 O O   . HOH D 3 .   ? 11.647  3.604   1.124   1.00 63.46 ? 334 HOH A O   1 
HETATM 1645 O O   . HOH D 3 .   ? -18.790 1.630   4.813   1.00 60.07 ? 335 HOH A O   1 
HETATM 1646 O O   . HOH D 3 .   ? 1.381   -19.363 5.893   1.00 64.70 ? 336 HOH A O   1 
HETATM 1647 O O   . HOH D 3 .   ? -4.501  -9.295  -9.353  1.00 70.68 ? 337 HOH A O   1 
HETATM 1648 O O   . HOH D 3 .   ? 8.337   -2.380  1.215   1.00 43.01 ? 338 HOH A O   1 
HETATM 1649 O O   . HOH D 3 .   ? 7.987   -3.782  -1.132  1.00 50.43 ? 339 HOH A O   1 
HETATM 1650 O O   . HOH D 3 .   ? -2.539  -4.975  -9.693  1.00 53.00 ? 340 HOH A O   1 
HETATM 1651 O O   . HOH D 3 .   ? -16.046 -10.106 5.293   1.00 48.88 ? 341 HOH A O   1 
HETATM 1652 O O   . HOH D 3 .   ? -17.919 9.691   4.452   1.00 55.29 ? 342 HOH A O   1 
HETATM 1653 O O   . HOH D 3 .   ? -0.960  4.759   -6.391  1.00 45.86 ? 343 HOH A O   1 
HETATM 1654 O O   . HOH D 3 .   ? 12.992  -14.078 -7.011  1.00 50.29 ? 344 HOH A O   1 
HETATM 1655 O O   . HOH D 3 .   ? 14.710  -12.737 -5.480  1.00 46.32 ? 345 HOH A O   1 
HETATM 1656 O O   . HOH D 3 .   ? 6.337   -15.125 6.876   1.00 43.45 ? 346 HOH A O   1 
HETATM 1657 O O   . HOH D 3 .   ? 5.794   -16.940 9.010   1.00 46.68 ? 347 HOH A O   1 
HETATM 1658 O O   . HOH D 3 .   ? 3.069   -17.128 9.076   1.00 53.52 ? 348 HOH A O   1 
HETATM 1659 O O   . HOH D 3 .   ? 6.631   -16.217 11.596  1.00 51.43 ? 349 HOH A O   1 
HETATM 1660 O O   . HOH D 3 .   ? 14.300  -14.660 -9.628  1.00 49.84 ? 350 HOH A O   1 
HETATM 1661 O O   . HOH D 3 .   ? -11.666 -16.506 2.953   1.00 53.65 ? 351 HOH A O   1 
HETATM 1662 O O   . HOH D 3 .   ? 18.166  -9.201  6.376   1.00 65.50 ? 352 HOH A O   1 
# 
